data_5V4Y
# 
_entry.id   5V4Y 
# 
_audit_conform.dict_name       mmcif_pdbx.dic 
_audit_conform.dict_version    5.379 
_audit_conform.dict_location   http://mmcif.pdb.org/dictionaries/ascii/mmcif_pdbx.dic 
# 
loop_
_database_2.database_id 
_database_2.database_code 
_database_2.pdbx_database_accession 
_database_2.pdbx_DOI 
PDB   5V4Y         pdb_00005v4y 10.2210/pdb5v4y/pdb 
WWPDB D_1000226883 ?            ?                   
# 
_pdbx_database_status.status_code                     REL 
_pdbx_database_status.status_code_sf                  REL 
_pdbx_database_status.status_code_mr                  ? 
_pdbx_database_status.entry_id                        5V4Y 
_pdbx_database_status.recvd_initial_deposition_date   2017-03-11 
_pdbx_database_status.SG_entry                        N 
_pdbx_database_status.deposit_site                    RCSB 
_pdbx_database_status.process_site                    RCSB 
_pdbx_database_status.status_code_cs                  ? 
_pdbx_database_status.methods_development_category    ? 
_pdbx_database_status.pdb_format_compatible           Y 
_pdbx_database_status.status_code_nmr_data            ? 
# 
loop_
_audit_author.name 
_audit_author.pdbx_ordinal 
_audit_author.identifier_ORCID 
'Yedidi, R.S.'    1 ? 
'Delino, N.S.'    2 ? 
'Das, D.'         3 ? 
'Kaufman, J.D.'   4 ? 
'Wingfield, P.T.' 5 ? 
'Ghosh, A.K.'     6 ? 
'Mitsuya, H.'     7 ? 
# 
_citation.abstract                  ? 
_citation.abstract_id_CAS           ? 
_citation.book_id_ISBN              ? 
_citation.book_publisher            ? 
_citation.book_publisher_city       ? 
_citation.book_title                ? 
_citation.coordinate_linkage        ? 
_citation.country                   UK 
_citation.database_id_Medline       ? 
_citation.details                   ? 
_citation.id                        primary 
_citation.journal_abbrev            'Sci Rep' 
_citation.journal_id_ASTM           ? 
_citation.journal_id_CSD            ? 
_citation.journal_id_ISSN           2045-2322 
_citation.journal_full              ? 
_citation.journal_issue             ? 
_citation.journal_volume            7 
_citation.language                  ? 
_citation.page_first                12235 
_citation.page_last                 12235 
_citation.title                     
;GRL-09510, a Unique P2-Crown-Tetrahydrofuranylurethane -Containing HIV-1 Protease Inhibitor, Maintains Its Favorable Antiviral Activity against Highly-Drug-Resistant HIV-1 Variants in vitro.
;
_citation.year                      2017 
_citation.database_id_CSD           ? 
_citation.pdbx_database_id_DOI      10.1038/s41598-017-12052-9 
_citation.pdbx_database_id_PubMed   28947797 
_citation.unpublished_flag          ? 
# 
loop_
_citation_author.citation_id 
_citation_author.name 
_citation_author.ordinal 
_citation_author.identifier_ORCID 
primary 'Amano, M.'                1 ? 
primary 'Miguel Salcedo-Gomez, P.' 2 ? 
primary 'Yedidi, R.S.'             3 ? 
primary 'Delino, N.S.'             4 ? 
primary 'Nakata, H.'               5 ? 
primary 'Venkateswara Rao, K.'     6 ? 
primary 'Ghosh, A.K.'              7 ? 
primary 'Mitsuya, H.'              8 ? 
# 
_cell.angle_alpha                  90.00 
_cell.angle_alpha_esd              ? 
_cell.angle_beta                   90.00 
_cell.angle_beta_esd               ? 
_cell.angle_gamma                  120.00 
_cell.angle_gamma_esd              ? 
_cell.entry_id                     5V4Y 
_cell.details                      ? 
_cell.formula_units_Z              ? 
_cell.length_a                     62.473 
_cell.length_a_esd                 ? 
_cell.length_b                     62.473 
_cell.length_b_esd                 ? 
_cell.length_c                     82.929 
_cell.length_c_esd                 ? 
_cell.volume                       ? 
_cell.volume_esd                   ? 
_cell.Z_PDB                        12 
_cell.reciprocal_angle_alpha       ? 
_cell.reciprocal_angle_beta        ? 
_cell.reciprocal_angle_gamma       ? 
_cell.reciprocal_angle_alpha_esd   ? 
_cell.reciprocal_angle_beta_esd    ? 
_cell.reciprocal_angle_gamma_esd   ? 
_cell.reciprocal_length_a          ? 
_cell.reciprocal_length_b          ? 
_cell.reciprocal_length_c          ? 
_cell.reciprocal_length_a_esd      ? 
_cell.reciprocal_length_b_esd      ? 
_cell.reciprocal_length_c_esd      ? 
_cell.pdbx_unique_axis             ? 
# 
_symmetry.entry_id                         5V4Y 
_symmetry.cell_setting                     ? 
_symmetry.Int_Tables_number                178 
_symmetry.space_group_name_Hall            ? 
_symmetry.space_group_name_H-M             'P 61 2 2' 
_symmetry.pdbx_full_space_group_name_H-M   ? 
# 
loop_
_entity.id 
_entity.type 
_entity.src_method 
_entity.pdbx_description 
_entity.formula_weight 
_entity.pdbx_number_of_molecules 
_entity.pdbx_ec 
_entity.pdbx_mutation 
_entity.pdbx_fragment 
_entity.details 
1 polymer     man Protease 10725.599 1  ? 'C67A, C95A' ? ? 
2 non-polymer syn 
;(3S,3aR,5R,7aS,8S)-hexahydro-4H-3,5-methanofuro[2,3-b]pyran-8-yl [(2S,3R)-3-hydroxy-4-{[(4-methoxyphenyl)sulfonyl](2-methylpropyl)amino}-1-phenylbutan-2-yl]carbamate
;
588.712   1  ? ?            ? ? 
3 water       nat water 18.015    73 ? ?            ? ? 
# 
_entity_poly.entity_id                      1 
_entity_poly.type                           'polypeptide(L)' 
_entity_poly.nstd_linkage                   no 
_entity_poly.nstd_monomer                   no 
_entity_poly.pdbx_seq_one_letter_code       
;PQVTLWQRPLVTIKIGGQLKEALLDTGADDTVLEEMSLPGRWKPKMIGGIGGFIKVRQYDQILIEIAGHKAIGTVLVGPT
PVNIIGRNLLTQIGATLNF
;
_entity_poly.pdbx_seq_one_letter_code_can   
;PQVTLWQRPLVTIKIGGQLKEALLDTGADDTVLEEMSLPGRWKPKMIGGIGGFIKVRQYDQILIEIAGHKAIGTVLVGPT
PVNIIGRNLLTQIGATLNF
;
_entity_poly.pdbx_strand_id                 A 
_entity_poly.pdbx_target_identifier         ? 
# 
loop_
_entity_poly_seq.entity_id 
_entity_poly_seq.num 
_entity_poly_seq.mon_id 
_entity_poly_seq.hetero 
1 1  PRO n 
1 2  GLN n 
1 3  VAL n 
1 4  THR n 
1 5  LEU n 
1 6  TRP n 
1 7  GLN n 
1 8  ARG n 
1 9  PRO n 
1 10 LEU n 
1 11 VAL n 
1 12 THR n 
1 13 ILE n 
1 14 LYS n 
1 15 ILE n 
1 16 GLY n 
1 17 GLY n 
1 18 GLN n 
1 19 LEU n 
1 20 LYS n 
1 21 GLU n 
1 22 ALA n 
1 23 LEU n 
1 24 LEU n 
1 25 ASP n 
1 26 THR n 
1 27 GLY n 
1 28 ALA n 
1 29 ASP n 
1 30 ASP n 
1 31 THR n 
1 32 VAL n 
1 33 LEU n 
1 34 GLU n 
1 35 GLU n 
1 36 MET n 
1 37 SER n 
1 38 LEU n 
1 39 PRO n 
1 40 GLY n 
1 41 ARG n 
1 42 TRP n 
1 43 LYS n 
1 44 PRO n 
1 45 LYS n 
1 46 MET n 
1 47 ILE n 
1 48 GLY n 
1 49 GLY n 
1 50 ILE n 
1 51 GLY n 
1 52 GLY n 
1 53 PHE n 
1 54 ILE n 
1 55 LYS n 
1 56 VAL n 
1 57 ARG n 
1 58 GLN n 
1 59 TYR n 
1 60 ASP n 
1 61 GLN n 
1 62 ILE n 
1 63 LEU n 
1 64 ILE n 
1 65 GLU n 
1 66 ILE n 
1 67 ALA n 
1 68 GLY n 
1 69 HIS n 
1 70 LYS n 
1 71 ALA n 
1 72 ILE n 
1 73 GLY n 
1 74 THR n 
1 75 VAL n 
1 76 LEU n 
1 77 VAL n 
1 78 GLY n 
1 79 PRO n 
1 80 THR n 
1 81 PRO n 
1 82 VAL n 
1 83 ASN n 
1 84 ILE n 
1 85 ILE n 
1 86 GLY n 
1 87 ARG n 
1 88 ASN n 
1 89 LEU n 
1 90 LEU n 
1 91 THR n 
1 92 GLN n 
1 93 ILE n 
1 94 GLY n 
1 95 ALA n 
1 96 THR n 
1 97 LEU n 
1 98 ASN n 
1 99 PHE n 
# 
_entity_src_gen.entity_id                          1 
_entity_src_gen.pdbx_src_id                        1 
_entity_src_gen.pdbx_alt_source_flag               sample 
_entity_src_gen.pdbx_seq_type                      'Biological sequence' 
_entity_src_gen.pdbx_beg_seq_num                   1 
_entity_src_gen.pdbx_end_seq_num                   99 
_entity_src_gen.gene_src_common_name               ? 
_entity_src_gen.gene_src_genus                     ? 
_entity_src_gen.pdbx_gene_src_gene                 ? 
_entity_src_gen.gene_src_species                   ? 
_entity_src_gen.gene_src_strain                    ? 
_entity_src_gen.gene_src_tissue                    ? 
_entity_src_gen.gene_src_tissue_fraction           ? 
_entity_src_gen.gene_src_details                   ? 
_entity_src_gen.pdbx_gene_src_fragment             ? 
_entity_src_gen.pdbx_gene_src_scientific_name      'Human immunodeficiency virus 1' 
_entity_src_gen.pdbx_gene_src_ncbi_taxonomy_id     11676 
_entity_src_gen.pdbx_gene_src_variant              ? 
_entity_src_gen.pdbx_gene_src_cell_line            ? 
_entity_src_gen.pdbx_gene_src_atcc                 ? 
_entity_src_gen.pdbx_gene_src_organ                ? 
_entity_src_gen.pdbx_gene_src_organelle            ? 
_entity_src_gen.pdbx_gene_src_cell                 ? 
_entity_src_gen.pdbx_gene_src_cellular_location    ? 
_entity_src_gen.host_org_common_name               ? 
_entity_src_gen.pdbx_host_org_scientific_name      'Escherichia coli' 
_entity_src_gen.pdbx_host_org_ncbi_taxonomy_id     562 
_entity_src_gen.host_org_genus                     ? 
_entity_src_gen.pdbx_host_org_gene                 ? 
_entity_src_gen.pdbx_host_org_organ                ? 
_entity_src_gen.host_org_species                   ? 
_entity_src_gen.pdbx_host_org_tissue               ? 
_entity_src_gen.pdbx_host_org_tissue_fraction      ? 
_entity_src_gen.pdbx_host_org_strain               BL21 
_entity_src_gen.pdbx_host_org_variant              ? 
_entity_src_gen.pdbx_host_org_cell_line            ? 
_entity_src_gen.pdbx_host_org_atcc                 ? 
_entity_src_gen.pdbx_host_org_culture_collection   ? 
_entity_src_gen.pdbx_host_org_cell                 ? 
_entity_src_gen.pdbx_host_org_organelle            ? 
_entity_src_gen.pdbx_host_org_cellular_location    ? 
_entity_src_gen.pdbx_host_org_vector_type          ? 
_entity_src_gen.pdbx_host_org_vector               ? 
_entity_src_gen.host_org_details                   ? 
_entity_src_gen.expression_system_id               ? 
_entity_src_gen.plasmid_name                       ? 
_entity_src_gen.plasmid_details                    ? 
_entity_src_gen.pdbx_description                   ? 
# 
_struct_ref.id                         1 
_struct_ref.db_name                    UNP 
_struct_ref.db_code                    Q72874_9HIV1 
_struct_ref.pdbx_db_accession          Q72874 
_struct_ref.pdbx_db_isoform            ? 
_struct_ref.entity_id                  1 
_struct_ref.pdbx_seq_one_letter_code   
;PQVTLWQRPLVTIKIGGQLKEALLDTGADDTVLEEMSLPGRWKPKMIGGIGGFIKVRQYDQILIEICGHKAIGTVLVGPT
PVNIIGRNLLTQIGCTLNF
;
_struct_ref.pdbx_align_begin           1 
# 
_struct_ref_seq.align_id                      1 
_struct_ref_seq.ref_id                        1 
_struct_ref_seq.pdbx_PDB_id_code              5V4Y 
_struct_ref_seq.pdbx_strand_id                A 
_struct_ref_seq.seq_align_beg                 1 
_struct_ref_seq.pdbx_seq_align_beg_ins_code   ? 
_struct_ref_seq.seq_align_end                 99 
_struct_ref_seq.pdbx_seq_align_end_ins_code   ? 
_struct_ref_seq.pdbx_db_accession             Q72874 
_struct_ref_seq.db_align_beg                  1 
_struct_ref_seq.pdbx_db_align_beg_ins_code    ? 
_struct_ref_seq.db_align_end                  99 
_struct_ref_seq.pdbx_db_align_end_ins_code    ? 
_struct_ref_seq.pdbx_auth_seq_align_beg       1 
_struct_ref_seq.pdbx_auth_seq_align_end       99 
# 
loop_
_struct_ref_seq_dif.align_id 
_struct_ref_seq_dif.pdbx_pdb_id_code 
_struct_ref_seq_dif.mon_id 
_struct_ref_seq_dif.pdbx_pdb_strand_id 
_struct_ref_seq_dif.seq_num 
_struct_ref_seq_dif.pdbx_pdb_ins_code 
_struct_ref_seq_dif.pdbx_seq_db_name 
_struct_ref_seq_dif.pdbx_seq_db_accession_code 
_struct_ref_seq_dif.db_mon_id 
_struct_ref_seq_dif.pdbx_seq_db_seq_num 
_struct_ref_seq_dif.details 
_struct_ref_seq_dif.pdbx_auth_seq_num 
_struct_ref_seq_dif.pdbx_ordinal 
1 5V4Y ALA A 67 ? UNP Q72874 CYS 67 'engineered mutation' 67 1 
1 5V4Y ALA A 95 ? UNP Q72874 CYS 95 'engineered mutation' 95 2 
# 
loop_
_chem_comp.id 
_chem_comp.type 
_chem_comp.mon_nstd_flag 
_chem_comp.name 
_chem_comp.pdbx_synonyms 
_chem_comp.formula 
_chem_comp.formula_weight 
8FM non-polymer         . 
;(3S,3aR,5R,7aS,8S)-hexahydro-4H-3,5-methanofuro[2,3-b]pyran-8-yl [(2S,3R)-3-hydroxy-4-{[(4-methoxyphenyl)sulfonyl](2-methylpropyl)amino}-1-phenylbutan-2-yl]carbamate
;
? 'C30 H40 N2 O8 S' 588.712 
ALA 'L-peptide linking' y ALANINE ? 'C3 H7 N O2'      89.093  
ARG 'L-peptide linking' y ARGININE ? 'C6 H15 N4 O2 1'  175.209 
ASN 'L-peptide linking' y ASPARAGINE ? 'C4 H8 N2 O3'     132.118 
ASP 'L-peptide linking' y 'ASPARTIC ACID' ? 'C4 H7 N O4'      133.103 
CYS 'L-peptide linking' y CYSTEINE ? 'C3 H7 N O2 S'    121.158 
GLN 'L-peptide linking' y GLUTAMINE ? 'C5 H10 N2 O3'    146.144 
GLU 'L-peptide linking' y 'GLUTAMIC ACID' ? 'C5 H9 N O4'      147.129 
GLY 'peptide linking'   y GLYCINE ? 'C2 H5 N O2'      75.067  
HIS 'L-peptide linking' y HISTIDINE ? 'C6 H10 N3 O2 1'  156.162 
HOH non-polymer         . WATER ? 'H2 O'            18.015  
ILE 'L-peptide linking' y ISOLEUCINE ? 'C6 H13 N O2'     131.173 
LEU 'L-peptide linking' y LEUCINE ? 'C6 H13 N O2'     131.173 
LYS 'L-peptide linking' y LYSINE ? 'C6 H15 N2 O2 1'  147.195 
MET 'L-peptide linking' y METHIONINE ? 'C5 H11 N O2 S'   149.211 
PHE 'L-peptide linking' y PHENYLALANINE ? 'C9 H11 N O2'     165.189 
PRO 'L-peptide linking' y PROLINE ? 'C5 H9 N O2'      115.130 
SER 'L-peptide linking' y SERINE ? 'C3 H7 N O3'      105.093 
THR 'L-peptide linking' y THREONINE ? 'C4 H9 N O3'      119.119 
TRP 'L-peptide linking' y TRYPTOPHAN ? 'C11 H12 N2 O2'   204.225 
TYR 'L-peptide linking' y TYROSINE ? 'C9 H11 N O3'     181.189 
VAL 'L-peptide linking' y VALINE ? 'C5 H11 N O2'     117.146 
# 
_exptl.absorpt_coefficient_mu     ? 
_exptl.absorpt_correction_T_max   ? 
_exptl.absorpt_correction_T_min   ? 
_exptl.absorpt_correction_type    ? 
_exptl.absorpt_process_details    ? 
_exptl.entry_id                   5V4Y 
_exptl.crystals_number            1 
_exptl.details                    ? 
_exptl.method                     'X-RAY DIFFRACTION' 
_exptl.method_details             ? 
# 
_exptl_crystal.colour                      ? 
_exptl_crystal.density_diffrn              ? 
_exptl_crystal.density_Matthews            2.18 
_exptl_crystal.density_method              ? 
_exptl_crystal.density_percent_sol         43.52 
_exptl_crystal.description                 'Clusters of rod shaped crystals' 
_exptl_crystal.F_000                       ? 
_exptl_crystal.id                          1 
_exptl_crystal.preparation                 ? 
_exptl_crystal.size_max                    ? 
_exptl_crystal.size_mid                    ? 
_exptl_crystal.size_min                    ? 
_exptl_crystal.size_rad                    ? 
_exptl_crystal.colour_lustre               ? 
_exptl_crystal.colour_modifier             ? 
_exptl_crystal.colour_primary              ? 
_exptl_crystal.density_meas                ? 
_exptl_crystal.density_meas_esd            ? 
_exptl_crystal.density_meas_gt             ? 
_exptl_crystal.density_meas_lt             ? 
_exptl_crystal.density_meas_temp           ? 
_exptl_crystal.density_meas_temp_esd       ? 
_exptl_crystal.density_meas_temp_gt        ? 
_exptl_crystal.density_meas_temp_lt        ? 
_exptl_crystal.pdbx_crystal_image_url      ? 
_exptl_crystal.pdbx_crystal_image_format   ? 
_exptl_crystal.pdbx_mosaicity              ? 
_exptl_crystal.pdbx_mosaicity_esd          ? 
# 
_exptl_crystal_grow.apparatus       ? 
_exptl_crystal_grow.atmosphere      ? 
_exptl_crystal_grow.crystal_id      1 
_exptl_crystal_grow.details         ? 
_exptl_crystal_grow.method          'VAPOR DIFFUSION, HANGING DROP' 
_exptl_crystal_grow.method_ref      ? 
_exptl_crystal_grow.pH              6.9 
_exptl_crystal_grow.pressure        ? 
_exptl_crystal_grow.pressure_esd    ? 
_exptl_crystal_grow.seeding         ? 
_exptl_crystal_grow.seeding_ref     ? 
_exptl_crystal_grow.temp            295 
_exptl_crystal_grow.temp_details    ? 
_exptl_crystal_grow.temp_esd        ? 
_exptl_crystal_grow.time            ? 
_exptl_crystal_grow.pdbx_details    '0.8M sodium/potassium phosphate buffer (pH6.9)' 
_exptl_crystal_grow.pdbx_pH_range   ? 
# 
_diffrn.ambient_environment    ? 
_diffrn.ambient_temp           95 
_diffrn.ambient_temp_details   ? 
_diffrn.ambient_temp_esd       ? 
_diffrn.crystal_id             1 
_diffrn.crystal_support        ? 
_diffrn.crystal_treatment      ? 
_diffrn.details                ? 
_diffrn.id                     1 
_diffrn.ambient_pressure       ? 
_diffrn.ambient_pressure_esd   ? 
_diffrn.ambient_pressure_gt    ? 
_diffrn.ambient_pressure_lt    ? 
_diffrn.ambient_temp_gt        ? 
_diffrn.ambient_temp_lt        ? 
# 
_diffrn_detector.details                      ? 
_diffrn_detector.detector                     CCD 
_diffrn_detector.diffrn_id                    1 
_diffrn_detector.type                         'RAYONIX MX300-HS' 
_diffrn_detector.area_resol_mean              ? 
_diffrn_detector.dtime                        ? 
_diffrn_detector.pdbx_frames_total            ? 
_diffrn_detector.pdbx_collection_time_total   ? 
_diffrn_detector.pdbx_collection_date         2014-12-12 
# 
_diffrn_radiation.collimation                      ? 
_diffrn_radiation.diffrn_id                        1 
_diffrn_radiation.filter_edge                      ? 
_diffrn_radiation.inhomogeneity                    ? 
_diffrn_radiation.monochromator                    ? 
_diffrn_radiation.polarisn_norm                    ? 
_diffrn_radiation.polarisn_ratio                   ? 
_diffrn_radiation.probe                            ? 
_diffrn_radiation.type                             ? 
_diffrn_radiation.xray_symbol                      ? 
_diffrn_radiation.wavelength_id                    1 
_diffrn_radiation.pdbx_monochromatic_or_laue_m_l   M 
_diffrn_radiation.pdbx_wavelength_list             ? 
_diffrn_radiation.pdbx_wavelength                  ? 
_diffrn_radiation.pdbx_diffrn_protocol             'SINGLE WAVELENGTH' 
_diffrn_radiation.pdbx_analyzer                    ? 
_diffrn_radiation.pdbx_scattering_type             x-ray 
# 
_diffrn_radiation_wavelength.id           1 
_diffrn_radiation_wavelength.wavelength   1 
_diffrn_radiation_wavelength.wt           1.0 
# 
_diffrn_source.current                     ? 
_diffrn_source.details                     ? 
_diffrn_source.diffrn_id                   1 
_diffrn_source.power                       ? 
_diffrn_source.size                        ? 
_diffrn_source.source                      SYNCHROTRON 
_diffrn_source.target                      ? 
_diffrn_source.type                        'APS BEAMLINE 22-ID' 
_diffrn_source.voltage                     ? 
_diffrn_source.take-off_angle              ? 
_diffrn_source.pdbx_wavelength_list        1 
_diffrn_source.pdbx_wavelength             ? 
_diffrn_source.pdbx_synchrotron_beamline   22-ID 
_diffrn_source.pdbx_synchrotron_site       APS 
# 
_reflns.B_iso_Wilson_estimate            ? 
_reflns.entry_id                         5V4Y 
_reflns.data_reduction_details           ? 
_reflns.data_reduction_method            ? 
_reflns.d_resolution_high                1.8 
_reflns.d_resolution_low                 50 
_reflns.details                          ? 
_reflns.limit_h_max                      ? 
_reflns.limit_h_min                      ? 
_reflns.limit_k_max                      ? 
_reflns.limit_k_min                      ? 
_reflns.limit_l_max                      ? 
_reflns.limit_l_min                      ? 
_reflns.number_all                       ? 
_reflns.number_obs                       9082 
_reflns.observed_criterion               ? 
_reflns.observed_criterion_F_max         ? 
_reflns.observed_criterion_F_min         ? 
_reflns.observed_criterion_I_max         ? 
_reflns.observed_criterion_I_min         ? 
_reflns.observed_criterion_sigma_F       ? 
_reflns.observed_criterion_sigma_I       ? 
_reflns.percent_possible_obs             96.8 
_reflns.R_free_details                   ? 
_reflns.Rmerge_F_all                     ? 
_reflns.Rmerge_F_obs                     ? 
_reflns.Friedel_coverage                 ? 
_reflns.number_gt                        ? 
_reflns.threshold_expression             ? 
_reflns.pdbx_redundancy                  2.9 
_reflns.pdbx_Rmerge_I_obs                0.08 
_reflns.pdbx_Rmerge_I_all                ? 
_reflns.pdbx_Rsym_value                  ? 
_reflns.pdbx_netI_over_av_sigmaI         ? 
_reflns.pdbx_netI_over_sigmaI            26.41 
_reflns.pdbx_res_netI_over_av_sigmaI_2   ? 
_reflns.pdbx_res_netI_over_sigmaI_2      ? 
_reflns.pdbx_chi_squared                 ? 
_reflns.pdbx_scaling_rejects             ? 
_reflns.pdbx_d_res_high_opt              ? 
_reflns.pdbx_d_res_low_opt               ? 
_reflns.pdbx_d_res_opt_method            ? 
_reflns.phase_calculation_details        ? 
_reflns.pdbx_Rrim_I_all                  ? 
_reflns.pdbx_Rpim_I_all                  ? 
_reflns.pdbx_d_opt                       ? 
_reflns.pdbx_number_measured_all         ? 
_reflns.pdbx_diffrn_id                   1 
_reflns.pdbx_ordinal                     1 
_reflns.pdbx_CC_half                     ? 
_reflns.pdbx_R_split                     ? 
# 
_reflns_shell.d_res_high                  1.8 
_reflns_shell.d_res_low                   1.83 
_reflns_shell.meanI_over_sigI_all         ? 
_reflns_shell.meanI_over_sigI_obs         2.1 
_reflns_shell.number_measured_all         ? 
_reflns_shell.number_measured_obs         ? 
_reflns_shell.number_possible             ? 
_reflns_shell.number_unique_all           ? 
_reflns_shell.number_unique_obs           ? 
_reflns_shell.percent_possible_all        98.5 
_reflns_shell.percent_possible_obs        ? 
_reflns_shell.Rmerge_F_all                ? 
_reflns_shell.Rmerge_F_obs                ? 
_reflns_shell.Rmerge_I_all                ? 
_reflns_shell.Rmerge_I_obs                0.45 
_reflns_shell.meanI_over_sigI_gt          ? 
_reflns_shell.meanI_over_uI_all           ? 
_reflns_shell.meanI_over_uI_gt            ? 
_reflns_shell.number_measured_gt          ? 
_reflns_shell.number_unique_gt            ? 
_reflns_shell.percent_possible_gt         ? 
_reflns_shell.Rmerge_F_gt                 ? 
_reflns_shell.Rmerge_I_gt                 ? 
_reflns_shell.pdbx_redundancy             2.9 
_reflns_shell.pdbx_Rsym_value             ? 
_reflns_shell.pdbx_chi_squared            ? 
_reflns_shell.pdbx_netI_over_sigmaI_all   ? 
_reflns_shell.pdbx_netI_over_sigmaI_obs   ? 
_reflns_shell.pdbx_Rrim_I_all             ? 
_reflns_shell.pdbx_Rpim_I_all             ? 
_reflns_shell.pdbx_rejects                ? 
_reflns_shell.pdbx_ordinal                1 
_reflns_shell.pdbx_diffrn_id              1 
_reflns_shell.pdbx_CC_half                ? 
_reflns_shell.pdbx_R_split                ? 
# 
_refine.aniso_B[1][1]                            ? 
_refine.aniso_B[1][2]                            ? 
_refine.aniso_B[1][3]                            ? 
_refine.aniso_B[2][2]                            ? 
_refine.aniso_B[2][3]                            ? 
_refine.aniso_B[3][3]                            ? 
_refine.B_iso_max                                ? 
_refine.B_iso_mean                               ? 
_refine.B_iso_min                                ? 
_refine.correlation_coeff_Fo_to_Fc               ? 
_refine.correlation_coeff_Fo_to_Fc_free          ? 
_refine.details                                  ? 
_refine.diff_density_max                         ? 
_refine.diff_density_max_esd                     ? 
_refine.diff_density_min                         ? 
_refine.diff_density_min_esd                     ? 
_refine.diff_density_rms                         ? 
_refine.diff_density_rms_esd                     ? 
_refine.entry_id                                 5V4Y 
_refine.pdbx_refine_id                           'X-RAY DIFFRACTION' 
_refine.ls_abs_structure_details                 ? 
_refine.ls_abs_structure_Flack                   ? 
_refine.ls_abs_structure_Flack_esd               ? 
_refine.ls_abs_structure_Rogers                  ? 
_refine.ls_abs_structure_Rogers_esd              ? 
_refine.ls_d_res_high                            1.900 
_refine.ls_d_res_low                             29.232 
_refine.ls_extinction_coef                       ? 
_refine.ls_extinction_coef_esd                   ? 
_refine.ls_extinction_expression                 ? 
_refine.ls_extinction_method                     ? 
_refine.ls_goodness_of_fit_all                   ? 
_refine.ls_goodness_of_fit_all_esd               ? 
_refine.ls_goodness_of_fit_obs                   ? 
_refine.ls_goodness_of_fit_obs_esd               ? 
_refine.ls_hydrogen_treatment                    ? 
_refine.ls_matrix_type                           ? 
_refine.ls_number_constraints                    ? 
_refine.ls_number_parameters                     ? 
_refine.ls_number_reflns_all                     ? 
_refine.ls_number_reflns_obs                     7770 
_refine.ls_number_reflns_R_free                  778 
_refine.ls_number_reflns_R_work                  ? 
_refine.ls_number_restraints                     ? 
_refine.ls_percent_reflns_obs                    97.03 
_refine.ls_percent_reflns_R_free                 10.01 
_refine.ls_R_factor_all                          ? 
_refine.ls_R_factor_obs                          0.2105 
_refine.ls_R_factor_R_free                       0.2533 
_refine.ls_R_factor_R_free_error                 ? 
_refine.ls_R_factor_R_free_error_details         ? 
_refine.ls_R_factor_R_work                       0.2058 
_refine.ls_R_Fsqd_factor_obs                     ? 
_refine.ls_R_I_factor_obs                        ? 
_refine.ls_redundancy_reflns_all                 ? 
_refine.ls_redundancy_reflns_obs                 ? 
_refine.ls_restrained_S_all                      ? 
_refine.ls_restrained_S_obs                      ? 
_refine.ls_shift_over_esd_max                    ? 
_refine.ls_shift_over_esd_mean                   ? 
_refine.ls_structure_factor_coef                 ? 
_refine.ls_weighting_details                     ? 
_refine.ls_weighting_scheme                      ? 
_refine.ls_wR_factor_all                         ? 
_refine.ls_wR_factor_obs                         ? 
_refine.ls_wR_factor_R_free                      ? 
_refine.ls_wR_factor_R_work                      ? 
_refine.occupancy_max                            ? 
_refine.occupancy_min                            ? 
_refine.solvent_model_details                    ? 
_refine.solvent_model_param_bsol                 ? 
_refine.solvent_model_param_ksol                 ? 
_refine.ls_R_factor_gt                           ? 
_refine.ls_goodness_of_fit_gt                    ? 
_refine.ls_goodness_of_fit_ref                   ? 
_refine.ls_shift_over_su_max                     ? 
_refine.ls_shift_over_su_max_lt                  ? 
_refine.ls_shift_over_su_mean                    ? 
_refine.ls_shift_over_su_mean_lt                 ? 
_refine.pdbx_ls_sigma_I                          ? 
_refine.pdbx_ls_sigma_F                          0.68 
_refine.pdbx_ls_sigma_Fsqd                       ? 
_refine.pdbx_data_cutoff_high_absF               ? 
_refine.pdbx_data_cutoff_high_rms_absF           ? 
_refine.pdbx_data_cutoff_low_absF                ? 
_refine.pdbx_isotropic_thermal_model             ? 
_refine.pdbx_ls_cross_valid_method               'FREE R-VALUE' 
_refine.pdbx_method_to_determine_struct          'MOLECULAR REPLACEMENT' 
_refine.pdbx_starting_model                      4HLA 
_refine.pdbx_stereochemistry_target_values       ? 
_refine.pdbx_R_Free_selection_details            ? 
_refine.pdbx_stereochem_target_val_spec_case     ? 
_refine.pdbx_overall_ESU_R                       ? 
_refine.pdbx_overall_ESU_R_Free                  ? 
_refine.pdbx_solvent_vdw_probe_radii             1.11 
_refine.pdbx_solvent_ion_probe_radii             ? 
_refine.pdbx_solvent_shrinkage_radii             0.90 
_refine.pdbx_real_space_R                        ? 
_refine.pdbx_density_correlation                 ? 
_refine.pdbx_pd_number_of_powder_patterns        ? 
_refine.pdbx_pd_number_of_points                 ? 
_refine.pdbx_pd_meas_number_of_points            ? 
_refine.pdbx_pd_proc_ls_prof_R_factor            ? 
_refine.pdbx_pd_proc_ls_prof_wR_factor           ? 
_refine.pdbx_pd_Marquardt_correlation_coeff      ? 
_refine.pdbx_pd_Fsqrd_R_factor                   ? 
_refine.pdbx_pd_ls_matrix_band_width             ? 
_refine.pdbx_overall_phase_error                 25.19 
_refine.pdbx_overall_SU_R_free_Cruickshank_DPI   ? 
_refine.pdbx_overall_SU_R_free_Blow_DPI          ? 
_refine.pdbx_overall_SU_R_Blow_DPI               ? 
_refine.pdbx_TLS_residual_ADP_flag               ? 
_refine.pdbx_diffrn_id                           1 
_refine.overall_SU_B                             ? 
_refine.overall_SU_ML                            0.22 
_refine.overall_SU_R_Cruickshank_DPI             ? 
_refine.overall_SU_R_free                        ? 
_refine.overall_FOM_free_R_set                   ? 
_refine.overall_FOM_work_R_set                   ? 
_refine.pdbx_average_fsc_overall                 ? 
_refine.pdbx_average_fsc_work                    ? 
_refine.pdbx_average_fsc_free                    ? 
# 
_refine_hist.pdbx_refine_id                   'X-RAY DIFFRACTION' 
_refine_hist.cycle_id                         LAST 
_refine_hist.pdbx_number_atoms_protein        755 
_refine_hist.pdbx_number_atoms_nucleic_acid   0 
_refine_hist.pdbx_number_atoms_ligand         41 
_refine_hist.number_atoms_solvent             73 
_refine_hist.number_atoms_total               869 
_refine_hist.d_res_high                       1.900 
_refine_hist.d_res_low                        29.232 
# 
loop_
_refine_ls_restr.pdbx_refine_id 
_refine_ls_restr.criterion 
_refine_ls_restr.dev_ideal 
_refine_ls_restr.dev_ideal_target 
_refine_ls_restr.number 
_refine_ls_restr.rejects 
_refine_ls_restr.type 
_refine_ls_restr.weight 
_refine_ls_restr.pdbx_restraint_function 
'X-RAY DIFFRACTION' ? 0.009  ? 813  ? f_bond_d           ? ? 
'X-RAY DIFFRACTION' ? 1.114  ? 1107 ? f_angle_d          ? ? 
'X-RAY DIFFRACTION' ? 22.589 ? 297  ? f_dihedral_angle_d ? ? 
'X-RAY DIFFRACTION' ? 0.041  ? 132  ? f_chiral_restr     ? ? 
'X-RAY DIFFRACTION' ? 0.006  ? 134  ? f_plane_restr      ? ? 
# 
loop_
_refine_ls_shell.pdbx_refine_id 
_refine_ls_shell.d_res_high 
_refine_ls_shell.d_res_low 
_refine_ls_shell.number_reflns_all 
_refine_ls_shell.number_reflns_obs 
_refine_ls_shell.number_reflns_R_free 
_refine_ls_shell.number_reflns_R_work 
_refine_ls_shell.percent_reflns_obs 
_refine_ls_shell.percent_reflns_R_free 
_refine_ls_shell.R_factor_all 
_refine_ls_shell.R_factor_obs 
_refine_ls_shell.R_factor_R_free 
_refine_ls_shell.R_factor_R_free_error 
_refine_ls_shell.R_factor_R_work 
_refine_ls_shell.redundancy_reflns_all 
_refine_ls_shell.redundancy_reflns_obs 
_refine_ls_shell.wR_factor_all 
_refine_ls_shell.wR_factor_obs 
_refine_ls_shell.wR_factor_R_free 
_refine_ls_shell.wR_factor_R_work 
_refine_ls_shell.pdbx_total_number_of_bins_used 
_refine_ls_shell.pdbx_phase_error 
_refine_ls_shell.pdbx_fsc_work 
_refine_ls_shell.pdbx_fsc_free 
'X-RAY DIFFRACTION' 1.9000 2.0191 . . 127 1138 98.00 . . . 0.2940 . 0.2339 . . . . . . . . . . 
'X-RAY DIFFRACTION' 2.0191 2.1749 . . 126 1142 98.00 . . . 0.2710 . 0.2385 . . . . . . . . . . 
'X-RAY DIFFRACTION' 2.1749 2.3937 . . 129 1148 97.00 . . . 0.3335 . 0.2390 . . . . . . . . . . 
'X-RAY DIFFRACTION' 2.3937 2.7398 . . 127 1157 98.00 . . . 0.3119 . 0.2435 . . . . . . . . . . 
'X-RAY DIFFRACTION' 2.7398 3.4510 . . 131 1173 97.00 . . . 0.2985 . 0.2171 . . . . . . . . . . 
'X-RAY DIFFRACTION' 3.4510 .      . . 138 1234 95.00 . . . 0.1880 . 0.1724 . . . . . . . . . . 
# 
_struct.entry_id                     5V4Y 
_struct.title                        'X-ray crystal structure of wild type HIV-1 protease in complex with GRL-09510' 
_struct.pdbx_model_details           ? 
_struct.pdbx_formula_weight          ? 
_struct.pdbx_formula_weight_method   ? 
_struct.pdbx_model_type_details      ? 
_struct.pdbx_CASP_flag               N 
# 
_struct_keywords.entry_id        5V4Y 
_struct_keywords.text            
'GRL-09510, HIV-1 PROTEASE, PROTEASE-INHIBITOR, Pyran, Furan, NONPEPTIDIC, HYDROLASE-HYDROLASE INHIBITOR COMPLEX, CROWN-THF' 
_struct_keywords.pdbx_keywords   'HYDROLASE/HYDROLASE INHIBITOR' 
# 
loop_
_struct_asym.id 
_struct_asym.pdbx_blank_PDB_chainid_flag 
_struct_asym.pdbx_modified 
_struct_asym.entity_id 
_struct_asym.details 
A N N 1 ? 
B N N 2 ? 
C N N 3 ? 
# 
loop_
_struct_conf.conf_type_id 
_struct_conf.id 
_struct_conf.pdbx_PDB_helix_id 
_struct_conf.beg_label_comp_id 
_struct_conf.beg_label_asym_id 
_struct_conf.beg_label_seq_id 
_struct_conf.pdbx_beg_PDB_ins_code 
_struct_conf.end_label_comp_id 
_struct_conf.end_label_asym_id 
_struct_conf.end_label_seq_id 
_struct_conf.pdbx_end_PDB_ins_code 
_struct_conf.beg_auth_comp_id 
_struct_conf.beg_auth_asym_id 
_struct_conf.beg_auth_seq_id 
_struct_conf.end_auth_comp_id 
_struct_conf.end_auth_asym_id 
_struct_conf.end_auth_seq_id 
_struct_conf.pdbx_PDB_helix_class 
_struct_conf.details 
_struct_conf.pdbx_PDB_helix_length 
HELX_P HELX_P1 AA1 GLY A 86 ? THR A 91 ? GLY A 86 THR A 91 1 ? 6 
HELX_P HELX_P2 AA2 GLN A 92 ? GLY A 94 ? GLN A 92 GLY A 94 5 ? 3 
# 
_struct_conf_type.id          HELX_P 
_struct_conf_type.criteria    ? 
_struct_conf_type.reference   ? 
# 
_struct_sheet.id               AA1 
_struct_sheet.type             ? 
_struct_sheet.number_strands   8 
_struct_sheet.details          ? 
# 
loop_
_struct_sheet_order.sheet_id 
_struct_sheet_order.range_id_1 
_struct_sheet_order.range_id_2 
_struct_sheet_order.offset 
_struct_sheet_order.sense 
AA1 1 2 ? anti-parallel 
AA1 2 3 ? anti-parallel 
AA1 3 4 ? parallel      
AA1 4 5 ? anti-parallel 
AA1 5 6 ? parallel      
AA1 6 7 ? anti-parallel 
AA1 7 8 ? anti-parallel 
# 
loop_
_struct_sheet_range.sheet_id 
_struct_sheet_range.id 
_struct_sheet_range.beg_label_comp_id 
_struct_sheet_range.beg_label_asym_id 
_struct_sheet_range.beg_label_seq_id 
_struct_sheet_range.pdbx_beg_PDB_ins_code 
_struct_sheet_range.end_label_comp_id 
_struct_sheet_range.end_label_asym_id 
_struct_sheet_range.end_label_seq_id 
_struct_sheet_range.pdbx_end_PDB_ins_code 
_struct_sheet_range.beg_auth_comp_id 
_struct_sheet_range.beg_auth_asym_id 
_struct_sheet_range.beg_auth_seq_id 
_struct_sheet_range.end_auth_comp_id 
_struct_sheet_range.end_auth_asym_id 
_struct_sheet_range.end_auth_seq_id 
AA1 1 LYS A 43 ? GLY A 49 ? LYS A 43 GLY A 49 
AA1 2 GLY A 52 ? ILE A 66 ? GLY A 52 ILE A 66 
AA1 3 HIS A 69 ? VAL A 77 ? HIS A 69 VAL A 77 
AA1 4 VAL A 32 ? LEU A 33 ? VAL A 32 LEU A 33 
AA1 5 ILE A 84 ? ILE A 85 ? ILE A 84 ILE A 85 
AA1 6 GLN A 18 ? LEU A 24 ? GLN A 18 LEU A 24 
AA1 7 LEU A 10 ? ILE A 15 ? LEU A 10 ILE A 15 
AA1 8 GLY A 52 ? ILE A 66 ? GLY A 52 ILE A 66 
# 
loop_
_pdbx_struct_sheet_hbond.sheet_id 
_pdbx_struct_sheet_hbond.range_id_1 
_pdbx_struct_sheet_hbond.range_id_2 
_pdbx_struct_sheet_hbond.range_1_label_atom_id 
_pdbx_struct_sheet_hbond.range_1_label_comp_id 
_pdbx_struct_sheet_hbond.range_1_label_asym_id 
_pdbx_struct_sheet_hbond.range_1_label_seq_id 
_pdbx_struct_sheet_hbond.range_1_PDB_ins_code 
_pdbx_struct_sheet_hbond.range_1_auth_atom_id 
_pdbx_struct_sheet_hbond.range_1_auth_comp_id 
_pdbx_struct_sheet_hbond.range_1_auth_asym_id 
_pdbx_struct_sheet_hbond.range_1_auth_seq_id 
_pdbx_struct_sheet_hbond.range_2_label_atom_id 
_pdbx_struct_sheet_hbond.range_2_label_comp_id 
_pdbx_struct_sheet_hbond.range_2_label_asym_id 
_pdbx_struct_sheet_hbond.range_2_label_seq_id 
_pdbx_struct_sheet_hbond.range_2_PDB_ins_code 
_pdbx_struct_sheet_hbond.range_2_auth_atom_id 
_pdbx_struct_sheet_hbond.range_2_auth_comp_id 
_pdbx_struct_sheet_hbond.range_2_auth_asym_id 
_pdbx_struct_sheet_hbond.range_2_auth_seq_id 
AA1 1 2 N LYS A 45 ? N LYS A 45 O VAL A 56 ? O VAL A 56 
AA1 2 3 N ILE A 66 ? N ILE A 66 O HIS A 69 ? O HIS A 69 
AA1 3 4 O LEU A 76 ? O LEU A 76 N LEU A 33 ? N LEU A 33 
AA1 4 5 N VAL A 32 ? N VAL A 32 O ILE A 84 ? O ILE A 84 
AA1 5 6 O ILE A 85 ? O ILE A 85 N LEU A 23 ? N LEU A 23 
AA1 6 7 O LYS A 20 ? O LYS A 20 N ILE A 13 ? N ILE A 13 
AA1 7 8 N LYS A 14 ? N LYS A 14 O GLU A 65 ? O GLU A 65 
# 
_struct_site.id                   AC1 
_struct_site.pdbx_evidence_code   Software 
_struct_site.pdbx_auth_asym_id    A 
_struct_site.pdbx_auth_comp_id    8FM 
_struct_site.pdbx_auth_seq_id     500 
_struct_site.pdbx_auth_ins_code   ? 
_struct_site.pdbx_num_residues    23 
_struct_site.details              'binding site for residue 8FM A 500' 
# 
loop_
_struct_site_gen.id 
_struct_site_gen.site_id 
_struct_site_gen.pdbx_num_res 
_struct_site_gen.label_comp_id 
_struct_site_gen.label_asym_id 
_struct_site_gen.label_seq_id 
_struct_site_gen.pdbx_auth_ins_code 
_struct_site_gen.auth_comp_id 
_struct_site_gen.auth_asym_id 
_struct_site_gen.auth_seq_id 
_struct_site_gen.label_atom_id 
_struct_site_gen.label_alt_id 
_struct_site_gen.symmetry 
_struct_site_gen.details 
1  AC1 23 LEU A 23 ? LEU A 23  . ? 7_555 ? 
2  AC1 23 ASP A 25 ? ASP A 25  . ? 7_555 ? 
3  AC1 23 ASP A 25 ? ASP A 25  . ? 1_555 ? 
4  AC1 23 GLY A 27 ? GLY A 27  . ? 1_555 ? 
5  AC1 23 GLY A 27 ? GLY A 27  . ? 7_555 ? 
6  AC1 23 ALA A 28 ? ALA A 28  . ? 1_555 ? 
7  AC1 23 ASP A 29 ? ASP A 29  . ? 1_555 ? 
8  AC1 23 ASP A 29 ? ASP A 29  . ? 7_555 ? 
9  AC1 23 ASP A 30 ? ASP A 30  . ? 7_555 ? 
10 AC1 23 ASP A 30 ? ASP A 30  . ? 1_555 ? 
11 AC1 23 ILE A 47 ? ILE A 47  . ? 7_555 ? 
12 AC1 23 GLY A 48 ? GLY A 48  . ? 7_555 ? 
13 AC1 23 GLY A 48 ? GLY A 48  . ? 1_555 ? 
14 AC1 23 GLY A 49 ? GLY A 49  . ? 7_555 ? 
15 AC1 23 GLY A 49 ? GLY A 49  . ? 1_555 ? 
16 AC1 23 ILE A 50 ? ILE A 50  . ? 7_555 ? 
17 AC1 23 PRO A 81 ? PRO A 81  . ? 1_555 ? 
18 AC1 23 VAL A 82 ? VAL A 82  . ? 1_555 ? 
19 AC1 23 VAL A 82 ? VAL A 82  . ? 7_555 ? 
20 AC1 23 ILE A 84 ? ILE A 84  . ? 1_555 ? 
21 AC1 23 ILE A 84 ? ILE A 84  . ? 7_555 ? 
22 AC1 23 HOH C .  ? HOH A 606 . ? 7_555 ? 
23 AC1 23 HOH C .  ? HOH A 606 . ? 1_555 ? 
# 
_atom_sites.entry_id                    5V4Y 
_atom_sites.fract_transf_matrix[1][1]   0.00018037 
_atom_sites.fract_transf_matrix[1][2]   -0.00081763 
_atom_sites.fract_transf_matrix[1][3]   -0.01846449 
_atom_sites.fract_transf_matrix[2][1]   0.01088895 
_atom_sites.fract_transf_matrix[2][2]   0.01139896 
_atom_sites.fract_transf_matrix[2][3]   -0.00964965 
_atom_sites.fract_transf_matrix[3][1]   0.00890049 
_atom_sites.fract_transf_matrix[3][2]   -0.00812412 
_atom_sites.fract_transf_matrix[3][3]   0.00044669 
_atom_sites.fract_transf_vector[1]      -0.312709 
_atom_sites.fract_transf_vector[2]      -0.431918 
_atom_sites.fract_transf_vector[3]      0.060941 
# 
loop_
_atom_type.symbol 
C 
N 
O 
S 
# 
loop_
_atom_site.group_PDB 
_atom_site.id 
_atom_site.type_symbol 
_atom_site.label_atom_id 
_atom_site.label_alt_id 
_atom_site.label_comp_id 
_atom_site.label_asym_id 
_atom_site.label_entity_id 
_atom_site.label_seq_id 
_atom_site.pdbx_PDB_ins_code 
_atom_site.Cartn_x 
_atom_site.Cartn_y 
_atom_site.Cartn_z 
_atom_site.occupancy 
_atom_site.B_iso_or_equiv 
_atom_site.pdbx_formal_charge 
_atom_site.auth_seq_id 
_atom_site.auth_comp_id 
_atom_site.auth_asym_id 
_atom_site.auth_atom_id 
_atom_site.pdbx_PDB_model_num 
ATOM   1   N N   . PRO A 1 1  ? -3.201  -10.550 13.985  1.00 42.64 ? 1   PRO A N   1 
ATOM   2   C CA  . PRO A 1 1  ? -2.229  -11.648 13.995  1.00 38.56 ? 1   PRO A CA  1 
ATOM   3   C C   . PRO A 1 1  ? -0.802  -11.149 14.160  1.00 37.43 ? 1   PRO A C   1 
ATOM   4   O O   . PRO A 1 1  ? -0.519  -10.006 13.831  1.00 33.68 ? 1   PRO A O   1 
ATOM   5   C CB  . PRO A 1 1  ? -2.419  -12.300 12.621  1.00 41.59 ? 1   PRO A CB  1 
ATOM   6   C CG  . PRO A 1 1  ? -2.960  -11.221 11.765  1.00 42.52 ? 1   PRO A CG  1 
ATOM   7   C CD  . PRO A 1 1  ? -3.815  -10.362 12.658  1.00 41.17 ? 1   PRO A CD  1 
ATOM   8   N N   . GLN A 1 2  ? 0.076   -11.994 14.685  1.00 32.41 ? 2   GLN A N   1 
ATOM   9   C CA  . GLN A 1 2  ? 1.494   -11.686 14.749  1.00 32.89 ? 2   GLN A CA  1 
ATOM   10  C C   . GLN A 1 2  ? 2.210   -12.465 13.673  1.00 35.11 ? 2   GLN A C   1 
ATOM   11  O O   . GLN A 1 2  ? 1.893   -13.622 13.426  1.00 36.17 ? 2   GLN A O   1 
ATOM   12  C CB  . GLN A 1 2  ? 2.085   -12.029 16.106  1.00 33.62 ? 2   GLN A CB  1 
ATOM   13  C CG  . GLN A 1 2  ? 3.580   -11.796 16.173  1.00 36.13 ? 2   GLN A CG  1 
ATOM   14  C CD  . GLN A 1 2  ? 4.156   -12.144 17.523  1.00 43.25 ? 2   GLN A CD  1 
ATOM   15  O OE1 . GLN A 1 2  ? 4.544   -11.262 18.294  1.00 42.22 ? 2   GLN A OE1 1 
ATOM   16  N NE2 . GLN A 1 2  ? 4.218   -13.435 17.820  1.00 40.19 ? 2   GLN A NE2 1 
ATOM   17  N N   . VAL A 1 3  ? 3.186   -11.838 13.034  1.00 31.93 ? 3   VAL A N   1 
ATOM   18  C CA  . VAL A 1 3  ? 3.894   -12.523 11.977  1.00 34.97 ? 3   VAL A CA  1 
ATOM   19  C C   . VAL A 1 3  ? 5.408   -12.381 12.155  1.00 32.55 ? 3   VAL A C   1 
ATOM   20  O O   . VAL A 1 3  ? 5.933   -11.316 12.481  1.00 27.41 ? 3   VAL A O   1 
ATOM   21  C CB  . VAL A 1 3  ? 3.391   -12.016 10.603  1.00 36.03 ? 3   VAL A CB  1 
ATOM   22  C CG1 . VAL A 1 3  ? 4.497   -11.518 9.734   1.00 28.28 ? 3   VAL A CG1 1 
ATOM   23  C CG2 . VAL A 1 3  ? 2.600   -13.122 9.914   1.00 38.28 ? 3   VAL A CG2 1 
ATOM   24  N N   . THR A 1 4  ? 6.107   -13.496 12.005  1.00 30.99 ? 4   THR A N   1 
ATOM   25  C CA  . THR A 1 4  ? 7.551   -13.478 12.059  1.00 29.90 ? 4   THR A CA  1 
ATOM   26  C C   . THR A 1 4  ? 8.015   -13.161 10.643  1.00 25.23 ? 4   THR A C   1 
ATOM   27  O O   . THR A 1 4  ? 7.193   -13.092 9.725   1.00 29.23 ? 4   THR A O   1 
ATOM   28  C CB  . THR A 1 4  ? 8.120   -14.811 12.571  1.00 35.79 ? 4   THR A CB  1 
ATOM   29  O OG1 . THR A 1 4  ? 7.634   -15.876 11.755  1.00 33.72 ? 4   THR A OG1 1 
ATOM   30  C CG2 . THR A 1 4  ? 7.658   -15.056 13.995  1.00 35.27 ? 4   THR A CG2 1 
ATOM   31  N N   . LEU A 1 5  ? 9.311   -12.976 10.451  1.00 25.14 ? 5   LEU A N   1 
ATOM   32  C CA  . LEU A 1 5  ? 9.794   -12.392 9.204   1.00 22.70 ? 5   LEU A CA  1 
ATOM   33  C C   . LEU A 1 5  ? 10.711  -13.318 8.403   1.00 23.89 ? 5   LEU A C   1 
ATOM   34  O O   . LEU A 1 5  ? 11.512  -12.871 7.579   1.00 20.51 ? 5   LEU A O   1 
ATOM   35  C CB  . LEU A 1 5  ? 10.498  -11.066 9.519   1.00 20.65 ? 5   LEU A CB  1 
ATOM   36  C CG  . LEU A 1 5  ? 9.547   -9.996  10.047  1.00 19.89 ? 5   LEU A CG  1 
ATOM   37  C CD1 . LEU A 1 5  ? 10.320  -8.797  10.583  1.00 21.50 ? 5   LEU A CD1 1 
ATOM   38  C CD2 . LEU A 1 5  ? 8.580   -9.566  8.954   1.00 21.55 ? 5   LEU A CD2 1 
ATOM   39  N N   . TRP A 1 6  ? 10.572  -14.621 8.636   1.00 22.70 ? 6   TRP A N   1 
ATOM   40  C CA  . TRP A 1 6  ? 11.304  -15.624 7.874   1.00 26.47 ? 6   TRP A CA  1 
ATOM   41  C C   . TRP A 1 6  ? 10.822  -15.692 6.428   1.00 25.20 ? 6   TRP A C   1 
ATOM   42  O O   . TRP A 1 6  ? 11.528  -16.193 5.556   1.00 27.11 ? 6   TRP A O   1 
ATOM   43  C CB  . TRP A 1 6  ? 11.167  -16.987 8.542   1.00 26.28 ? 6   TRP A CB  1 
ATOM   44  C CG  . TRP A 1 6  ? 11.656  -16.933 9.940   1.00 25.51 ? 6   TRP A CG  1 
ATOM   45  C CD1 . TRP A 1 6  ? 10.918  -16.697 11.062  1.00 29.29 ? 6   TRP A CD1 1 
ATOM   46  C CD2 . TRP A 1 6  ? 13.006  -17.061 10.365  1.00 27.61 ? 6   TRP A CD2 1 
ATOM   47  N NE1 . TRP A 1 6  ? 11.731  -16.695 12.173  1.00 31.46 ? 6   TRP A NE1 1 
ATOM   48  C CE2 . TRP A 1 6  ? 13.019  -16.918 11.769  1.00 28.97 ? 6   TRP A CE2 1 
ATOM   49  C CE3 . TRP A 1 6  ? 14.209  -17.306 9.696   1.00 28.20 ? 6   TRP A CE3 1 
ATOM   50  C CZ2 . TRP A 1 6  ? 14.188  -17.009 12.515  1.00 33.54 ? 6   TRP A CZ2 1 
ATOM   51  C CZ3 . TRP A 1 6  ? 15.367  -17.390 10.438  1.00 31.04 ? 6   TRP A CZ3 1 
ATOM   52  C CH2 . TRP A 1 6  ? 15.348  -17.241 11.831  1.00 26.81 ? 6   TRP A CH2 1 
ATOM   53  N N   . GLN A 1 7  ? 9.611   -15.204 6.191   1.00 21.70 ? 7   GLN A N   1 
ATOM   54  C CA  . GLN A 1 7  ? 9.110   -15.021 4.837   1.00 21.30 ? 7   GLN A CA  1 
ATOM   55  C C   . GLN A 1 7  ? 8.647   -13.581 4.663   1.00 20.92 ? 7   GLN A C   1 
ATOM   56  O O   . GLN A 1 7  ? 8.490   -12.874 5.648   1.00 21.31 ? 7   GLN A O   1 
ATOM   57  C CB  . GLN A 1 7  ? 7.953   -15.975 4.554   1.00 22.69 ? 7   GLN A CB  1 
ATOM   58  C CG  . GLN A 1 7  ? 8.365   -17.436 4.489   1.00 30.29 ? 7   GLN A CG  1 
ATOM   59  C CD  . GLN A 1 7  ? 7.168   -18.360 4.364   1.00 39.31 ? 7   GLN A CD  1 
ATOM   60  O OE1 . GLN A 1 7  ? 6.152   -18.163 5.036   1.00 37.71 ? 7   GLN A OE1 1 
ATOM   61  N NE2 . GLN A 1 7  ? 7.268   -19.356 3.477   1.00 41.97 ? 7   GLN A NE2 1 
ATOM   62  N N   . ARG A 1 8  ? 8.416   -13.154 3.426   1.00 19.73 ? 8   ARG A N   1 
ATOM   63  C CA  . ARG A 1 8  ? 7.811   -11.832 3.188   1.00 22.37 ? 8   ARG A CA  1 
ATOM   64  C C   . ARG A 1 8  ? 6.435   -11.717 3.845   1.00 19.72 ? 8   ARG A C   1 
ATOM   65  O O   . ARG A 1 8  ? 5.613   -12.634 3.746   1.00 19.16 ? 8   ARG A O   1 
ATOM   66  C CB  . ARG A 1 8  ? 7.696   -11.543 1.687   1.00 21.75 ? 8   ARG A CB  1 
ATOM   67  C CG  . ARG A 1 8  ? 9.038   -11.371 0.978   1.00 28.06 ? 8   ARG A CG  1 
ATOM   68  C CD  . ARG A 1 8  ? 8.865   -11.076 -0.511  1.00 30.43 ? 8   ARG A CD  1 
ATOM   69  N NE  . ARG A 1 8  ? 10.035  -11.497 -1.278  1.00 39.70 ? 8   ARG A NE  1 
ATOM   70  C CZ  . ARG A 1 8  ? 10.550  -10.832 -2.308  1.00 41.04 ? 8   ARG A CZ  1 
ATOM   71  N NH1 . ARG A 1 8  ? 10.004  -9.683  -2.709  1.00 45.49 ? 8   ARG A NH1 1 
ATOM   72  N NH2 . ARG A 1 8  ? 11.619  -11.316 -2.935  1.00 33.13 ? 8   ARG A NH2 1 
ATOM   73  N N   . PRO A 1 9  ? 6.182   -10.594 4.550   1.00 17.35 ? 9   PRO A N   1 
ATOM   74  C CA  . PRO A 1 9  ? 4.894   -10.414 5.223   1.00 19.13 ? 9   PRO A CA  1 
ATOM   75  C C   . PRO A 1 9  ? 3.819   -9.980  4.247   1.00 20.63 ? 9   PRO A C   1 
ATOM   76  O O   . PRO A 1 9  ? 3.421   -8.820  4.255   1.00 16.62 ? 9   PRO A O   1 
ATOM   77  C CB  . PRO A 1 9  ? 5.177   -9.326  6.260   1.00 17.12 ? 9   PRO A CB  1 
ATOM   78  C CG  . PRO A 1 9  ? 6.294   -8.551  5.685   1.00 17.91 ? 9   PRO A CG  1 
ATOM   79  C CD  . PRO A 1 9  ? 7.151   -9.547  4.918   1.00 18.63 ? 9   PRO A CD  1 
ATOM   80  N N   . LEU A 1 10 ? 3.352   -10.918 3.424   1.00 19.05 ? 10  LEU A N   1 
ATOM   81  C CA  . LEU A 1 10 ? 2.330   -10.640 2.411   1.00 16.42 ? 10  LEU A CA  1 
ATOM   82  C C   . LEU A 1 10 ? 0.946   -10.809 2.992   1.00 17.50 ? 10  LEU A C   1 
ATOM   83  O O   . LEU A 1 10 ? 0.702   -11.739 3.743   1.00 22.54 ? 10  LEU A O   1 
ATOM   84  C CB  . LEU A 1 10 ? 2.514   -11.563 1.204   1.00 16.88 ? 10  LEU A CB  1 
ATOM   85  C CG  . LEU A 1 10 ? 3.830   -11.357 0.458   1.00 22.71 ? 10  LEU A CG  1 
ATOM   86  C CD1 . LEU A 1 10 ? 4.106   -12.551 -0.420  1.00 22.86 ? 10  LEU A CD1 1 
ATOM   87  C CD2 . LEU A 1 10 ? 3.785   -10.070 -0.362  1.00 23.72 ? 10  LEU A CD2 1 
ATOM   88  N N   . VAL A 1 11 ? 0.031   -9.907  2.651   1.00 18.47 ? 11  VAL A N   1 
ATOM   89  C CA  . VAL A 1 11 ? -1.349  -10.058 3.074   1.00 15.76 ? 11  VAL A CA  1 
ATOM   90  C C   . VAL A 1 11 ? -2.289  -9.836  1.905   1.00 18.55 ? 11  VAL A C   1 
ATOM   91  O O   . VAL A 1 11 ? -1.898  -9.323  0.854   1.00 19.31 ? 11  VAL A O   1 
ATOM   92  C CB  . VAL A 1 11 ? -1.735  -9.073  4.216   1.00 19.77 ? 11  VAL A CB  1 
ATOM   93  C CG1 . VAL A 1 11 ? -1.020  -9.438  5.510   1.00 22.13 ? 11  VAL A CG1 1 
ATOM   94  C CG2 . VAL A 1 11 ? -1.460  -7.624  3.794   1.00 17.85 ? 11  VAL A CG2 1 
ATOM   95  N N   . THR A 1 12 ? -3.538  -10.222 2.088   1.00 18.87 ? 12  THR A N   1 
ATOM   96  C CA  . THR A 1 12 ? -4.535  -9.981  1.056   1.00 19.23 ? 12  THR A CA  1 
ATOM   97  C C   . THR A 1 12 ? -5.135  -8.589  1.233   1.00 19.45 ? 12  THR A C   1 
ATOM   98  O O   . THR A 1 12 ? -5.427  -8.187  2.342   1.00 19.59 ? 12  THR A O   1 
ATOM   99  C CB  . THR A 1 12 ? -5.647  -11.029 1.103   1.00 21.51 ? 12  THR A CB  1 
ATOM   100 O OG1 . THR A 1 12 ? -5.085  -12.313 0.814   1.00 21.37 ? 12  THR A OG1 1 
ATOM   101 C CG2 . THR A 1 12 ? -6.684  -10.707 0.065   1.00 23.31 ? 12  THR A CG2 1 
ATOM   102 N N   . ILE A 1 13 ? -5.295  -7.846  0.145   1.00 17.67 ? 13  ILE A N   1 
ATOM   103 C CA  . ILE A 1 13 ? -5.990  -6.573  0.246   1.00 20.88 ? 13  ILE A CA  1 
ATOM   104 C C   . ILE A 1 13 ? -7.177  -6.556  -0.699  1.00 18.19 ? 13  ILE A C   1 
ATOM   105 O O   . ILE A 1 13 ? -7.217  -7.299  -1.677  1.00 20.46 ? 13  ILE A O   1 
ATOM   106 C CB  . ILE A 1 13 ? -5.059  -5.374  -0.056  1.00 20.07 ? 13  ILE A CB  1 
ATOM   107 C CG1 . ILE A 1 13 ? -4.690  -5.350  -1.542  1.00 19.10 ? 13  ILE A CG1 1 
ATOM   108 C CG2 . ILE A 1 13 ? -3.812  -5.458  0.837   1.00 20.01 ? 13  ILE A CG2 1 
ATOM   109 C CD1 . ILE A 1 13 ? -3.841  -4.181  -1.957  1.00 23.88 ? 13  ILE A CD1 1 
ATOM   110 N N   . LYS A 1 14 ? -8.168  -5.738  -0.381  1.00 20.24 ? 14  LYS A N   1 
ATOM   111 C CA  . LYS A 1 14 ? -9.266  -5.501  -1.309  1.00 18.65 ? 14  LYS A CA  1 
ATOM   112 C C   . LYS A 1 14 ? -9.422  -4.008  -1.496  1.00 22.88 ? 14  LYS A C   1 
ATOM   113 O O   . LYS A 1 14 ? -9.556  -3.254  -0.525  1.00 25.33 ? 14  LYS A O   1 
ATOM   114 C CB  . LYS A 1 14 ? -10.563 -6.120  -0.806  1.00 19.66 ? 14  LYS A CB  1 
ATOM   115 C CG  . LYS A 1 14 ? -11.767 -5.892  -1.728  1.00 22.15 ? 14  LYS A CG  1 
ATOM   116 C CD  . LYS A 1 14 ? -13.046 -6.459  -1.081  1.00 33.72 ? 14  LYS A CD  1 
ATOM   117 C CE  . LYS A 1 14 ? -14.254 -6.361  -2.012  1.00 36.17 ? 14  LYS A CE  1 
ATOM   118 N NZ  . LYS A 1 14 ? -15.498 -6.878  -1.366  1.00 35.37 ? 14  LYS A NZ  1 
ATOM   119 N N   . ILE A 1 15 ? -9.379  -3.585  -2.746  1.00 18.44 ? 15  ILE A N   1 
ATOM   120 C CA  . ILE A 1 15 ? -9.424  -2.179  -3.083  1.00 25.14 ? 15  ILE A CA  1 
ATOM   121 C C   . ILE A 1 15 ? -10.077 -2.030  -4.446  1.00 26.03 ? 15  ILE A C   1 
ATOM   122 O O   . ILE A 1 15 ? -9.752  -2.759  -5.386  1.00 28.42 ? 15  ILE A O   1 
ATOM   123 C CB  . ILE A 1 15 ? -8.015  -1.540  -3.084  1.00 26.53 ? 15  ILE A CB  1 
ATOM   124 C CG1 . ILE A 1 15 ? -8.092  -0.060  -3.459  1.00 30.22 ? 15  ILE A CG1 1 
ATOM   125 C CG2 . ILE A 1 15 ? -7.076  -2.271  -4.033  1.00 28.42 ? 15  ILE A CG2 1 
ATOM   126 C CD1 . ILE A 1 15 ? -6.749  0.636   -3.455  1.00 26.20 ? 15  ILE A CD1 1 
ATOM   127 N N   . GLY A 1 16 ? -11.039 -1.115  -4.536  1.00 29.16 ? 16  GLY A N   1 
ATOM   128 C CA  . GLY A 1 16 ? -11.743 -0.874  -5.785  1.00 31.74 ? 16  GLY A CA  1 
ATOM   129 C C   . GLY A 1 16 ? -12.443 -2.112  -6.316  1.00 27.85 ? 16  GLY A C   1 
ATOM   130 O O   . GLY A 1 16 ? -12.489 -2.338  -7.523  1.00 27.03 ? 16  GLY A O   1 
ATOM   131 N N   . GLY A 1 17 ? -12.985 -2.914  -5.406  1.00 25.09 ? 17  GLY A N   1 
ATOM   132 C CA  . GLY A 1 17 ? -13.652 -4.147  -5.761  1.00 26.21 ? 17  GLY A CA  1 
ATOM   133 C C   . GLY A 1 17 ? -12.766 -5.327  -6.134  1.00 29.77 ? 17  GLY A C   1 
ATOM   134 O O   . GLY A 1 17 ? -13.289 -6.392  -6.448  1.00 23.98 ? 17  GLY A O   1 
ATOM   135 N N   . GLN A 1 18 ? -11.442 -5.161  -6.097  1.00 23.52 ? 18  GLN A N   1 
ATOM   136 C CA  . GLN A 1 18 ? -10.522 -6.204  -6.582  1.00 20.66 ? 18  GLN A CA  1 
ATOM   137 C C   . GLN A 1 18 ? -9.634  -6.777  -5.485  1.00 19.12 ? 18  GLN A C   1 
ATOM   138 O O   . GLN A 1 18 ? -9.305  -6.086  -4.523  1.00 19.38 ? 18  GLN A O   1 
ATOM   139 C CB  . GLN A 1 18 ? -9.634  -5.655  -7.691  1.00 24.34 ? 18  GLN A CB  1 
ATOM   140 C CG  . GLN A 1 18 ? -10.386 -5.010  -8.828  1.00 26.94 ? 18  GLN A CG  1 
ATOM   141 C CD  . GLN A 1 18 ? -9.509  -4.048  -9.588  1.00 31.14 ? 18  GLN A CD  1 
ATOM   142 O OE1 . GLN A 1 18 ? -9.731  -2.830  -9.565  1.00 33.04 ? 18  GLN A OE1 1 
ATOM   143 N NE2 . GLN A 1 18 ? -8.489  -4.579  -10.252 1.00 30.73 ? 18  GLN A NE2 1 
ATOM   144 N N   . LEU A 1 19 ? -9.236  -8.040  -5.642  1.00 15.50 ? 19  LEU A N   1 
ATOM   145 C CA  . LEU A 1 19 ? -8.396  -8.674  -4.653  1.00 17.17 ? 19  LEU A CA  1 
ATOM   146 C C   . LEU A 1 19 ? -6.946  -8.740  -5.134  1.00 18.23 ? 19  LEU A C   1 
ATOM   147 O O   . LEU A 1 19 ? -6.669  -9.114  -6.271  1.00 18.67 ? 19  LEU A O   1 
ATOM   148 C CB  . LEU A 1 19 ? -8.923  -10.070 -4.324  1.00 18.73 ? 19  LEU A CB  1 
ATOM   149 C CG  . LEU A 1 19 ? -10.404 -10.143 -3.960  1.00 19.18 ? 19  LEU A CG  1 
ATOM   150 C CD1 . LEU A 1 19 ? -10.840 -11.608 -3.785  1.00 21.92 ? 19  LEU A CD1 1 
ATOM   151 C CD2 . LEU A 1 19 ? -10.678 -9.344  -2.698  1.00 18.59 ? 19  LEU A CD2 1 
ATOM   152 N N   . LYS A 1 20 ? -6.022  -8.372  -4.253  1.00 16.53 ? 20  LYS A N   1 
ATOM   153 C CA  . LYS A 1 20 ? -4.593  -8.371  -4.570  1.00 19.27 ? 20  LYS A CA  1 
ATOM   154 C C   . LYS A 1 20 ? -3.776  -8.793  -3.354  1.00 18.73 ? 20  LYS A C   1 
ATOM   155 O O   . LYS A 1 20 ? -4.286  -8.813  -2.240  1.00 21.62 ? 20  LYS A O   1 
ATOM   156 C CB  . LYS A 1 20 ? -4.152  -6.982  -5.033  1.00 24.21 ? 20  LYS A CB  1 
ATOM   157 C CG  . LYS A 1 20 ? -4.669  -6.592  -6.413  1.00 27.07 ? 20  LYS A CG  1 
ATOM   158 C CD  . LYS A 1 20 ? -4.629  -5.076  -6.610  1.00 32.14 ? 20  LYS A CD  1 
ATOM   159 C CE  . LYS A 1 20 ? -4.645  -4.730  -8.090  1.00 33.82 ? 20  LYS A CE  1 
ATOM   160 N NZ  . LYS A 1 20 ? -5.551  -5.624  -8.851  1.00 45.88 ? 20  LYS A NZ  1 
ATOM   161 N N   . GLU A 1 21 ? -2.515  -9.151  -3.576  1.00 19.31 ? 21  GLU A N   1 
ATOM   162 C CA  . GLU A 1 21 ? -1.600  -9.395  -2.460  1.00 19.65 ? 21  GLU A CA  1 
ATOM   163 C C   . GLU A 1 21 ? -0.633  -8.223  -2.315  1.00 18.91 ? 21  GLU A C   1 
ATOM   164 O O   . GLU A 1 21 ? -0.211  -7.633  -3.306  1.00 20.38 ? 21  GLU A O   1 
ATOM   165 C CB  . GLU A 1 21 ? -0.827  -10.700 -2.652  1.00 24.05 ? 21  GLU A CB  1 
ATOM   166 C CG  . GLU A 1 21 ? -1.532  -11.908 -2.043  1.00 34.51 ? 21  GLU A CG  1 
ATOM   167 C CD  . GLU A 1 21 ? -0.720  -13.190 -2.151  1.00 43.56 ? 21  GLU A CD  1 
ATOM   168 O OE1 . GLU A 1 21 ? -0.254  -13.687 -1.102  1.00 45.55 ? 21  GLU A OE1 1 
ATOM   169 O OE2 . GLU A 1 21 ? -0.560  -13.704 -3.280  1.00 47.39 ? 21  GLU A OE2 1 
ATOM   170 N N   . ALA A 1 22 ? -0.312  -7.863  -1.081  1.00 18.85 ? 22  ALA A N   1 
ATOM   171 C CA  . ALA A 1 22 ? 0.609   -6.758  -0.850  1.00 15.81 ? 22  ALA A CA  1 
ATOM   172 C C   . ALA A 1 22 ? 1.508   -7.037  0.343   1.00 17.28 ? 22  ALA A C   1 
ATOM   173 O O   . ALA A 1 22 ? 1.191   -7.843  1.218   1.00 17.45 ? 22  ALA A O   1 
ATOM   174 C CB  . ALA A 1 22 ? -0.144  -5.467  -0.643  1.00 18.64 ? 22  ALA A CB  1 
ATOM   175 N N   . LEU A 1 23 ? 2.627   -6.335  0.353   1.00 17.36 ? 23  LEU A N   1 
ATOM   176 C CA  . LEU A 1 23 ? 3.675   -6.481  1.333   1.00 18.41 ? 23  LEU A CA  1 
ATOM   177 C C   . LEU A 1 23 ? 3.473   -5.470  2.471   1.00 22.17 ? 23  LEU A C   1 
ATOM   178 O O   . LEU A 1 23 ? 3.394   -4.266  2.230   1.00 23.80 ? 23  LEU A O   1 
ATOM   179 C CB  . LEU A 1 23 ? 5.017   -6.281  0.620   1.00 19.44 ? 23  LEU A CB  1 
ATOM   180 C CG  . LEU A 1 23 ? 6.368   -6.605  1.245   1.00 23.15 ? 23  LEU A CG  1 
ATOM   181 C CD1 . LEU A 1 23 ? 6.507   -8.092  1.318   1.00 21.98 ? 23  LEU A CD1 1 
ATOM   182 C CD2 . LEU A 1 23 ? 7.481   -5.982  0.398   1.00 22.24 ? 23  LEU A CD2 1 
ATOM   183 N N   . LEU A 1 24 ? 3.351   -5.946  3.706   1.00 16.65 ? 24  LEU A N   1 
ATOM   184 C CA  . LEU A 1 24 ? 3.375   -5.030  4.853   1.00 17.86 ? 24  LEU A CA  1 
ATOM   185 C C   . LEU A 1 24 ? 4.786   -4.474  4.961   1.00 20.99 ? 24  LEU A C   1 
ATOM   186 O O   . LEU A 1 24 ? 5.736   -5.224  5.231   1.00 23.77 ? 24  LEU A O   1 
ATOM   187 C CB  . LEU A 1 24 ? 2.991   -5.731  6.147   1.00 19.65 ? 24  LEU A CB  1 
ATOM   188 C CG  . LEU A 1 24 ? 1.633   -6.416  6.141   1.00 22.63 ? 24  LEU A CG  1 
ATOM   189 C CD1 . LEU A 1 24 ? 1.407   -7.074  7.486   1.00 29.08 ? 24  LEU A CD1 1 
ATOM   190 C CD2 . LEU A 1 24 ? 0.561   -5.411  5.844   1.00 22.27 ? 24  LEU A CD2 1 
ATOM   191 N N   . ASP A 1 25 ? 4.931   -3.165  4.761   1.00 19.73 ? 25  ASP A N   1 
ATOM   192 C CA  . ASP A 1 25 ? 6.254   -2.591  4.562   1.00 17.04 ? 25  ASP A CA  1 
ATOM   193 C C   . ASP A 1 25 ? 6.542   -1.426  5.504   1.00 18.51 ? 25  ASP A C   1 
ATOM   194 O O   . ASP A 1 25 ? 6.174   -0.293  5.210   1.00 18.91 ? 25  ASP A O   1 
ATOM   195 C CB  . ASP A 1 25 ? 6.391   -2.130  3.115   1.00 19.12 ? 25  ASP A CB  1 
ATOM   196 C CG  . ASP A 1 25 ? 7.809   -1.779  2.745   1.00 18.60 ? 25  ASP A CG  1 
ATOM   197 O OD1 . ASP A 1 25 ? 8.676   -1.628  3.631   1.00 22.90 ? 25  ASP A OD1 1 
ATOM   198 O OD2 . ASP A 1 25 ? 8.078   -1.655  1.547   1.00 21.78 ? 25  ASP A OD2 1 
ATOM   199 N N   . THR A 1 26 ? 7.220   -1.704  6.616   1.00 15.34 ? 26  THR A N   1 
ATOM   200 C CA  . THR A 1 26 ? 7.543   -0.657  7.593   1.00 17.50 ? 26  THR A CA  1 
ATOM   201 C C   . THR A 1 26 ? 8.552   0.352   7.034   1.00 18.06 ? 26  THR A C   1 
ATOM   202 O O   . THR A 1 26 ? 8.698   1.448   7.569   1.00 17.24 ? 26  THR A O   1 
ATOM   203 C CB  . THR A 1 26 ? 8.109   -1.250  8.885   1.00 18.06 ? 26  THR A CB  1 
ATOM   204 O OG1 . THR A 1 26 ? 9.290   -1.998  8.577   1.00 15.83 ? 26  THR A OG1 1 
ATOM   205 C CG2 . THR A 1 26 ? 7.076   -2.179  9.549   1.00 18.42 ? 26  THR A CG2 1 
ATOM   206 N N   . GLY A 1 27 ? 9.227   -0.021  5.951   1.00 16.72 ? 27  GLY A N   1 
ATOM   207 C CA  . GLY A 1 27 ? 10.218  0.841   5.335   1.00 19.09 ? 27  GLY A CA  1 
ATOM   208 C C   . GLY A 1 27 ? 9.636   1.847   4.355   1.00 18.84 ? 27  GLY A C   1 
ATOM   209 O O   . GLY A 1 27 ? 10.360  2.660   3.811   1.00 19.89 ? 27  GLY A O   1 
ATOM   210 N N   . ALA A 1 28 ? 8.324   1.788   4.145   1.00 17.59 ? 28  ALA A N   1 
ATOM   211 C CA  . ALA A 1 28 ? 7.635   2.663   3.194   1.00 18.83 ? 28  ALA A CA  1 
ATOM   212 C C   . ALA A 1 28 ? 6.740   3.667   3.918   1.00 17.55 ? 28  ALA A C   1 
ATOM   213 O O   . ALA A 1 28 ? 5.873   3.262   4.706   1.00 18.18 ? 28  ALA A O   1 
ATOM   214 C CB  . ALA A 1 28 ? 6.795   1.819   2.225   1.00 16.62 ? 28  ALA A CB  1 
ATOM   215 N N   . ASP A 1 29 ? 6.927   4.964   3.649   1.00 18.40 ? 29  ASP A N   1 
ATOM   216 C CA  . ASP A 1 29 ? 6.078   5.990   4.260   1.00 20.77 ? 29  ASP A CA  1 
ATOM   217 C C   . ASP A 1 29 ? 4.653   5.886   3.723   1.00 20.26 ? 29  ASP A C   1 
ATOM   218 O O   . ASP A 1 29 ? 3.678   5.991   4.473   1.00 17.30 ? 29  ASP A O   1 
ATOM   219 C CB  . ASP A 1 29 ? 6.595   7.419   3.987   1.00 22.90 ? 29  ASP A CB  1 
ATOM   220 C CG  . ASP A 1 29 ? 8.016   7.650   4.480   1.00 24.46 ? 29  ASP A CG  1 
ATOM   221 O OD1 . ASP A 1 29 ? 8.475   6.922   5.385   1.00 22.54 ? 29  ASP A OD1 1 
ATOM   222 O OD2 . ASP A 1 29 ? 8.664   8.593   3.971   1.00 26.78 ? 29  ASP A OD2 1 
ATOM   223 N N   . ASP A 1 30 ? 4.555   5.722   2.407   1.00 21.10 ? 30  ASP A N   1 
ATOM   224 C CA  . ASP A 1 30 ? 3.272   5.708   1.704   1.00 22.44 ? 30  ASP A CA  1 
ATOM   225 C C   . ASP A 1 30 ? 2.958   4.338   1.095   1.00 22.92 ? 30  ASP A C   1 
ATOM   226 O O   . ASP A 1 30 ? 3.809   3.451   1.027   1.00 21.89 ? 30  ASP A O   1 
ATOM   227 C CB  . ASP A 1 30 ? 3.252   6.762   0.591   1.00 23.68 ? 30  ASP A CB  1 
ATOM   228 C CG  . ASP A 1 30 ? 3.543   8.160   1.103   1.00 29.51 ? 30  ASP A CG  1 
ATOM   229 O OD1 . ASP A 1 30 ? 3.225   8.449   2.276   1.00 27.62 ? 30  ASP A OD1 1 
ATOM   230 O OD2 . ASP A 1 30 ? 4.101   8.968   0.326   1.00 38.29 ? 30  ASP A OD2 1 
ATOM   231 N N   . THR A 1 31 ? 1.719   4.188   0.646   1.00 20.07 ? 31  THR A N   1 
ATOM   232 C CA  . THR A 1 31 ? 1.240   2.946   0.045   1.00 19.13 ? 31  THR A CA  1 
ATOM   233 C C   . THR A 1 31 ? 1.332   3.048   -1.482  1.00 21.05 ? 31  THR A C   1 
ATOM   234 O O   . THR A 1 31 ? 0.843   4.001   -2.077  1.00 24.07 ? 31  THR A O   1 
ATOM   235 C CB  . THR A 1 31 ? -0.202  2.656   0.532   1.00 20.65 ? 31  THR A CB  1 
ATOM   236 O OG1 . THR A 1 31 ? -0.157  2.332   1.930   1.00 20.38 ? 31  THR A OG1 1 
ATOM   237 C CG2 . THR A 1 31 ? -0.869  1.510   -0.247  1.00 19.37 ? 31  THR A CG2 1 
ATOM   238 N N   . VAL A 1 32 ? 2.010   2.093   -2.110  1.00 19.31 ? 32  VAL A N   1 
ATOM   239 C CA  . VAL A 1 32 ? 2.218   2.116   -3.553  1.00 21.80 ? 32  VAL A CA  1 
ATOM   240 C C   . VAL A 1 32 ? 1.764   0.818   -4.201  1.00 25.42 ? 32  VAL A C   1 
ATOM   241 O O   . VAL A 1 32 ? 2.315   -0.247  -3.919  1.00 20.20 ? 32  VAL A O   1 
ATOM   242 C CB  . VAL A 1 32 ? 3.696   2.349   -3.917  1.00 23.24 ? 32  VAL A CB  1 
ATOM   243 C CG1 . VAL A 1 32 ? 3.827   2.720   -5.404  1.00 23.92 ? 32  VAL A CG1 1 
ATOM   244 C CG2 . VAL A 1 32 ? 4.294   3.439   -3.047  1.00 22.89 ? 32  VAL A CG2 1 
ATOM   245 N N   . LEU A 1 33 ? 0.759   0.908   -5.072  1.00 23.04 ? 33  LEU A N   1 
ATOM   246 C CA  . LEU A 1 33 ? 0.246   -0.268  -5.759  1.00 24.61 ? 33  LEU A CA  1 
ATOM   247 C C   . LEU A 1 33 ? 0.604   -0.262  -7.239  1.00 28.81 ? 33  LEU A C   1 
ATOM   248 O O   . LEU A 1 33 ? 0.652   0.798   -7.862  1.00 25.96 ? 33  LEU A O   1 
ATOM   249 C CB  . LEU A 1 33 ? -1.276  -0.361  -5.612  1.00 23.40 ? 33  LEU A CB  1 
ATOM   250 C CG  . LEU A 1 33 ? -1.859  -0.349  -4.198  1.00 26.24 ? 33  LEU A CG  1 
ATOM   251 C CD1 . LEU A 1 33 ? -3.358  -0.569  -4.265  1.00 31.18 ? 33  LEU A CD1 1 
ATOM   252 C CD2 . LEU A 1 33 ? -1.193  -1.417  -3.352  1.00 22.86 ? 33  LEU A CD2 1 
ATOM   253 N N   . GLU A 1 34 ? 0.844   -1.455  -7.785  1.00 29.27 ? 34  GLU A N   1 
ATOM   254 C CA  . GLU A 1 34 ? 1.007   -1.656  -9.229  1.00 29.59 ? 34  GLU A CA  1 
ATOM   255 C C   . GLU A 1 34 ? -0.170  -1.055  -9.999  1.00 32.41 ? 34  GLU A C   1 
ATOM   256 O O   . GLU A 1 34 ? -1.235  -0.818  -9.426  1.00 30.40 ? 34  GLU A O   1 
ATOM   257 C CB  . GLU A 1 34 ? 1.106   -3.145  -9.572  1.00 33.14 ? 34  GLU A CB  1 
ATOM   258 C CG  . GLU A 1 34 ? 2.164   -3.944  -8.824  1.00 32.62 ? 34  GLU A CG  1 
ATOM   259 C CD  . GLU A 1 34 ? 1.963   -5.445  -8.999  1.00 38.81 ? 34  GLU A CD  1 
ATOM   260 O OE1 . GLU A 1 34 ? 0.802   -5.870  -9.215  1.00 44.92 ? 34  GLU A OE1 1 
ATOM   261 O OE2 . GLU A 1 34 ? 2.953   -6.201  -8.930  1.00 39.56 ? 34  GLU A OE2 1 
ATOM   262 N N   . GLU A 1 35 ? 0.021   -0.823  -11.296 1.00 34.65 ? 35  GLU A N   1 
ATOM   263 C CA  . GLU A 1 35 ? -1.054  -0.318  -12.150 1.00 35.41 ? 35  GLU A CA  1 
ATOM   264 C C   . GLU A 1 35 ? -2.366  -1.091  -11.992 1.00 32.44 ? 35  GLU A C   1 
ATOM   265 O O   . GLU A 1 35 ? -2.395  -2.311  -12.082 1.00 32.87 ? 35  GLU A O   1 
ATOM   266 C CB  . GLU A 1 35 ? -0.640  -0.355  -13.618 1.00 40.87 ? 35  GLU A CB  1 
ATOM   267 C CG  . GLU A 1 35 ? -0.390  1.012   -14.235 1.00 46.09 ? 35  GLU A CG  1 
ATOM   268 C CD  . GLU A 1 35 ? -1.552  1.977   -14.067 1.00 46.37 ? 35  GLU A CD  1 
ATOM   269 O OE1 . GLU A 1 35 ? -2.722  1.532   -14.015 1.00 45.19 ? 35  GLU A OE1 1 
ATOM   270 O OE2 . GLU A 1 35 ? -1.284  3.196   -13.978 1.00 52.87 ? 35  GLU A OE2 1 
ATOM   271 N N   . MET A 1 36 ? -3.446  -0.361  -11.756 1.00 34.43 ? 36  MET A N   1 
ATOM   272 C CA  . MET A 1 36 ? -4.758  -0.961  -11.611 1.00 34.53 ? 36  MET A CA  1 
ATOM   273 C C   . MET A 1 36 ? -5.789  0.127   -11.811 1.00 38.72 ? 36  MET A C   1 
ATOM   274 O O   . MET A 1 36 ? -5.467  1.310   -11.713 1.00 39.83 ? 36  MET A O   1 
ATOM   275 C CB  . MET A 1 36 ? -4.932  -1.596  -10.234 1.00 35.03 ? 36  MET A CB  1 
ATOM   276 C CG  . MET A 1 36 ? -4.784  -0.596  -9.112  1.00 36.47 ? 36  MET A CG  1 
ATOM   277 S SD  . MET A 1 36 ? -5.456  -1.164  -7.548  1.00 42.63 ? 36  MET A SD  1 
ATOM   278 C CE  . MET A 1 36 ? -7.127  -1.637  -8.037  1.00 34.55 ? 36  MET A CE  1 
ATOM   279 N N   . SER A 1 37 ? -7.029  -0.269  -12.079 1.00 41.05 ? 37  SER A N   1 
ATOM   280 C CA  . SER A 1 37 ? -8.081  0.706   -12.312 1.00 35.78 ? 37  SER A CA  1 
ATOM   281 C C   . SER A 1 37 ? -8.720  1.118   -11.002 1.00 35.90 ? 37  SER A C   1 
ATOM   282 O O   . SER A 1 37 ? -9.202  0.281   -10.241 1.00 32.34 ? 37  SER A O   1 
ATOM   283 C CB  . SER A 1 37 ? -9.148  0.153   -13.253 1.00 39.32 ? 37  SER A CB  1 
ATOM   284 O OG  . SER A 1 37 ? -9.885  -0.874  -12.621 1.00 46.00 ? 37  SER A OG  1 
ATOM   285 N N   . LEU A 1 38 ? -8.714  2.417   -10.748 1.00 36.71 ? 38  LEU A N   1 
ATOM   286 C CA  . LEU A 1 38 ? -9.425  2.971   -9.615  1.00 38.06 ? 38  LEU A CA  1 
ATOM   287 C C   . LEU A 1 38 ? -10.458 3.969   -10.095 1.00 41.64 ? 38  LEU A C   1 
ATOM   288 O O   . LEU A 1 38 ? -10.272 4.613   -11.124 1.00 44.27 ? 38  LEU A O   1 
ATOM   289 C CB  . LEU A 1 38 ? -8.456  3.634   -8.640  1.00 39.41 ? 38  LEU A CB  1 
ATOM   290 C CG  . LEU A 1 38 ? -7.672  2.654   -7.771  1.00 36.33 ? 38  LEU A CG  1 
ATOM   291 C CD1 . LEU A 1 38 ? -6.827  3.427   -6.759  1.00 39.61 ? 38  LEU A CD1 1 
ATOM   292 C CD2 . LEU A 1 38 ? -8.630  1.700   -7.080  1.00 35.77 ? 38  LEU A CD2 1 
ATOM   293 N N   . PRO A 1 39 ? -11.563 4.085   -9.359  1.00 42.57 ? 39  PRO A N   1 
ATOM   294 C CA  . PRO A 1 39 ? -12.534 5.137   -9.656  1.00 46.63 ? 39  PRO A CA  1 
ATOM   295 C C   . PRO A 1 39 ? -12.042 6.505   -9.178  1.00 46.04 ? 39  PRO A C   1 
ATOM   296 O O   . PRO A 1 39 ? -11.386 6.584   -8.137  1.00 47.92 ? 39  PRO A O   1 
ATOM   297 C CB  . PRO A 1 39 ? -13.769 4.696   -8.868  1.00 44.79 ? 39  PRO A CB  1 
ATOM   298 C CG  . PRO A 1 39 ? -13.211 3.928   -7.707  1.00 48.12 ? 39  PRO A CG  1 
ATOM   299 C CD  . PRO A 1 39 ? -12.007 3.207   -8.260  1.00 45.97 ? 39  PRO A CD  1 
ATOM   300 N N   . GLY A 1 40 ? -12.339 7.561   -9.931  1.00 47.44 ? 40  GLY A N   1 
ATOM   301 C CA  . GLY A 1 40 ? -12.177 8.911   -9.420  1.00 43.04 ? 40  GLY A CA  1 
ATOM   302 C C   . GLY A 1 40 ? -11.050 9.779   -9.958  1.00 50.53 ? 40  GLY A C   1 
ATOM   303 O O   . GLY A 1 40 ? -10.390 9.460   -10.952 1.00 46.94 ? 40  GLY A O   1 
ATOM   304 N N   . ARG A 1 41 ? -10.844 10.906  -9.282  1.00 50.21 ? 41  ARG A N   1 
ATOM   305 C CA  . ARG A 1 41 ? -9.833  11.881  -9.669  1.00 53.71 ? 41  ARG A CA  1 
ATOM   306 C C   . ARG A 1 41 ? -8.536  11.641  -8.904  1.00 49.43 ? 41  ARG A C   1 
ATOM   307 O O   . ARG A 1 41 ? -8.556  11.274  -7.730  1.00 49.41 ? 41  ARG A O   1 
ATOM   308 C CB  . ARG A 1 41 ? -10.355 13.301  -9.427  1.00 60.54 ? 41  ARG A CB  1 
ATOM   309 C CG  . ARG A 1 41 ? -9.329  14.327  -8.948  1.00 65.04 ? 41  ARG A CG  1 
ATOM   310 C CD  . ARG A 1 41 ? -9.780  15.755  -9.279  1.00 71.58 ? 41  ARG A CD  1 
ATOM   311 N NE  . ARG A 1 41 ? -10.227 15.882  -10.668 1.00 79.26 ? 41  ARG A NE  1 
ATOM   312 C CZ  . ARG A 1 41 ? -11.502 15.926  -11.057 1.00 79.28 ? 41  ARG A CZ  1 
ATOM   313 N NH1 . ARG A 1 41 ? -12.476 15.862  -10.158 1.00 75.57 ? 41  ARG A NH1 1 
ATOM   314 N NH2 . ARG A 1 41 ? -11.805 16.033  -12.345 1.00 79.82 ? 41  ARG A NH2 1 
ATOM   315 N N   . TRP A 1 42 ? -7.411  11.850  -9.573  1.00 49.90 ? 42  TRP A N   1 
ATOM   316 C CA  . TRP A 1 42 ? -6.113  11.643  -8.949  1.00 45.90 ? 42  TRP A CA  1 
ATOM   317 C C   . TRP A 1 42 ? -5.172  12.791  -9.250  1.00 49.86 ? 42  TRP A C   1 
ATOM   318 O O   . TRP A 1 42 ? -5.475  13.647  -10.082 1.00 53.50 ? 42  TRP A O   1 
ATOM   319 C CB  . TRP A 1 42 ? -5.502  10.334  -9.430  1.00 44.66 ? 42  TRP A CB  1 
ATOM   320 C CG  . TRP A 1 42 ? -5.447  10.259  -10.904 1.00 44.60 ? 42  TRP A CG  1 
ATOM   321 C CD1 . TRP A 1 42 ? -6.351  9.657   -11.729 1.00 47.34 ? 42  TRP A CD1 1 
ATOM   322 C CD2 . TRP A 1 42 ? -4.446  10.825  -11.750 1.00 47.67 ? 42  TRP A CD2 1 
ATOM   323 N NE1 . TRP A 1 42 ? -5.966  9.796   -13.035 1.00 44.10 ? 42  TRP A NE1 1 
ATOM   324 C CE2 . TRP A 1 42 ? -4.801  10.516  -13.079 1.00 46.99 ? 42  TRP A CE2 1 
ATOM   325 C CE3 . TRP A 1 42 ? -3.276  11.554  -11.515 1.00 45.07 ? 42  TRP A CE3 1 
ATOM   326 C CZ2 . TRP A 1 42 ? -4.030  10.913  -14.169 1.00 48.65 ? 42  TRP A CZ2 1 
ATOM   327 C CZ3 . TRP A 1 42 ? -2.517  11.951  -12.595 1.00 49.75 ? 42  TRP A CZ3 1 
ATOM   328 C CH2 . TRP A 1 42 ? -2.895  11.630  -13.909 1.00 51.77 ? 42  TRP A CH2 1 
ATOM   329 N N   . LYS A 1 43 ? -4.022  12.794  -8.580  1.00 49.06 ? 43  LYS A N   1 
ATOM   330 C CA  . LYS A 1 43 ? -3.033  13.858  -8.738  1.00 47.36 ? 43  LYS A CA  1 
ATOM   331 C C   . LYS A 1 43 ? -1.680  13.287  -9.129  1.00 46.26 ? 43  LYS A C   1 
ATOM   332 O O   . LYS A 1 43 ? -1.267  12.251  -8.608  1.00 43.02 ? 43  LYS A O   1 
ATOM   333 C CB  . LYS A 1 43 ? -2.919  14.677  -7.452  1.00 39.05 ? 43  LYS A CB  1 
ATOM   334 C CG  . LYS A 1 43 ? -4.127  15.571  -7.207  1.00 50.40 ? 43  LYS A CG  1 
ATOM   335 C CD  . LYS A 1 43 ? -3.954  16.477  -5.999  1.00 48.35 ? 43  LYS A CD  1 
ATOM   336 C CE  . LYS A 1 43 ? -5.068  17.525  -5.937  1.00 51.16 ? 43  LYS A CE  1 
ATOM   337 N NZ  . LYS A 1 43 ? -4.996  18.510  -7.074  1.00 51.47 ? 43  LYS A NZ  1 
ATOM   338 N N   . PRO A 1 44 ? -0.999  13.949  -10.077 1.00 50.05 ? 44  PRO A N   1 
ATOM   339 C CA  . PRO A 1 44 ? 0.321   13.505  -10.543 1.00 48.87 ? 44  PRO A CA  1 
ATOM   340 C C   . PRO A 1 44 ? 1.373   13.707  -9.462  1.00 44.51 ? 44  PRO A C   1 
ATOM   341 O O   . PRO A 1 44 ? 1.473   14.800  -8.911  1.00 47.94 ? 44  PRO A O   1 
ATOM   342 C CB  . PRO A 1 44 ? 0.595   14.407  -11.756 1.00 44.22 ? 44  PRO A CB  1 
ATOM   343 C CG  . PRO A 1 44 ? -0.739  14.995  -12.123 1.00 47.52 ? 44  PRO A CG  1 
ATOM   344 C CD  . PRO A 1 44 ? -1.474  15.122  -10.829 1.00 49.37 ? 44  PRO A CD  1 
ATOM   345 N N   . LYS A 1 45 ? 2.137   12.669  -9.149  1.00 44.40 ? 45  LYS A N   1 
ATOM   346 C CA  . LYS A 1 45 ? 3.147   12.782  -8.103  1.00 41.64 ? 45  LYS A CA  1 
ATOM   347 C C   . LYS A 1 45 ? 4.333   11.891  -8.430  1.00 40.29 ? 45  LYS A C   1 
ATOM   348 O O   . LYS A 1 45 ? 4.199   10.906  -9.159  1.00 40.62 ? 45  LYS A O   1 
ATOM   349 C CB  . LYS A 1 45 ? 2.548   12.413  -6.744  1.00 41.56 ? 45  LYS A CB  1 
ATOM   350 C CG  . LYS A 1 45 ? 3.446   12.658  -5.538  1.00 41.39 ? 45  LYS A CG  1 
ATOM   351 C CD  . LYS A 1 45 ? 2.783   12.156  -4.262  1.00 41.49 ? 45  LYS A CD  1 
ATOM   352 C CE  . LYS A 1 45 ? 3.753   12.077  -3.092  1.00 43.82 ? 45  LYS A CE  1 
ATOM   353 N NZ  . LYS A 1 45 ? 3.101   11.571  -1.847  1.00 41.27 ? 45  LYS A NZ  1 
ATOM   354 N N   . MET A 1 46 ? 5.502   12.245  -7.908  1.00 44.40 ? 46  MET A N   1 
ATOM   355 C CA  . MET A 1 46 ? 6.693   11.438  -8.131  1.00 37.57 ? 46  MET A CA  1 
ATOM   356 C C   . MET A 1 46 ? 7.311   11.054  -6.795  1.00 36.11 ? 46  MET A C   1 
ATOM   357 O O   . MET A 1 46 ? 7.379   11.870  -5.875  1.00 36.63 ? 46  MET A O   1 
ATOM   358 C CB  . MET A 1 46 ? 7.691   12.185  -8.998  1.00 41.74 ? 46  MET A CB  1 
ATOM   359 C CG  . MET A 1 46 ? 7.258   12.404  -10.414 1.00 48.58 ? 46  MET A CG  1 
ATOM   360 S SD  . MET A 1 46 ? 8.474   13.380  -11.301 1.00 61.29 ? 46  MET A SD  1 
ATOM   361 C CE  . MET A 1 46 ? 9.754   12.177  -11.613 1.00 50.29 ? 46  MET A CE  1 
ATOM   362 N N   . ILE A 1 47 ? 7.731   9.796   -6.685  1.00 32.01 ? 47  ILE A N   1 
ATOM   363 C CA  . ILE A 1 47 ? 8.255   9.265   -5.434  1.00 31.83 ? 47  ILE A CA  1 
ATOM   364 C C   . ILE A 1 47 ? 9.562   8.542   -5.692  1.00 31.27 ? 47  ILE A C   1 
ATOM   365 O O   . ILE A 1 47 ? 9.861   8.162   -6.825  1.00 32.78 ? 47  ILE A O   1 
ATOM   366 C CB  . ILE A 1 47 ? 7.271   8.287   -4.748  1.00 32.20 ? 47  ILE A CB  1 
ATOM   367 C CG1 . ILE A 1 47 ? 7.102   7.026   -5.585  1.00 29.48 ? 47  ILE A CG1 1 
ATOM   368 C CG2 . ILE A 1 47 ? 5.919   8.951   -4.496  1.00 32.58 ? 47  ILE A CG2 1 
ATOM   369 C CD1 . ILE A 1 47 ? 6.378   5.932   -4.849  1.00 27.10 ? 47  ILE A CD1 1 
ATOM   370 N N   . GLY A 1 48 ? 10.342  8.348   -4.643  1.00 28.08 ? 48  GLY A N   1 
ATOM   371 C CA  . GLY A 1 48 ? 11.669  7.793   -4.817  1.00 31.80 ? 48  GLY A CA  1 
ATOM   372 C C   . GLY A 1 48 ? 12.035  6.606   -3.979  1.00 24.35 ? 48  GLY A C   1 
ATOM   373 O O   . GLY A 1 48 ? 11.702  6.567   -2.816  1.00 26.46 ? 48  GLY A O   1 
ATOM   374 N N   . GLY A 1 49 ? 12.743  5.653   -4.576  1.00 26.20 ? 49  GLY A N   1 
ATOM   375 C CA  . GLY A 1 49 ? 13.160  4.453   -3.875  1.00 28.62 ? 49  GLY A CA  1 
ATOM   376 C C   . GLY A 1 49 ? 14.599  4.108   -4.159  1.00 29.66 ? 49  GLY A C   1 
ATOM   377 O O   . GLY A 1 49 ? 15.381  4.964   -4.561  1.00 30.35 ? 49  GLY A O   1 
ATOM   378 N N   . ILE A 1 50 ? 14.947  2.841   -3.988  1.00 28.96 ? 50  ILE A N   1 
ATOM   379 C CA  . ILE A 1 50 ? 16.352  2.461   -3.961  1.00 30.56 ? 50  ILE A CA  1 
ATOM   380 C C   . ILE A 1 50 ? 17.061  2.711   -5.302  1.00 37.07 ? 50  ILE A C   1 
ATOM   381 O O   . ILE A 1 50 ? 18.200  3.191   -5.313  1.00 38.18 ? 50  ILE A O   1 
ATOM   382 C CB  . ILE A 1 50 ? 16.516  0.980   -3.501  1.00 29.18 ? 50  ILE A CB  1 
ATOM   383 C CG1 . ILE A 1 50 ? 17.692  0.863   -2.531  1.00 27.71 ? 50  ILE A CG1 1 
ATOM   384 C CG2 . ILE A 1 50 ? 16.682  0.018   -4.657  1.00 32.39 ? 50  ILE A CG2 1 
ATOM   385 C CD1 . ILE A 1 50 ? 17.770  -0.479  -1.813  1.00 25.95 ? 50  ILE A CD1 1 
ATOM   386 N N   . GLY A 1 51 ? 16.386  2.452   -6.418  1.00 31.74 ? 51  GLY A N   1 
ATOM   387 C CA  . GLY A 1 51 ? 17.027  2.574   -7.713  1.00 31.56 ? 51  GLY A CA  1 
ATOM   388 C C   . GLY A 1 51 ? 16.681  3.838   -8.469  1.00 36.02 ? 51  GLY A C   1 
ATOM   389 O O   . GLY A 1 51 ? 17.007  3.971   -9.643  1.00 38.31 ? 51  GLY A O   1 
ATOM   390 N N   . GLY A 1 52 ? 16.014  4.772   -7.808  1.00 31.34 ? 52  GLY A N   1 
ATOM   391 C CA  . GLY A 1 52 ? 15.651  6.017   -8.455  1.00 38.09 ? 52  GLY A CA  1 
ATOM   392 C C   . GLY A 1 52 ? 14.195  6.398   -8.228  1.00 35.34 ? 52  GLY A C   1 
ATOM   393 O O   . GLY A 1 52 ? 13.643  6.223   -7.142  1.00 34.07 ? 52  GLY A O   1 
ATOM   394 N N   . PHE A 1 53 ? 13.560  6.921   -9.267  1.00 34.55 ? 53  PHE A N   1 
ATOM   395 C CA  . PHE A 1 53 ? 12.243  7.493   -9.107  1.00 36.67 ? 53  PHE A CA  1 
ATOM   396 C C   . PHE A 1 53 ? 11.211  7.001   -10.113 1.00 34.71 ? 53  PHE A C   1 
ATOM   397 O O   . PHE A 1 53 ? 11.549  6.599   -11.224 1.00 37.89 ? 53  PHE A O   1 
ATOM   398 C CB  . PHE A 1 53 ? 12.370  9.013   -9.179  1.00 40.57 ? 53  PHE A CB  1 
ATOM   399 C CG  . PHE A 1 53 ? 13.359  9.546   -8.213  1.00 44.21 ? 53  PHE A CG  1 
ATOM   400 C CD1 . PHE A 1 53 ? 14.648  9.833   -8.595  1.00 49.11 ? 53  PHE A CD1 1 
ATOM   401 C CD2 . PHE A 1 53 ? 13.051  9.586   -6.876  1.00 46.35 ? 53  PHE A CD2 1 
ATOM   402 C CE1 . PHE A 1 53 ? 15.586  10.306  -7.634  1.00 49.02 ? 53  PHE A CE1 1 
ATOM   403 C CE2 . PHE A 1 53 ? 13.981  10.021  -5.889  1.00 46.34 ? 53  PHE A CE2 1 
ATOM   404 C CZ  . PHE A 1 53 ? 15.239  10.402  -6.281  1.00 46.51 ? 53  PHE A CZ  1 
ATOM   405 N N   . ILE A 1 54 ? 9.948   7.042   -9.706  1.00 31.66 ? 54  ILE A N   1 
ATOM   406 C CA  . ILE A 1 54 ? 8.850   6.678   -10.599 1.00 34.65 ? 54  ILE A CA  1 
ATOM   407 C C   . ILE A 1 54 ? 7.701   7.670   -10.484 1.00 33.77 ? 54  ILE A C   1 
ATOM   408 O O   . ILE A 1 54 ? 7.472   8.262   -9.422  1.00 31.96 ? 54  ILE A O   1 
ATOM   409 C CB  . ILE A 1 54 ? 8.298   5.250   -10.320 1.00 32.55 ? 54  ILE A CB  1 
ATOM   410 C CG1 . ILE A 1 54 ? 7.696   5.162   -8.908  1.00 34.34 ? 54  ILE A CG1 1 
ATOM   411 C CG2 . ILE A 1 54 ? 9.363   4.196   -10.578 1.00 30.94 ? 54  ILE A CG2 1 
ATOM   412 C CD1 . ILE A 1 54 ? 6.763   3.952   -8.688  1.00 30.68 ? 54  ILE A CD1 1 
ATOM   413 N N   . LYS A 1 55 ? 6.973   7.842   -11.582 1.00 34.90 ? 55  LYS A N   1 
ATOM   414 C CA  . LYS A 1 55 ? 5.790   8.684   -11.568 1.00 39.49 ? 55  LYS A CA  1 
ATOM   415 C C   . LYS A 1 55 ? 4.586   7.849   -11.137 1.00 29.82 ? 55  LYS A C   1 
ATOM   416 O O   . LYS A 1 55 ? 4.362   6.755   -11.654 1.00 31.69 ? 55  LYS A O   1 
ATOM   417 C CB  . LYS A 1 55 ? 5.562   9.319   -12.946 1.00 41.91 ? 55  LYS A CB  1 
ATOM   418 C CG  . LYS A 1 55 ? 6.672   10.292  -13.374 1.00 48.05 ? 55  LYS A CG  1 
ATOM   419 C CD  . LYS A 1 55 ? 6.556   10.700  -14.845 1.00 54.97 ? 55  LYS A CD  1 
ATOM   420 C CE  . LYS A 1 55 ? 7.724   11.580  -15.285 1.00 52.81 ? 55  LYS A CE  1 
ATOM   421 N NZ  . LYS A 1 55 ? 7.641   11.973  -16.725 1.00 54.00 ? 55  LYS A NZ  1 
ATOM   422 N N   . VAL A 1 56 ? 3.838   8.359   -10.174 1.00 31.68 ? 56  VAL A N   1 
ATOM   423 C CA  . VAL A 1 56 ? 2.655   7.667   -9.691  1.00 34.68 ? 56  VAL A CA  1 
ATOM   424 C C   . VAL A 1 56 ? 1.427   8.555   -9.785  1.00 38.77 ? 56  VAL A C   1 
ATOM   425 O O   . VAL A 1 56 ? 1.536   9.766   -9.987  1.00 38.60 ? 56  VAL A O   1 
ATOM   426 C CB  . VAL A 1 56 ? 2.822   7.209   -8.234  1.00 30.64 ? 56  VAL A CB  1 
ATOM   427 C CG1 . VAL A 1 56 ? 3.989   6.250   -8.113  1.00 31.19 ? 56  VAL A CG1 1 
ATOM   428 C CG2 . VAL A 1 56 ? 3.023   8.407   -7.325  1.00 33.92 ? 56  VAL A CG2 1 
ATOM   429 N N   . ARG A 1 57 ? 0.257   7.938   -9.642  1.00 32.99 ? 57  ARG A N   1 
ATOM   430 C CA  . ARG A 1 57 ? -1.001  8.669   -9.515  1.00 35.53 ? 57  ARG A CA  1 
ATOM   431 C C   . ARG A 1 57 ? -1.519  8.596   -8.083  1.00 34.67 ? 57  ARG A C   1 
ATOM   432 O O   . ARG A 1 57 ? -1.657  7.512   -7.502  1.00 34.75 ? 57  ARG A O   1 
ATOM   433 C CB  . ARG A 1 57 ? -2.033  8.118   -10.501 1.00 40.22 ? 57  ARG A CB  1 
ATOM   434 C CG  . ARG A 1 57 ? -1.600  8.272   -11.939 1.00 41.80 ? 57  ARG A CG  1 
ATOM   435 C CD  . ARG A 1 57 ? -2.712  7.944   -12.902 1.00 45.84 ? 57  ARG A CD  1 
ATOM   436 N NE  . ARG A 1 57 ? -2.718  6.536   -13.287 1.00 50.62 ? 57  ARG A NE  1 
ATOM   437 C CZ  . ARG A 1 57 ? -3.586  5.643   -12.831 1.00 46.62 ? 57  ARG A CZ  1 
ATOM   438 N NH1 . ARG A 1 57 ? -4.526  6.014   -11.969 1.00 47.57 ? 57  ARG A NH1 1 
ATOM   439 N NH2 . ARG A 1 57 ? -3.523  4.382   -13.243 1.00 45.39 ? 57  ARG A NH2 1 
ATOM   440 N N   . GLN A 1 58 ? -1.796  9.756   -7.508  1.00 31.47 ? 58  GLN A N   1 
ATOM   441 C CA  . GLN A 1 58 ? -2.190  9.830   -6.116  1.00 35.53 ? 58  GLN A CA  1 
ATOM   442 C C   . GLN A 1 58 ? -3.700  9.918   -5.906  1.00 39.93 ? 58  GLN A C   1 
ATOM   443 O O   . GLN A 1 58 ? -4.342  10.904  -6.287  1.00 39.25 ? 58  GLN A O   1 
ATOM   444 C CB  . GLN A 1 58 ? -1.527  11.021  -5.446  1.00 34.33 ? 58  GLN A CB  1 
ATOM   445 C CG  . GLN A 1 58 ? -2.055  11.254  -4.053  1.00 34.41 ? 58  GLN A CG  1 
ATOM   446 C CD  . GLN A 1 58 ? -1.419  12.439  -3.386  1.00 43.03 ? 58  GLN A CD  1 
ATOM   447 O OE1 . GLN A 1 58 ? -0.320  12.861  -3.759  1.00 42.63 ? 58  GLN A OE1 1 
ATOM   448 N NE2 . GLN A 1 58 ? -2.099  12.985  -2.384  1.00 38.08 ? 58  GLN A NE2 1 
ATOM   449 N N   . TYR A 1 59 ? -4.246  8.884   -5.273  1.00 36.53 ? 59  TYR A N   1 
ATOM   450 C CA  . TYR A 1 59 ? -5.666  8.819   -4.943  1.00 36.35 ? 59  TYR A CA  1 
ATOM   451 C C   . TYR A 1 59 ? -5.889  9.018   -3.454  1.00 38.49 ? 59  TYR A C   1 
ATOM   452 O O   . TYR A 1 59 ? -5.321  8.297   -2.626  1.00 34.19 ? 59  TYR A O   1 
ATOM   453 C CB  . TYR A 1 59 ? -6.250  7.478   -5.368  1.00 36.38 ? 59  TYR A CB  1 
ATOM   454 C CG  . TYR A 1 59 ? -6.306  7.254   -6.849  1.00 36.24 ? 59  TYR A CG  1 
ATOM   455 C CD1 . TYR A 1 59 ? -5.183  6.855   -7.553  1.00 36.72 ? 59  TYR A CD1 1 
ATOM   456 C CD2 . TYR A 1 59 ? -7.494  7.418   -7.548  1.00 42.62 ? 59  TYR A CD2 1 
ATOM   457 C CE1 . TYR A 1 59 ? -5.238  6.637   -8.912  1.00 40.29 ? 59  TYR A CE1 1 
ATOM   458 C CE2 . TYR A 1 59 ? -7.556  7.201   -8.910  1.00 39.12 ? 59  TYR A CE2 1 
ATOM   459 C CZ  . TYR A 1 59 ? -6.429  6.818   -9.586  1.00 40.24 ? 59  TYR A CZ  1 
ATOM   460 O OH  . TYR A 1 59 ? -6.487  6.598   -10.946 1.00 40.78 ? 59  TYR A OH  1 
ATOM   461 N N   . ASP A 1 60 ? -6.719  9.991   -3.105  1.00 37.88 ? 60  ASP A N   1 
ATOM   462 C CA  . ASP A 1 60 ? -6.987  10.262  -1.702  1.00 37.21 ? 60  ASP A CA  1 
ATOM   463 C C   . ASP A 1 60 ? -8.302  9.638   -1.268  1.00 38.47 ? 60  ASP A C   1 
ATOM   464 O O   . ASP A 1 60 ? -9.147  9.310   -2.108  1.00 41.20 ? 60  ASP A O   1 
ATOM   465 C CB  . ASP A 1 60 ? -7.010  11.770  -1.440  1.00 41.75 ? 60  ASP A CB  1 
ATOM   466 C CG  . ASP A 1 60 ? -5.714  12.450  -1.840  1.00 46.85 ? 60  ASP A CG  1 
ATOM   467 O OD1 . ASP A 1 60 ? -4.626  11.883  -1.581  1.00 39.83 ? 60  ASP A OD1 1 
ATOM   468 O OD2 . ASP A 1 60 ? -5.786  13.545  -2.434  1.00 50.35 ? 60  ASP A OD2 1 
ATOM   469 N N   . GLN A 1 61 ? -8.458  9.488   0.047   1.00 37.28 ? 61  GLN A N   1 
ATOM   470 C CA  . GLN A 1 61 ? -9.657  8.928   0.670   1.00 38.11 ? 61  GLN A CA  1 
ATOM   471 C C   . GLN A 1 61 ? -10.173 7.687   -0.058  1.00 40.49 ? 61  GLN A C   1 
ATOM   472 O O   . GLN A 1 61 ? -11.366 7.567   -0.349  1.00 36.77 ? 61  GLN A O   1 
ATOM   473 C CB  . GLN A 1 61 ? -10.760 9.994   0.758   1.00 43.35 ? 61  GLN A CB  1 
ATOM   474 C CG  . GLN A 1 61 ? -10.520 11.067  1.822   1.00 46.16 ? 61  GLN A CG  1 
ATOM   475 C CD  . GLN A 1 61 ? -11.383 10.882  3.077   1.00 54.34 ? 61  GLN A CD  1 
ATOM   476 O OE1 . GLN A 1 61 ? -12.072 9.867   3.238   1.00 49.95 ? 61  GLN A OE1 1 
ATOM   477 N NE2 . GLN A 1 61 ? -11.346 11.871  3.970   1.00 52.86 ? 61  GLN A NE2 1 
ATOM   478 N N   . ILE A 1 62 ? -9.254  6.774   -0.357  1.00 35.71 ? 62  ILE A N   1 
ATOM   479 C CA  . ILE A 1 62 ? -9.579  5.510   -1.015  1.00 33.84 ? 62  ILE A CA  1 
ATOM   480 C C   . ILE A 1 62 ? -9.863  4.439   0.017   1.00 30.19 ? 62  ILE A C   1 
ATOM   481 O O   . ILE A 1 62 ? -9.112  4.276   0.976   1.00 31.98 ? 62  ILE A O   1 
ATOM   482 C CB  . ILE A 1 62 ? -8.435  5.049   -1.926  1.00 30.89 ? 62  ILE A CB  1 
ATOM   483 C CG1 . ILE A 1 62 ? -8.301  6.017   -3.088  1.00 37.70 ? 62  ILE A CG1 1 
ATOM   484 C CG2 . ILE A 1 62 ? -8.687  3.637   -2.458  1.00 33.83 ? 62  ILE A CG2 1 
ATOM   485 C CD1 . ILE A 1 62 ? -9.295  5.760   -4.204  1.00 41.64 ? 62  ILE A CD1 1 
ATOM   486 N N   . LEU A 1 63 ? -10.961 3.716   -0.157  1.00 28.98 ? 63  LEU A N   1 
ATOM   487 C CA  . LEU A 1 63 ? -11.261 2.631   0.757   1.00 25.99 ? 63  LEU A CA  1 
ATOM   488 C C   . LEU A 1 63 ? -10.413 1.415   0.399   1.00 28.57 ? 63  LEU A C   1 
ATOM   489 O O   . LEU A 1 63 ? -10.392 0.992   -0.757  1.00 29.61 ? 63  LEU A O   1 
ATOM   490 C CB  . LEU A 1 63 ? -12.745 2.278   0.711   1.00 30.89 ? 63  LEU A CB  1 
ATOM   491 C CG  . LEU A 1 63 ? -13.172 1.090   1.563   1.00 27.07 ? 63  LEU A CG  1 
ATOM   492 C CD1 . LEU A 1 63 ? -12.806 1.288   3.033   1.00 30.84 ? 63  LEU A CD1 1 
ATOM   493 C CD2 . LEU A 1 63 ? -14.664 0.874   1.410   1.00 31.72 ? 63  LEU A CD2 1 
ATOM   494 N N   . ILE A 1 64 ? -9.715  0.867   1.387   1.00 24.34 ? 64  ILE A N   1 
ATOM   495 C CA  . ILE A 1 64 ? -8.909  -0.336  1.174   1.00 27.66 ? 64  ILE A CA  1 
ATOM   496 C C   . ILE A 1 64 ? -8.994  -1.284  2.383   1.00 24.83 ? 64  ILE A C   1 
ATOM   497 O O   . ILE A 1 64 ? -8.882  -0.864  3.536   1.00 28.82 ? 64  ILE A O   1 
ATOM   498 C CB  . ILE A 1 64 ? -7.423  0.051   0.848   1.00 28.02 ? 64  ILE A CB  1 
ATOM   499 C CG1 . ILE A 1 64 ? -6.508  -1.183  0.793   1.00 25.91 ? 64  ILE A CG1 1 
ATOM   500 C CG2 . ILE A 1 64 ? -6.891  1.084   1.832   1.00 25.14 ? 64  ILE A CG2 1 
ATOM   501 C CD1 . ILE A 1 64 ? -5.188  -0.914  0.047   1.00 29.38 ? 64  ILE A CD1 1 
ATOM   502 N N   . GLU A 1 65 ? -9.245  -2.562  2.115   1.00 22.98 ? 65  GLU A N   1 
ATOM   503 C CA  . GLU A 1 65 ? -9.253  -3.576  3.151   1.00 24.03 ? 65  GLU A CA  1 
ATOM   504 C C   . GLU A 1 65 ? -7.913  -4.279  3.193   1.00 27.17 ? 65  GLU A C   1 
ATOM   505 O O   . GLU A 1 65 ? -7.477  -4.822  2.187   1.00 25.36 ? 65  GLU A O   1 
ATOM   506 C CB  . GLU A 1 65 ? -10.342 -4.620  2.920   1.00 29.33 ? 65  GLU A CB  1 
ATOM   507 C CG  . GLU A 1 65 ? -11.731 -4.200  3.294   1.00 36.36 ? 65  GLU A CG  1 
ATOM   508 C CD  . GLU A 1 65 ? -12.697 -5.364  3.213   1.00 45.68 ? 65  GLU A CD  1 
ATOM   509 O OE1 . GLU A 1 65 ? -12.279 -6.493  3.561   1.00 45.69 ? 65  GLU A OE1 1 
ATOM   510 O OE2 . GLU A 1 65 ? -13.856 -5.153  2.792   1.00 48.16 ? 65  GLU A OE2 1 
ATOM   511 N N   . ILE A 1 66 ? -7.281  -4.287  4.358   1.00 23.91 ? 66  ILE A N   1 
ATOM   512 C CA  . ILE A 1 66 ? -5.954  -4.869  4.502   1.00 24.78 ? 66  ILE A CA  1 
ATOM   513 C C   . ILE A 1 66 ? -6.013  -5.983  5.529   1.00 23.21 ? 66  ILE A C   1 
ATOM   514 O O   . ILE A 1 66 ? -6.175  -5.725  6.721   1.00 23.86 ? 66  ILE A O   1 
ATOM   515 C CB  . ILE A 1 66 ? -4.907  -3.801  4.928   1.00 21.74 ? 66  ILE A CB  1 
ATOM   516 C CG1 . ILE A 1 66 ? -4.805  -2.690  3.876   1.00 25.68 ? 66  ILE A CG1 1 
ATOM   517 C CG2 . ILE A 1 66 ? -3.542  -4.450  5.175   1.00 22.65 ? 66  ILE A CG2 1 
ATOM   518 C CD1 . ILE A 1 66 ? -4.108  -1.441  4.393   1.00 28.83 ? 66  ILE A CD1 1 
ATOM   519 N N   . ALA A 1 67 ? -5.927  -7.228  5.058   1.00 24.65 ? 67  ALA A N   1 
ATOM   520 C CA  . ALA A 1 67 ? -6.009  -8.389  5.935   1.00 26.13 ? 67  ALA A CA  1 
ATOM   521 C C   . ALA A 1 67 ? -7.265  -8.348  6.823   1.00 31.14 ? 67  ALA A C   1 
ATOM   522 O O   . ALA A 1 67 ? -7.204  -8.643  8.018   1.00 27.10 ? 67  ALA A O   1 
ATOM   523 C CB  . ALA A 1 67 ? -4.738  -8.489  6.803   1.00 27.35 ? 67  ALA A CB  1 
ATOM   524 N N   . GLY A 1 68 ? -8.395  -7.963  6.237   1.00 27.90 ? 68  GLY A N   1 
ATOM   525 C CA  . GLY A 1 68 ? -9.645  -7.894  6.974   1.00 32.46 ? 68  GLY A CA  1 
ATOM   526 C C   . GLY A 1 68 ? -9.955  -6.526  7.559   1.00 35.41 ? 68  GLY A C   1 
ATOM   527 O O   . GLY A 1 68 ? -11.116 -6.205  7.822   1.00 39.45 ? 68  GLY A O   1 
ATOM   528 N N   . HIS A 1 69 ? -8.923  -5.711  7.753   1.00 29.28 ? 69  HIS A N   1 
ATOM   529 C CA  . HIS A 1 69 ? -9.091  -4.403  8.395   1.00 29.79 ? 69  HIS A CA  1 
ATOM   530 C C   . HIS A 1 69 ? -9.342  -3.302  7.391   1.00 30.03 ? 69  HIS A C   1 
ATOM   531 O O   . HIS A 1 69 ? -8.560  -3.114  6.463   1.00 29.94 ? 69  HIS A O   1 
ATOM   532 C CB  . HIS A 1 69 ? -7.859  -4.047  9.226   1.00 29.80 ? 69  HIS A CB  1 
ATOM   533 C CG  . HIS A 1 69 ? -7.536  -5.050  10.287  1.00 35.19 ? 69  HIS A CG  1 
ATOM   534 N ND1 . HIS A 1 69 ? -7.077  -6.317  9.995   1.00 42.64 ? 69  HIS A ND1 1 
ATOM   535 C CD2 . HIS A 1 69 ? -7.610  -4.976  11.635  1.00 40.36 ? 69  HIS A CD2 1 
ATOM   536 C CE1 . HIS A 1 69 ? -6.878  -6.980  11.123  1.00 43.14 ? 69  HIS A CE1 1 
ATOM   537 N NE2 . HIS A 1 69 ? -7.192  -6.189  12.132  1.00 47.17 ? 69  HIS A NE2 1 
ATOM   538 N N   . LYS A 1 70 ? -10.426 -2.564  7.589   1.00 30.08 ? 70  LYS A N   1 
ATOM   539 C CA  . LYS A 1 70 ? -10.763 -1.463  6.709   1.00 31.57 ? 70  LYS A CA  1 
ATOM   540 C C   . LYS A 1 70 ? -10.023 -0.178  7.102   1.00 30.77 ? 70  LYS A C   1 
ATOM   541 O O   . LYS A 1 70 ? -9.897  0.151   8.280   1.00 31.85 ? 70  LYS A O   1 
ATOM   542 C CB  . LYS A 1 70 ? -12.272 -1.230  6.710   1.00 34.68 ? 70  LYS A CB  1 
ATOM   543 C CG  . LYS A 1 70 ? -13.096 -2.439  6.269   1.00 35.86 ? 70  LYS A CG  1 
ATOM   544 C CD  . LYS A 1 70 ? -14.557 -2.059  6.169   1.00 41.46 ? 70  LYS A CD  1 
ATOM   545 C CE  . LYS A 1 70 ? -15.465 -3.271  6.197   1.00 45.82 ? 70  LYS A CE  1 
ATOM   546 N NZ  . LYS A 1 70 ? -16.840 -2.867  6.651   1.00 52.08 ? 70  LYS A NZ  1 
ATOM   547 N N   . ALA A 1 71 ? -9.545  0.532   6.091   1.00 28.10 ? 71  ALA A N   1 
ATOM   548 C CA  . ALA A 1 71 ? -8.856  1.793   6.263   1.00 30.41 ? 71  ALA A CA  1 
ATOM   549 C C   . ALA A 1 71 ? -9.151  2.673   5.065   1.00 32.69 ? 71  ALA A C   1 
ATOM   550 O O   . ALA A 1 71 ? -9.436  2.176   3.975   1.00 30.80 ? 71  ALA A O   1 
ATOM   551 C CB  . ALA A 1 71 ? -7.365  1.574   6.416   1.00 34.85 ? 71  ALA A CB  1 
ATOM   552 N N   . ILE A 1 72 ? -9.108  3.986   5.271   1.00 29.43 ? 72  ILE A N   1 
ATOM   553 C CA  . ILE A 1 72 ? -9.313  4.930   4.191   1.00 28.42 ? 72  ILE A CA  1 
ATOM   554 C C   . ILE A 1 72 ? -8.121  5.847   4.194   1.00 33.19 ? 72  ILE A C   1 
ATOM   555 O O   . ILE A 1 72 ? -7.724  6.331   5.249   1.00 38.33 ? 72  ILE A O   1 
ATOM   556 C CB  . ILE A 1 72 ? -10.610 5.747   4.350   1.00 30.70 ? 72  ILE A CB  1 
ATOM   557 C CG1 . ILE A 1 72 ? -11.826 4.900   3.985   1.00 32.63 ? 72  ILE A CG1 1 
ATOM   558 C CG2 . ILE A 1 72 ? -10.583 6.956   3.447   1.00 33.01 ? 72  ILE A CG2 1 
ATOM   559 C CD1 . ILE A 1 72 ? -13.120 5.701   3.900   1.00 34.87 ? 72  ILE A CD1 1 
ATOM   560 N N   . GLY A 1 73 ? -7.534  6.073   3.032   1.00 29.53 ? 73  GLY A N   1 
ATOM   561 C CA  . GLY A 1 73 ? -6.313  6.843   2.987   1.00 30.28 ? 73  GLY A CA  1 
ATOM   562 C C   . GLY A 1 73 ? -5.804  7.021   1.590   1.00 29.01 ? 73  GLY A C   1 
ATOM   563 O O   . GLY A 1 73 ? -6.481  6.710   0.616   1.00 32.52 ? 73  GLY A O   1 
ATOM   564 N N   . THR A 1 74 ? -4.592  7.536   1.492   1.00 29.54 ? 74  THR A N   1 
ATOM   565 C CA  . THR A 1 74 ? -4.012  7.806   0.210   1.00 27.75 ? 74  THR A CA  1 
ATOM   566 C C   . THR A 1 74 ? -3.308  6.584   -0.333  1.00 30.93 ? 74  THR A C   1 
ATOM   567 O O   . THR A 1 74 ? -2.577  5.886   0.378   1.00 26.97 ? 74  THR A O   1 
ATOM   568 C CB  . THR A 1 74 ? -3.035  8.989   0.282   1.00 32.68 ? 74  THR A CB  1 
ATOM   569 O OG1 . THR A 1 74 ? -3.741  10.140  0.754   1.00 32.60 ? 74  THR A OG1 1 
ATOM   570 C CG2 . THR A 1 74 ? -2.463  9.289   -1.084  1.00 31.76 ? 74  THR A CG2 1 
ATOM   571 N N   . VAL A 1 75 ? -3.569  6.320   -1.602  1.00 29.48 ? 75  VAL A N   1 
ATOM   572 C CA  . VAL A 1 75 ? -2.950  5.222   -2.303  1.00 28.82 ? 75  VAL A CA  1 
ATOM   573 C C   . VAL A 1 75 ? -2.293  5.730   -3.577  1.00 30.41 ? 75  VAL A C   1 
ATOM   574 O O   . VAL A 1 75 ? -2.921  6.419   -4.381  1.00 31.61 ? 75  VAL A O   1 
ATOM   575 C CB  . VAL A 1 75 ? -3.976  4.126   -2.636  1.00 30.21 ? 75  VAL A CB  1 
ATOM   576 C CG1 . VAL A 1 75 ? -3.401  3.164   -3.657  1.00 26.15 ? 75  VAL A CG1 1 
ATOM   577 C CG2 . VAL A 1 75 ? -4.380  3.387   -1.365  1.00 30.66 ? 75  VAL A CG2 1 
ATOM   578 N N   . LEU A 1 76 ? -1.020  5.398   -3.758  1.00 27.67 ? 76  LEU A N   1 
ATOM   579 C CA  . LEU A 1 76 ? -0.312  5.803   -4.963  1.00 24.02 ? 76  LEU A CA  1 
ATOM   580 C C   . LEU A 1 76 ? -0.280  4.640   -5.943  1.00 28.51 ? 76  LEU A C   1 
ATOM   581 O O   . LEU A 1 76 ? -0.021  3.494   -5.564  1.00 27.34 ? 76  LEU A O   1 
ATOM   582 C CB  . LEU A 1 76 ? 1.113   6.278   -4.637  1.00 27.11 ? 76  LEU A CB  1 
ATOM   583 C CG  . LEU A 1 76 ? 1.337   7.274   -3.498  1.00 27.33 ? 76  LEU A CG  1 
ATOM   584 C CD1 . LEU A 1 76 ? 2.842   7.502   -3.270  1.00 25.88 ? 76  LEU A CD1 1 
ATOM   585 C CD2 . LEU A 1 76 ? 0.627   8.604   -3.758  1.00 29.72 ? 76  LEU A CD2 1 
ATOM   586 N N   . VAL A 1 77 ? -0.572  4.924   -7.204  1.00 23.23 ? 77  VAL A N   1 
ATOM   587 C CA  . VAL A 1 77 ? -0.589  3.888   -8.221  1.00 27.73 ? 77  VAL A CA  1 
ATOM   588 C C   . VAL A 1 77 ? 0.396   4.229   -9.311  1.00 31.51 ? 77  VAL A C   1 
ATOM   589 O O   . VAL A 1 77 ? 0.365   5.327   -9.866  1.00 31.64 ? 77  VAL A O   1 
ATOM   590 C CB  . VAL A 1 77 ? -1.992  3.711   -8.842  1.00 32.75 ? 77  VAL A CB  1 
ATOM   591 C CG1 . VAL A 1 77 ? -2.016  2.477   -9.744  1.00 33.43 ? 77  VAL A CG1 1 
ATOM   592 C CG2 . VAL A 1 77 ? -3.049  3.595   -7.754  1.00 34.05 ? 77  VAL A CG2 1 
ATOM   593 N N   . GLY A 1 78 ? 1.257   3.275   -9.625  1.00 27.62 ? 78  GLY A N   1 
ATOM   594 C CA  . GLY A 1 78 ? 2.336   3.489   -10.565 1.00 30.82 ? 78  GLY A CA  1 
ATOM   595 C C   . GLY A 1 78 ? 3.165   2.234   -10.708 1.00 32.26 ? 78  GLY A C   1 
ATOM   596 O O   . GLY A 1 78 ? 2.816   1.203   -10.133 1.00 33.93 ? 78  GLY A O   1 
ATOM   597 N N   . PRO A 1 79 ? 4.272   2.312   -11.466 1.00 31.51 ? 79  PRO A N   1 
ATOM   598 C CA  . PRO A 1 79 ? 5.101   1.158   -11.834 1.00 28.78 ? 79  PRO A CA  1 
ATOM   599 C C   . PRO A 1 79 ? 6.047   0.636   -10.741 1.00 30.64 ? 79  PRO A C   1 
ATOM   600 O O   . PRO A 1 79 ? 7.238   0.437   -10.998 1.00 35.64 ? 79  PRO A O   1 
ATOM   601 C CB  . PRO A 1 79 ? 5.906   1.691   -13.025 1.00 30.56 ? 79  PRO A CB  1 
ATOM   602 C CG  . PRO A 1 79 ? 6.018   3.145   -12.765 1.00 33.49 ? 79  PRO A CG  1 
ATOM   603 C CD  . PRO A 1 79 ? 4.693   3.535   -12.173 1.00 31.98 ? 79  PRO A CD  1 
ATOM   604 N N   . THR A 1 80 ? 5.517   0.403   -9.544  1.00 26.67 ? 80  THR A N   1 
ATOM   605 C CA  . THR A 1 80 ? 6.255   -0.308  -8.511  1.00 28.84 ? 80  THR A CA  1 
ATOM   606 C C   . THR A 1 80 ? 6.327   -1.792  -8.887  1.00 28.55 ? 80  THR A C   1 
ATOM   607 O O   . THR A 1 80 ? 5.389   -2.324  -9.477  1.00 32.18 ? 80  THR A O   1 
ATOM   608 C CB  . THR A 1 80 ? 5.578   -0.122  -7.129  1.00 29.40 ? 80  THR A CB  1 
ATOM   609 O OG1 . THR A 1 80 ? 6.258   -0.906  -6.140  1.00 22.67 ? 80  THR A OG1 1 
ATOM   610 C CG2 . THR A 1 80 ? 4.096   -0.529  -7.184  1.00 20.91 ? 80  THR A CG2 1 
ATOM   611 N N   . PRO A 1 81 ? 7.446   -2.464  -8.580  1.00 31.36 ? 81  PRO A N   1 
ATOM   612 C CA  . PRO A 1 81 ? 7.495   -3.897  -8.915  1.00 31.19 ? 81  PRO A CA  1 
ATOM   613 C C   . PRO A 1 81 ? 6.626   -4.780  -8.006  1.00 31.24 ? 81  PRO A C   1 
ATOM   614 O O   . PRO A 1 81 ? 6.368   -5.946  -8.345  1.00 27.49 ? 81  PRO A O   1 
ATOM   615 C CB  . PRO A 1 81 ? 8.980   -4.254  -8.757  1.00 29.78 ? 81  PRO A CB  1 
ATOM   616 C CG  . PRO A 1 81 ? 9.562   -3.187  -7.937  1.00 31.89 ? 81  PRO A CG  1 
ATOM   617 C CD  . PRO A 1 81 ? 8.752   -1.945  -8.152  1.00 29.19 ? 81  PRO A CD  1 
ATOM   618 N N   . VAL A 1 82 ? 6.174   -4.240  -6.878  1.00 27.98 ? 82  VAL A N   1 
ATOM   619 C CA  . VAL A 1 82 ? 5.330   -5.004  -5.951  1.00 26.60 ? 82  VAL A CA  1 
ATOM   620 C C   . VAL A 1 82 ? 4.364   -4.080  -5.242  1.00 23.55 ? 82  VAL A C   1 
ATOM   621 O O   . VAL A 1 82 ? 4.656   -2.912  -5.064  1.00 22.90 ? 82  VAL A O   1 
ATOM   622 C CB  . VAL A 1 82 ? 6.154   -5.746  -4.875  1.00 31.58 ? 82  VAL A CB  1 
ATOM   623 C CG1 . VAL A 1 82 ? 6.961   -6.902  -5.471  1.00 35.65 ? 82  VAL A CG1 1 
ATOM   624 C CG2 . VAL A 1 82 ? 7.053   -4.778  -4.193  1.00 31.07 ? 82  VAL A CG2 1 
ATOM   625 N N   . ASN A 1 83 ? 3.207   -4.604  -4.850  1.00 23.37 ? 83  ASN A N   1 
ATOM   626 C CA  . ASN A 1 83 ? 2.274   -3.842  -4.036  1.00 20.89 ? 83  ASN A CA  1 
ATOM   627 C C   . ASN A 1 83 ? 2.836   -3.678  -2.651  1.00 20.49 ? 83  ASN A C   1 
ATOM   628 O O   . ASN A 1 83 ? 3.205   -4.663  -2.009  1.00 21.33 ? 83  ASN A O   1 
ATOM   629 C CB  . ASN A 1 83 ? 0.911   -4.528  -3.954  1.00 21.07 ? 83  ASN A CB  1 
ATOM   630 C CG  . ASN A 1 83 ? 0.247   -4.654  -5.290  1.00 26.22 ? 83  ASN A CG  1 
ATOM   631 O OD1 . ASN A 1 83 ? 0.298   -3.736  -6.098  1.00 24.36 ? 83  ASN A OD1 1 
ATOM   632 N ND2 . ASN A 1 83 ? -0.390  -5.794  -5.536  1.00 19.24 ? 83  ASN A ND2 1 
ATOM   633 N N   . ILE A 1 84 ? 2.879   -2.431  -2.193  1.00 18.84 ? 84  ILE A N   1 
ATOM   634 C CA  . ILE A 1 84 ? 3.425   -2.083  -0.893  1.00 18.73 ? 84  ILE A CA  1 
ATOM   635 C C   . ILE A 1 84 ? 2.392   -1.379  -0.009  1.00 15.67 ? 84  ILE A C   1 
ATOM   636 O O   . ILE A 1 84 ? 1.825   -0.360  -0.404  1.00 18.75 ? 84  ILE A O   1 
ATOM   637 C CB  . ILE A 1 84 ? 4.644   -1.164  -1.050  1.00 20.76 ? 84  ILE A CB  1 
ATOM   638 C CG1 . ILE A 1 84 ? 5.790   -1.923  -1.715  1.00 24.00 ? 84  ILE A CG1 1 
ATOM   639 C CG2 . ILE A 1 84 ? 5.082   -0.637  0.299   1.00 23.50 ? 84  ILE A CG2 1 
ATOM   640 C CD1 . ILE A 1 84 ? 6.645   -0.999  -2.566  1.00 27.80 ? 84  ILE A CD1 1 
ATOM   641 N N   . ILE A 1 85 ? 2.151   -1.919  1.182   1.00 19.51 ? 85  ILE A N   1 
ATOM   642 C CA  . ILE A 1 85 ? 1.347   -1.214  2.186   1.00 17.76 ? 85  ILE A CA  1 
ATOM   643 C C   . ILE A 1 85 ? 2.270   -0.454  3.118   1.00 19.81 ? 85  ILE A C   1 
ATOM   644 O O   . ILE A 1 85 ? 2.983   -1.063  3.912   1.00 15.81 ? 85  ILE A O   1 
ATOM   645 C CB  . ILE A 1 85 ? 0.465   -2.169  3.024   1.00 18.60 ? 85  ILE A CB  1 
ATOM   646 C CG1 . ILE A 1 85 ? -0.377  -3.085  2.118   1.00 19.12 ? 85  ILE A CG1 1 
ATOM   647 C CG2 . ILE A 1 85 ? -0.430  -1.356  3.983   1.00 21.04 ? 85  ILE A CG2 1 
ATOM   648 C CD1 . ILE A 1 85 ? -1.319  -2.344  1.165   1.00 24.50 ? 85  ILE A CD1 1 
ATOM   649 N N   . GLY A 1 86 ? 2.253   0.877   3.033   1.00 19.15 ? 86  GLY A N   1 
ATOM   650 C CA  . GLY A 1 86 ? 3.157   1.703   3.821   1.00 18.28 ? 86  GLY A CA  1 
ATOM   651 C C   . GLY A 1 86 ? 2.587   2.224   5.135   1.00 22.25 ? 86  GLY A C   1 
ATOM   652 O O   . GLY A 1 86 ? 1.467   1.893   5.534   1.00 19.89 ? 86  GLY A O   1 
ATOM   653 N N   . ARG A 1 87 ? 3.357   3.059   5.815   1.00 15.96 ? 87  ARG A N   1 
ATOM   654 C CA  . ARG A 1 87 ? 3.024   3.408   7.187   1.00 19.69 ? 87  ARG A CA  1 
ATOM   655 C C   . ARG A 1 87 ? 1.737   4.216   7.290   1.00 20.95 ? 87  ARG A C   1 
ATOM   656 O O   . ARG A 1 87 ? 1.078   4.179   8.325   1.00 22.03 ? 87  ARG A O   1 
ATOM   657 C CB  . ARG A 1 87 ? 4.173   4.174   7.846   1.00 20.70 ? 87  ARG A CB  1 
ATOM   658 C CG  . ARG A 1 87 ? 5.387   3.298   8.212   1.00 18.33 ? 87  ARG A CG  1 
ATOM   659 C CD  . ARG A 1 87 ? 6.411   4.086   9.070   1.00 19.91 ? 87  ARG A CD  1 
ATOM   660 N NE  . ARG A 1 87 ? 6.889   5.284   8.372   1.00 20.51 ? 87  ARG A NE  1 
ATOM   661 C CZ  . ARG A 1 87 ? 6.467   6.522   8.619   1.00 22.12 ? 87  ARG A CZ  1 
ATOM   662 N NH1 . ARG A 1 87 ? 5.572   6.759   9.572   1.00 20.34 ? 87  ARG A NH1 1 
ATOM   663 N NH2 . ARG A 1 87 ? 6.945   7.529   7.908   1.00 24.42 ? 87  ARG A NH2 1 
ATOM   664 N N   . ASN A 1 88 ? 1.368   4.930   6.229   1.00 20.63 ? 88  ASN A N   1 
ATOM   665 C CA  . ASN A 1 88 ? 0.134   5.720   6.270   1.00 25.57 ? 88  ASN A CA  1 
ATOM   666 C C   . ASN A 1 88 ? -1.110  4.846   6.489   1.00 27.19 ? 88  ASN A C   1 
ATOM   667 O O   . ASN A 1 88 ? -2.104  5.303   7.068   1.00 24.30 ? 88  ASN A O   1 
ATOM   668 C CB  . ASN A 1 88 ? -0.031  6.540   4.995   1.00 23.52 ? 88  ASN A CB  1 
ATOM   669 C CG  . ASN A 1 88 ? -0.431  5.695   3.809   1.00 27.07 ? 88  ASN A CG  1 
ATOM   670 O OD1 . ASN A 1 88 ? 0.251   4.732   3.467   1.00 25.04 ? 88  ASN A OD1 1 
ATOM   671 N ND2 . ASN A 1 88 ? -1.551  6.040   3.185   1.00 24.18 ? 88  ASN A ND2 1 
ATOM   672 N N   . LEU A 1 89 ? -1.044  3.589   6.046   1.00 23.18 ? 89  LEU A N   1 
ATOM   673 C CA  . LEU A 1 89 ? -2.132  2.634   6.250   1.00 23.34 ? 89  LEU A CA  1 
ATOM   674 C C   . LEU A 1 89 ? -1.876  1.680   7.414   1.00 20.96 ? 89  LEU A C   1 
ATOM   675 O O   . LEU A 1 89 ? -2.817  1.233   8.088   1.00 22.83 ? 89  LEU A O   1 
ATOM   676 C CB  . LEU A 1 89 ? -2.384  1.841   4.962   1.00 15.89 ? 89  LEU A CB  1 
ATOM   677 C CG  . LEU A 1 89 ? -3.014  2.701   3.875   1.00 21.04 ? 89  LEU A CG  1 
ATOM   678 C CD1 . LEU A 1 89 ? -3.387  1.859   2.667   1.00 23.56 ? 89  LEU A CD1 1 
ATOM   679 C CD2 . LEU A 1 89 ? -4.222  3.434   4.434   1.00 23.81 ? 89  LEU A CD2 1 
ATOM   680 N N   . LEU A 1 90 ? -0.607  1.375   7.673   1.00 19.42 ? 90  LEU A N   1 
ATOM   681 C CA  . LEU A 1 90 ? -0.267  0.480   8.772   1.00 21.15 ? 90  LEU A CA  1 
ATOM   682 C C   . LEU A 1 90 ? -0.685  1.048   10.142  1.00 19.48 ? 90  LEU A C   1 
ATOM   683 O O   . LEU A 1 90 ? -1.171  0.321   11.000  1.00 19.97 ? 90  LEU A O   1 
ATOM   684 C CB  . LEU A 1 90 ? 1.227   0.170   8.760   1.00 18.38 ? 90  LEU A CB  1 
ATOM   685 C CG  . LEU A 1 90 ? 1.724   -0.627  7.550   1.00 20.81 ? 90  LEU A CG  1 
ATOM   686 C CD1 . LEU A 1 90 ? 3.239   -0.744  7.608   1.00 20.07 ? 90  LEU A CD1 1 
ATOM   687 C CD2 . LEU A 1 90 ? 1.071   -2.005  7.510   1.00 20.16 ? 90  LEU A CD2 1 
ATOM   688 N N   . THR A 1 91 ? -0.518  2.347   10.339  1.00 22.57 ? 91  THR A N   1 
ATOM   689 C CA  . THR A 1 91 ? -0.970  2.964   11.585  1.00 21.18 ? 91  THR A CA  1 
ATOM   690 C C   . THR A 1 91 ? -2.492  2.822   11.767  1.00 30.39 ? 91  THR A C   1 
ATOM   691 O O   . THR A 1 91 ? -2.973  2.664   12.889  1.00 27.25 ? 91  THR A O   1 
ATOM   692 C CB  . THR A 1 91 ? -0.603  4.451   11.640  1.00 22.58 ? 91  THR A CB  1 
ATOM   693 O OG1 . THR A 1 91 ? -1.012  5.092   10.421  1.00 25.49 ? 91  THR A OG1 1 
ATOM   694 C CG2 . THR A 1 91 ? 0.894   4.626   11.825  1.00 21.87 ? 91  THR A CG2 1 
ATOM   695 N N   . GLN A 1 92 ? -3.235  2.865   10.661  1.00 29.91 ? 92  GLN A N   1 
ATOM   696 C CA  . GLN A 1 92 ? -4.700  2.780   10.707  1.00 31.03 ? 92  GLN A CA  1 
ATOM   697 C C   . GLN A 1 92 ? -5.237  1.416   11.110  1.00 34.56 ? 92  GLN A C   1 
ATOM   698 O O   . GLN A 1 92 ? -6.360  1.317   11.619  1.00 38.61 ? 92  GLN A O   1 
ATOM   699 C CB  . GLN A 1 92 ? -5.299  3.142   9.362   1.00 30.44 ? 92  GLN A CB  1 
ATOM   700 C CG  . GLN A 1 92 ? -5.455  4.623   9.127   1.00 37.92 ? 92  GLN A CG  1 
ATOM   701 C CD  . GLN A 1 92 ? -6.475  4.909   8.053   1.00 40.67 ? 92  GLN A CD  1 
ATOM   702 O OE1 . GLN A 1 92 ? -7.669  4.611   8.214   1.00 37.51 ? 92  GLN A OE1 1 
ATOM   703 N NE2 . GLN A 1 92 ? -6.015  5.477   6.935   1.00 37.85 ? 92  GLN A NE2 1 
ATOM   704 N N   . ILE A 1 93 ? -4.465  0.365   10.850  1.00 29.62 ? 93  ILE A N   1 
ATOM   705 C CA  . ILE A 1 93 ? -4.878  -0.981  11.210  1.00 27.54 ? 93  ILE A CA  1 
ATOM   706 C C   . ILE A 1 93 ? -4.180  -1.391  12.485  1.00 30.48 ? 93  ILE A C   1 
ATOM   707 O O   . ILE A 1 93 ? -4.315  -2.523  12.949  1.00 33.85 ? 93  ILE A O   1 
ATOM   708 C CB  . ILE A 1 93 ? -4.580  -2.011  10.095  1.00 29.95 ? 93  ILE A CB  1 
ATOM   709 C CG1 . ILE A 1 93 ? -3.077  -2.170  9.875   1.00 26.09 ? 93  ILE A CG1 1 
ATOM   710 C CG2 . ILE A 1 93 ? -5.256  -1.604  8.795   1.00 25.75 ? 93  ILE A CG2 1 
ATOM   711 C CD1 . ILE A 1 93 ? -2.756  -3.287  8.912   1.00 26.74 ? 93  ILE A CD1 1 
ATOM   712 N N   . GLY A 1 94 ? -3.410  -0.467  13.043  1.00 27.70 ? 94  GLY A N   1 
ATOM   713 C CA  . GLY A 1 94 ? -2.822  -0.681  14.347  1.00 27.37 ? 94  GLY A CA  1 
ATOM   714 C C   . GLY A 1 94 ? -1.592  -1.563  14.369  1.00 30.63 ? 94  GLY A C   1 
ATOM   715 O O   . GLY A 1 94 ? -1.230  -2.107  15.411  1.00 31.77 ? 94  GLY A O   1 
ATOM   716 N N   . ALA A 1 95 ? -0.934  -1.696  13.224  1.00 28.62 ? 95  ALA A N   1 
ATOM   717 C CA  . ALA A 1 95 ? 0.264   -2.515  13.146  1.00 27.45 ? 95  ALA A CA  1 
ATOM   718 C C   . ALA A 1 95 ? 1.418   -1.957  13.981  1.00 26.73 ? 95  ALA A C   1 
ATOM   719 O O   . ALA A 1 95 ? 1.647   -0.750  14.012  1.00 29.09 ? 95  ALA A O   1 
ATOM   720 C CB  . ALA A 1 95 ? 0.685   -2.669  11.711  1.00 25.61 ? 95  ALA A CB  1 
ATOM   721 N N   . THR A 1 96 ? 2.136   -2.849  14.658  1.00 22.17 ? 96  THR A N   1 
ATOM   722 C CA  . THR A 1 96 ? 3.337   -2.494  15.397  1.00 24.43 ? 96  THR A CA  1 
ATOM   723 C C   . THR A 1 96 ? 4.502   -3.415  15.072  1.00 27.15 ? 96  THR A C   1 
ATOM   724 O O   . THR A 1 96 ? 4.338   -4.524  14.557  1.00 25.73 ? 96  THR A O   1 
ATOM   725 C CB  . THR A 1 96 ? 3.134   -2.568  16.919  1.00 29.77 ? 96  THR A CB  1 
ATOM   726 O OG1 . THR A 1 96 ? 2.789   -3.911  17.275  1.00 30.69 ? 96  THR A OG1 1 
ATOM   727 C CG2 . THR A 1 96 ? 2.059   -1.617  17.371  1.00 29.10 ? 96  THR A CG2 1 
ATOM   728 N N   . LEU A 1 97 ? 5.686   -2.961  15.429  1.00 22.10 ? 97  LEU A N   1 
ATOM   729 C CA  . LEU A 1 97 ? 6.892   -3.729  15.214  1.00 25.19 ? 97  LEU A CA  1 
ATOM   730 C C   . LEU A 1 97 ? 7.491   -4.054  16.566  1.00 28.08 ? 97  LEU A C   1 
ATOM   731 O O   . LEU A 1 97 ? 7.627   -3.174  17.406  1.00 28.69 ? 97  LEU A O   1 
ATOM   732 C CB  . LEU A 1 97 ? 7.857   -2.921  14.355  1.00 27.99 ? 97  LEU A CB  1 
ATOM   733 C CG  . LEU A 1 97 ? 9.031   -3.565  13.652  1.00 27.02 ? 97  LEU A CG  1 
ATOM   734 C CD1 . LEU A 1 97 ? 8.571   -4.764  12.829  1.00 19.76 ? 97  LEU A CD1 1 
ATOM   735 C CD2 . LEU A 1 97 ? 9.620   -2.472  12.785  1.00 22.14 ? 97  LEU A CD2 1 
ATOM   736 N N   . ASN A 1 98 ? 7.845   -5.314  16.772  1.00 28.78 ? 98  ASN A N   1 
ATOM   737 C CA  . ASN A 1 98 ? 8.439   -5.758  18.024  1.00 30.38 ? 98  ASN A CA  1 
ATOM   738 C C   . ASN A 1 98 ? 9.842   -6.292  17.854  1.00 36.53 ? 98  ASN A C   1 
ATOM   739 O O   . ASN A 1 98 ? 10.029  -7.299  17.187  1.00 33.15 ? 98  ASN A O   1 
ATOM   740 C CB  . ASN A 1 98 ? 7.576   -6.841  18.657  1.00 34.42 ? 98  ASN A CB  1 
ATOM   741 C CG  . ASN A 1 98 ? 6.602   -6.287  19.646  1.00 36.89 ? 98  ASN A CG  1 
ATOM   742 O OD1 . ASN A 1 98 ? 5.488   -5.901  19.287  1.00 39.63 ? 98  ASN A OD1 1 
ATOM   743 N ND2 . ASN A 1 98 ? 7.014   -6.232  20.913  1.00 43.88 ? 98  ASN A ND2 1 
ATOM   744 N N   . PHE A 1 99 ? 10.822  -5.631  18.470  1.00 38.18 ? 99  PHE A N   1 
ATOM   745 C CA  . PHE A 1 99 ? 12.210  -6.084  18.389  1.00 39.20 ? 99  PHE A CA  1 
ATOM   746 C C   . PHE A 1 99 ? 12.927  -5.987  19.727  1.00 47.55 ? 99  PHE A C   1 
ATOM   747 O O   . PHE A 1 99 ? 12.376  -6.317  20.787  1.00 45.79 ? 99  PHE A O   1 
ATOM   748 C CB  . PHE A 1 99 ? 12.984  -5.290  17.318  1.00 39.02 ? 99  PHE A CB  1 
ATOM   749 C CG  . PHE A 1 99 ? 13.039  -3.798  17.555  1.00 39.64 ? 99  PHE A CG  1 
ATOM   750 C CD1 . PHE A 1 99 ? 11.948  -2.990  17.269  1.00 40.35 ? 99  PHE A CD1 1 
ATOM   751 C CD2 . PHE A 1 99 ? 14.200  -3.195  18.017  1.00 39.77 ? 99  PHE A CD2 1 
ATOM   752 C CE1 . PHE A 1 99 ? 12.000  -1.615  17.474  1.00 43.58 ? 99  PHE A CE1 1 
ATOM   753 C CE2 . PHE A 1 99 ? 14.262  -1.830  18.219  1.00 36.58 ? 99  PHE A CE2 1 
ATOM   754 C CZ  . PHE A 1 99 ? 13.162  -1.034  17.947  1.00 40.12 ? 99  PHE A CZ  1 
ATOM   755 O OXT . PHE A 1 99 ? 14.095  -5.596  19.766  1.00 49.60 ? 99  PHE A OXT 1 
HETATM 756 C C4  A 8FM B 2 .  ? 9.522   4.839   -1.136  0.54 23.68 ? 500 8FM A C4  1 
HETATM 757 C C5  A 8FM B 2 .  ? 9.169   3.472   -1.092  0.54 24.01 ? 500 8FM A C5  1 
HETATM 758 C C6  A 8FM B 2 .  ? 7.840   3.321   -0.665  0.54 23.10 ? 500 8FM A C6  1 
HETATM 759 C C7  A 8FM B 2 .  ? 6.953   4.349   -0.331  0.54 21.60 ? 500 8FM A C7  1 
HETATM 760 C C13 A 8FM B 2 .  ? 12.958  2.140   1.348   0.54 22.69 ? 500 8FM A C13 1 
HETATM 761 C C15 A 8FM B 2 .  ? 13.459  3.125   2.369   0.54 21.69 ? 500 8FM A C15 1 
HETATM 762 C C17 A 8FM B 2 .  ? 11.064  -0.876  0.902   0.54 20.69 ? 500 8FM A C17 1 
HETATM 763 C C21 A 8FM B 2 .  ? 13.391  -2.696  -1.321  0.54 21.10 ? 500 8FM A C21 1 
HETATM 764 C C24 A 8FM B 2 .  ? 14.942  -4.231  -2.421  0.54 23.82 ? 500 8FM A C24 1 
HETATM 765 C C19 A 8FM B 2 .  ? 11.307  -1.567  -0.499  0.54 21.98 ? 500 8FM A C19 1 
HETATM 766 C C12 A 8FM B 2 .  ? 11.594  2.560   0.823   0.54 22.44 ? 500 8FM A C12 1 
HETATM 767 C C14 A 8FM B 2 .  ? 13.972  1.974   0.207   0.54 22.15 ? 500 8FM A C14 1 
HETATM 768 C C16 A 8FM B 2 .  ? 10.286  0.475   0.823   0.54 21.49 ? 500 8FM A C16 1 
HETATM 769 C C3  A 8FM B 2 .  ? 8.678   5.912   -0.823  0.54 23.69 ? 500 8FM A C3  1 
HETATM 770 C C2  A 8FM B 2 .  ? 7.337   5.698   -0.409  0.54 23.68 ? 500 8FM A C2  1 
HETATM 771 O O39 A 8FM B 2 .  ? 6.482   6.735   -0.095  0.54 24.65 ? 500 8FM A O39 1 
HETATM 772 C C40 A 8FM B 2 .  ? 7.022   7.940   0.426   0.54 25.37 ? 500 8FM A C40 1 
HETATM 773 S S8  A 8FM B 2 .  ? 10.268  2.057   -1.467  0.54 22.99 ? 500 8FM A S8  1 
HETATM 774 O O9  A 8FM B 2 .  ? 11.373  2.407   -2.288  0.54 22.48 ? 500 8FM A O9  1 
HETATM 775 O O10 A 8FM B 2 .  ? 9.517   0.965   -1.988  0.54 24.06 ? 500 8FM A O10 1 
HETATM 776 N N11 A 8FM B 2 .  ? 10.918  1.560   0.003   0.54 20.93 ? 500 8FM A N11 1 
HETATM 777 O O18 A 8FM B 2 .  ? 10.429  -1.784  1.709   0.54 20.37 ? 500 8FM A O18 1 
HETATM 778 N N20 A 8FM B 2 .  ? 12.337  -2.622  -0.439  0.54 21.57 ? 500 8FM A N20 1 
HETATM 779 O O22 A 8FM B 2 .  ? 13.643  -1.831  -2.126  0.54 22.06 ? 500 8FM A O22 1 
HETATM 780 O O23 A 8FM B 2 .  ? 14.218  -3.817  -1.268  0.54 22.80 ? 500 8FM A O23 1 
HETATM 781 C C32 A 8FM B 2 .  ? 9.980   -2.142  -1.066  0.54 21.01 ? 500 8FM A C32 1 
HETATM 782 C C33 A 8FM B 2 .  ? 10.401  -2.323  -3.607  0.54 24.80 ? 500 8FM A C33 1 
HETATM 783 C C34 A 8FM B 2 .  ? 10.618  -3.058  -4.773  0.54 25.39 ? 500 8FM A C34 1 
HETATM 784 C C35 A 8FM B 2 .  ? 10.647  -4.446  -4.742  0.54 24.83 ? 500 8FM A C35 1 
HETATM 785 C C36 A 8FM B 2 .  ? 10.454  -5.081  -3.523  0.54 26.04 ? 500 8FM A C36 1 
HETATM 786 C C37 A 8FM B 2 .  ? 10.240  -4.341  -2.367  0.54 22.26 ? 500 8FM A C37 1 
HETATM 787 C C38 A 8FM B 2 .  ? 10.200  -2.936  -2.357  0.54 23.52 ? 500 8FM A C38 1 
HETATM 788 C C25 A 8FM B 2 .  ? 16.433  -4.531  -2.148  0.54 23.69 ? 500 8FM A C25 1 
HETATM 789 C C26 A 8FM B 2 .  ? 16.864  -5.797  -2.870  0.54 22.63 ? 500 8FM A C26 1 
HETATM 790 C C27 A 8FM B 2 .  ? 15.589  -6.577  -2.803  0.54 23.45 ? 500 8FM A C27 1 
HETATM 791 C C28 A 8FM B 2 .  ? 15.393  -7.071  -1.368  0.54 24.44 ? 500 8FM A C28 1 
HETATM 792 O O29 A 8FM B 2 .  ? 14.026  -6.943  -1.036  0.54 21.73 ? 500 8FM A O29 1 
HETATM 793 C C30 A 8FM B 2 .  ? 13.366  -6.195  -2.004  0.54 22.92 ? 500 8FM A C30 1 
HETATM 794 C C31 A 8FM B 2 .  ? 14.435  -5.610  -2.923  0.54 22.15 ? 500 8FM A C31 1 
HETATM 795 C C41 A 8FM B 2 .  ? 16.596  -4.925  -0.697  0.54 23.38 ? 500 8FM A C41 1 
HETATM 796 O O42 A 8FM B 2 .  ? 16.269  -6.350  -0.441  0.54 21.74 ? 500 8FM A O42 1 
HETATM 797 O O   . HOH C 3 .  ? 0.765   16.730  -8.189  1.00 42.93 ? 601 HOH A O   1 
HETATM 798 O O   . HOH C 3 .  ? -7.974  -6.656  -10.782 1.00 36.09 ? 602 HOH A O   1 
HETATM 799 O O   . HOH C 3 .  ? -1.068  -6.700  -8.293  1.00 35.61 ? 603 HOH A O   1 
HETATM 800 O O   . HOH C 3 .  ? -11.800 0.712   -2.657  1.00 27.84 ? 604 HOH A O   1 
HETATM 801 O O   . HOH C 3 .  ? 7.608   6.666   -13.608 1.00 37.64 ? 605 HOH A O   1 
HETATM 802 O O   . HOH C 3 .  ? 12.926  0.954   -3.501  0.50 20.37 ? 606 HOH A O   1 
HETATM 803 O O   . HOH C 3 .  ? -0.981  -4.323  -12.418 1.00 41.84 ? 607 HOH A O   1 
HETATM 804 O O   . HOH C 3 .  ? 7.919   -18.258 12.428  1.00 32.68 ? 608 HOH A O   1 
HETATM 805 O O   . HOH C 3 .  ? -9.430  6.938   -11.492 1.00 41.65 ? 609 HOH A O   1 
HETATM 806 O O   . HOH C 3 .  ? -15.512 -7.483  -5.798  1.00 40.51 ? 610 HOH A O   1 
HETATM 807 O O   . HOH C 3 .  ? 6.275   -12.629 7.370   1.00 26.90 ? 611 HOH A O   1 
HETATM 808 O O   . HOH C 3 .  ? -4.595  -7.818  -9.914  1.00 38.93 ? 612 HOH A O   1 
HETATM 809 O O   . HOH C 3 .  ? -1.674  -13.228 1.064   1.00 38.30 ? 613 HOH A O   1 
HETATM 810 O O   . HOH C 3 .  ? -6.146  10.227  1.829   1.00 36.60 ? 614 HOH A O   1 
HETATM 811 O O   . HOH C 3 .  ? -3.311  7.561   7.729   1.00 42.68 ? 615 HOH A O   1 
HETATM 812 O O   . HOH C 3 .  ? 10.642  5.411   5.053   1.00 19.72 ? 616 HOH A O   1 
HETATM 813 O O   . HOH C 3 .  ? 7.011   10.163  8.358   1.00 47.15 ? 617 HOH A O   1 
HETATM 814 O O   . HOH C 3 .  ? -7.312  -3.253  -12.297 1.00 32.90 ? 618 HOH A O   1 
HETATM 815 O O   . HOH C 3 .  ? 9.129   4.204   7.290   1.00 17.62 ? 619 HOH A O   1 
HETATM 816 O O   . HOH C 3 .  ? -12.982 -8.717  -7.819  1.00 34.17 ? 620 HOH A O   1 
HETATM 817 O O   . HOH C 3 .  ? 9.618   9.788   -2.449  1.00 46.96 ? 621 HOH A O   1 
HETATM 818 O O   . HOH C 3 .  ? 0.075   6.380   -0.028  1.00 27.37 ? 622 HOH A O   1 
HETATM 819 O O   . HOH C 3 .  ? 1.304   1.952   14.266  1.00 22.49 ? 623 HOH A O   1 
HETATM 820 O O   . HOH C 3 .  ? -0.193  5.519   -12.927 1.00 43.36 ? 624 HOH A O   1 
HETATM 821 O O   . HOH C 3 .  ? -8.694  -0.954  10.525  1.00 35.41 ? 625 HOH A O   1 
HETATM 822 O O   . HOH C 3 .  ? -12.066 -2.024  -0.360  1.00 27.18 ? 626 HOH A O   1 
HETATM 823 O O   . HOH C 3 .  ? 2.603   -7.338  -5.006  1.00 32.35 ? 627 HOH A O   1 
HETATM 824 O O   . HOH C 3 .  ? 5.265   -14.999 2.245   1.00 28.79 ? 628 HOH A O   1 
HETATM 825 O O   . HOH C 3 .  ? 0.142   -4.461  18.085  1.00 36.71 ? 629 HOH A O   1 
HETATM 826 O O   . HOH C 3 .  ? -8.214  8.339   7.180   1.00 45.60 ? 630 HOH A O   1 
HETATM 827 O O   . HOH C 3 .  ? 7.896   10.490  2.003   1.00 41.35 ? 631 HOH A O   1 
HETATM 828 O O   . HOH C 3 .  ? 2.232   7.284   -13.459 1.00 40.94 ? 632 HOH A O   1 
HETATM 829 O O   . HOH C 3 .  ? -4.287  -11.800 4.335   1.00 25.69 ? 633 HOH A O   1 
HETATM 830 O O   . HOH C 3 .  ? -12.299 -3.181  9.645   1.00 33.30 ? 634 HOH A O   1 
HETATM 831 O O   . HOH C 3 .  ? 3.981   11.465  1.693   1.00 39.00 ? 635 HOH A O   1 
HETATM 832 O O   . HOH C 3 .  ? 9.108   -14.938 1.297   1.00 29.34 ? 636 HOH A O   1 
HETATM 833 O O   . HOH C 3 .  ? -10.448 -9.484  -7.822  1.00 26.10 ? 637 HOH A O   1 
HETATM 834 O O   . HOH C 3 .  ? 0.619   15.234  -5.114  1.00 39.49 ? 638 HOH A O   1 
HETATM 835 O O   . HOH C 3 .  ? 7.546   14.753  -5.628  1.00 53.45 ? 639 HOH A O   1 
HETATM 836 O O   . HOH C 3 .  ? 15.701  7.853   -4.429  1.00 37.82 ? 640 HOH A O   1 
HETATM 837 O O   . HOH C 3 .  ? 3.959   -7.436  -2.465  1.00 42.09 ? 641 HOH A O   1 
HETATM 838 O O   . HOH C 3 .  ? 3.236   8.027   6.505   1.00 29.55 ? 642 HOH A O   1 
HETATM 839 O O   . HOH C 3 .  ? 4.409   -3.345  -12.040 1.00 39.30 ? 643 HOH A O   1 
HETATM 840 O O   . HOH C 3 .  ? -12.774 4.170   -2.420  1.00 38.04 ? 644 HOH A O   1 
HETATM 841 O O   . HOH C 3 .  ? -1.684  -9.129  -6.395  1.00 24.68 ? 645 HOH A O   1 
HETATM 842 O O   . HOH C 3 .  ? -8.394  -8.274  3.301   1.00 29.57 ? 646 HOH A O   1 
HETATM 843 O O   . HOH C 3 .  ? -3.366  8.188   4.109   1.00 32.91 ? 647 HOH A O   1 
HETATM 844 O O   . HOH C 3 .  ? -1.987  -3.263  -7.928  1.00 35.38 ? 648 HOH A O   1 
HETATM 845 O O   . HOH C 3 .  ? 1.723   -11.793 6.547   1.00 31.39 ? 649 HOH A O   1 
HETATM 846 O O   . HOH C 3 .  ? 11.066  -11.472 -5.882  0.50 44.28 ? 650 HOH A O   1 
HETATM 847 O O   . HOH C 3 .  ? 0.550   9.140   1.061   1.00 37.07 ? 651 HOH A O   1 
HETATM 848 O O   . HOH C 3 .  ? -13.501 -2.529  -2.440  1.00 30.05 ? 652 HOH A O   1 
HETATM 849 O O   . HOH C 3 .  ? 2.613   -1.699  -12.655 1.00 35.86 ? 653 HOH A O   1 
HETATM 850 O O   . HOH C 3 .  ? 14.887  6.425   -11.987 1.00 43.51 ? 654 HOH A O   1 
HETATM 851 O O   . HOH C 3 .  ? -6.761  20.746  -5.934  1.00 49.98 ? 655 HOH A O   1 
HETATM 852 O O   . HOH C 3 .  ? 4.560   -15.826 10.583  1.00 44.53 ? 656 HOH A O   1 
HETATM 853 O O   . HOH C 3 .  ? -4.801  -4.497  -11.754 1.00 41.84 ? 657 HOH A O   1 
HETATM 854 O O   . HOH C 3 .  ? 2.672   -14.310 3.804   1.00 47.22 ? 658 HOH A O   1 
HETATM 855 O O   . HOH C 3 .  ? 5.399   -9.007  -7.258  1.00 40.10 ? 659 HOH A O   1 
HETATM 856 O O   . HOH C 3 .  ? 11.499  -14.600 -1.052  1.00 40.94 ? 660 HOH A O   1 
HETATM 857 O O   . HOH C 3 .  ? -0.436  8.341   9.242   1.00 42.27 ? 661 HOH A O   1 
HETATM 858 O O   . HOH C 3 .  ? 2.166   2.354   -14.419 1.00 40.62 ? 662 HOH A O   1 
HETATM 859 O O   . HOH C 3 .  ? 3.746   -13.759 6.891   1.00 30.02 ? 663 HOH A O   1 
HETATM 860 O O   . HOH C 3 .  ? -0.766  16.753  -3.682  1.00 36.95 ? 664 HOH A O   1 
HETATM 861 O O   . HOH C 3 .  ? 6.427   11.160  6.464   1.00 47.65 ? 665 HOH A O   1 
HETATM 862 O O   . HOH C 3 .  ? -5.134  -11.894 9.159   1.00 35.13 ? 666 HOH A O   1 
HETATM 863 O O   . HOH C 3 .  ? -10.896 -4.260  11.654  1.00 40.38 ? 667 HOH A O   1 
HETATM 864 O O   . HOH C 3 .  ? -7.012  8.559   9.700   1.00 48.60 ? 668 HOH A O   1 
HETATM 865 O O   . HOH C 3 .  ? 13.544  -15.128 -2.830  1.00 49.85 ? 669 HOH A O   1 
HETATM 866 O O   . HOH C 3 .  ? -9.720  -8.681  -10.178 1.00 33.77 ? 670 HOH A O   1 
HETATM 867 O O   . HOH C 3 .  ? 7.310   -15.242 -0.324  1.00 43.83 ? 671 HOH A O   1 
HETATM 868 O O   . HOH C 3 .  ? 0.675   9.414   7.043   1.00 43.90 ? 672 HOH A O   1 
HETATM 869 O O   . HOH C 3 .  ? -12.999 -10.649 6.970   1.00 32.37 ? 673 HOH A O   1 
# 
loop_
_pdbx_poly_seq_scheme.asym_id 
_pdbx_poly_seq_scheme.entity_id 
_pdbx_poly_seq_scheme.seq_id 
_pdbx_poly_seq_scheme.mon_id 
_pdbx_poly_seq_scheme.ndb_seq_num 
_pdbx_poly_seq_scheme.pdb_seq_num 
_pdbx_poly_seq_scheme.auth_seq_num 
_pdbx_poly_seq_scheme.pdb_mon_id 
_pdbx_poly_seq_scheme.auth_mon_id 
_pdbx_poly_seq_scheme.pdb_strand_id 
_pdbx_poly_seq_scheme.pdb_ins_code 
_pdbx_poly_seq_scheme.hetero 
A 1 1  PRO 1  1  1  PRO PRO A . n 
A 1 2  GLN 2  2  2  GLN GLN A . n 
A 1 3  VAL 3  3  3  VAL VAL A . n 
A 1 4  THR 4  4  4  THR THR A . n 
A 1 5  LEU 5  5  5  LEU LEU A . n 
A 1 6  TRP 6  6  6  TRP TRP A . n 
A 1 7  GLN 7  7  7  GLN GLN A . n 
A 1 8  ARG 8  8  8  ARG ARG A . n 
A 1 9  PRO 9  9  9  PRO PRO A . n 
A 1 10 LEU 10 10 10 LEU LEU A . n 
A 1 11 VAL 11 11 11 VAL VAL A . n 
A 1 12 THR 12 12 12 THR THR A . n 
A 1 13 ILE 13 13 13 ILE ILE A . n 
A 1 14 LYS 14 14 14 LYS LYS A . n 
A 1 15 ILE 15 15 15 ILE ILE A . n 
A 1 16 GLY 16 16 16 GLY GLY A . n 
A 1 17 GLY 17 17 17 GLY GLY A . n 
A 1 18 GLN 18 18 18 GLN GLN A . n 
A 1 19 LEU 19 19 19 LEU LEU A . n 
A 1 20 LYS 20 20 20 LYS LYS A . n 
A 1 21 GLU 21 21 21 GLU GLU A . n 
A 1 22 ALA 22 22 22 ALA ALA A . n 
A 1 23 LEU 23 23 23 LEU LEU A . n 
A 1 24 LEU 24 24 24 LEU LEU A . n 
A 1 25 ASP 25 25 25 ASP ASP A . n 
A 1 26 THR 26 26 26 THR THR A . n 
A 1 27 GLY 27 27 27 GLY GLY A . n 
A 1 28 ALA 28 28 28 ALA ALA A . n 
A 1 29 ASP 29 29 29 ASP ASP A . n 
A 1 30 ASP 30 30 30 ASP ASP A . n 
A 1 31 THR 31 31 31 THR THR A . n 
A 1 32 VAL 32 32 32 VAL VAL A . n 
A 1 33 LEU 33 33 33 LEU LEU A . n 
A 1 34 GLU 34 34 34 GLU GLU A . n 
A 1 35 GLU 35 35 35 GLU GLU A . n 
A 1 36 MET 36 36 36 MET MET A . n 
A 1 37 SER 37 37 37 SER SER A . n 
A 1 38 LEU 38 38 38 LEU LEU A . n 
A 1 39 PRO 39 39 39 PRO PRO A . n 
A 1 40 GLY 40 40 40 GLY GLY A . n 
A 1 41 ARG 41 41 41 ARG ARG A . n 
A 1 42 TRP 42 42 42 TRP TRP A . n 
A 1 43 LYS 43 43 43 LYS LYS A . n 
A 1 44 PRO 44 44 44 PRO PRO A . n 
A 1 45 LYS 45 45 45 LYS LYS A . n 
A 1 46 MET 46 46 46 MET MET A . n 
A 1 47 ILE 47 47 47 ILE ILE A . n 
A 1 48 GLY 48 48 48 GLY GLY A . n 
A 1 49 GLY 49 49 49 GLY GLY A . n 
A 1 50 ILE 50 50 50 ILE ILE A . n 
A 1 51 GLY 51 51 51 GLY GLY A . n 
A 1 52 GLY 52 52 52 GLY GLY A . n 
A 1 53 PHE 53 53 53 PHE PHE A . n 
A 1 54 ILE 54 54 54 ILE ILE A . n 
A 1 55 LYS 55 55 55 LYS LYS A . n 
A 1 56 VAL 56 56 56 VAL VAL A . n 
A 1 57 ARG 57 57 57 ARG ARG A . n 
A 1 58 GLN 58 58 58 GLN GLN A . n 
A 1 59 TYR 59 59 59 TYR TYR A . n 
A 1 60 ASP 60 60 60 ASP ASP A . n 
A 1 61 GLN 61 61 61 GLN GLN A . n 
A 1 62 ILE 62 62 62 ILE ILE A . n 
A 1 63 LEU 63 63 63 LEU LEU A . n 
A 1 64 ILE 64 64 64 ILE ILE A . n 
A 1 65 GLU 65 65 65 GLU GLU A . n 
A 1 66 ILE 66 66 66 ILE ILE A . n 
A 1 67 ALA 67 67 67 ALA ALA A . n 
A 1 68 GLY 68 68 68 GLY GLY A . n 
A 1 69 HIS 69 69 69 HIS HIS A . n 
A 1 70 LYS 70 70 70 LYS LYS A . n 
A 1 71 ALA 71 71 71 ALA ALA A . n 
A 1 72 ILE 72 72 72 ILE ILE A . n 
A 1 73 GLY 73 73 73 GLY GLY A . n 
A 1 74 THR 74 74 74 THR THR A . n 
A 1 75 VAL 75 75 75 VAL VAL A . n 
A 1 76 LEU 76 76 76 LEU LEU A . n 
A 1 77 VAL 77 77 77 VAL VAL A . n 
A 1 78 GLY 78 78 78 GLY GLY A . n 
A 1 79 PRO 79 79 79 PRO PRO A . n 
A 1 80 THR 80 80 80 THR THR A . n 
A 1 81 PRO 81 81 81 PRO PRO A . n 
A 1 82 VAL 82 82 82 VAL VAL A . n 
A 1 83 ASN 83 83 83 ASN ASN A . n 
A 1 84 ILE 84 84 84 ILE ILE A . n 
A 1 85 ILE 85 85 85 ILE ILE A . n 
A 1 86 GLY 86 86 86 GLY GLY A . n 
A 1 87 ARG 87 87 87 ARG ARG A . n 
A 1 88 ASN 88 88 88 ASN ASN A . n 
A 1 89 LEU 89 89 89 LEU LEU A . n 
A 1 90 LEU 90 90 90 LEU LEU A . n 
A 1 91 THR 91 91 91 THR THR A . n 
A 1 92 GLN 92 92 92 GLN GLN A . n 
A 1 93 ILE 93 93 93 ILE ILE A . n 
A 1 94 GLY 94 94 94 GLY GLY A . n 
A 1 95 ALA 95 95 95 ALA ALA A . n 
A 1 96 THR 96 96 96 THR THR A . n 
A 1 97 LEU 97 97 97 LEU LEU A . n 
A 1 98 ASN 98 98 98 ASN ASN A . n 
A 1 99 PHE 99 99 99 PHE PHE A . n 
# 
loop_
_pdbx_nonpoly_scheme.asym_id 
_pdbx_nonpoly_scheme.entity_id 
_pdbx_nonpoly_scheme.mon_id 
_pdbx_nonpoly_scheme.ndb_seq_num 
_pdbx_nonpoly_scheme.pdb_seq_num 
_pdbx_nonpoly_scheme.auth_seq_num 
_pdbx_nonpoly_scheme.pdb_mon_id 
_pdbx_nonpoly_scheme.auth_mon_id 
_pdbx_nonpoly_scheme.pdb_strand_id 
_pdbx_nonpoly_scheme.pdb_ins_code 
B 2 8FM 1  500 500 8FM 095 A . 
C 3 HOH 1  601 48  HOH HOH A . 
C 3 HOH 2  602 20  HOH HOH A . 
C 3 HOH 3  603 23  HOH HOH A . 
C 3 HOH 4  604 11  HOH HOH A . 
C 3 HOH 5  605 15  HOH HOH A . 
C 3 HOH 6  606 1   HOH HOH A . 
C 3 HOH 7  607 25  HOH HOH A . 
C 3 HOH 8  608 4   HOH HOH A . 
C 3 HOH 9  609 67  HOH HOH A . 
C 3 HOH 10 610 29  HOH HOH A . 
C 3 HOH 11 611 5   HOH HOH A . 
C 3 HOH 12 612 53  HOH HOH A . 
C 3 HOH 13 613 46  HOH HOH A . 
C 3 HOH 14 614 38  HOH HOH A . 
C 3 HOH 15 615 56  HOH HOH A . 
C 3 HOH 16 616 3   HOH HOH A . 
C 3 HOH 17 617 63  HOH HOH A . 
C 3 HOH 18 618 16  HOH HOH A . 
C 3 HOH 19 619 2   HOH HOH A . 
C 3 HOH 20 620 64  HOH HOH A . 
C 3 HOH 21 621 66  HOH HOH A . 
C 3 HOH 22 622 8   HOH HOH A . 
C 3 HOH 23 623 14  HOH HOH A . 
C 3 HOH 24 624 27  HOH HOH A . 
C 3 HOH 25 625 42  HOH HOH A . 
C 3 HOH 26 626 10  HOH HOH A . 
C 3 HOH 27 627 58  HOH HOH A . 
C 3 HOH 28 628 18  HOH HOH A . 
C 3 HOH 29 629 59  HOH HOH A . 
C 3 HOH 30 630 57  HOH HOH A . 
C 3 HOH 31 631 43  HOH HOH A . 
C 3 HOH 32 632 26  HOH HOH A . 
C 3 HOH 33 633 6   HOH HOH A . 
C 3 HOH 34 634 51  HOH HOH A . 
C 3 HOH 35 635 55  HOH HOH A . 
C 3 HOH 36 636 45  HOH HOH A . 
C 3 HOH 37 637 7   HOH HOH A . 
C 3 HOH 38 638 32  HOH HOH A . 
C 3 HOH 39 639 73  HOH HOH A . 
C 3 HOH 40 640 54  HOH HOH A . 
C 3 HOH 41 641 22  HOH HOH A . 
C 3 HOH 42 642 19  HOH HOH A . 
C 3 HOH 43 643 28  HOH HOH A . 
C 3 HOH 44 644 31  HOH HOH A . 
C 3 HOH 45 645 13  HOH HOH A . 
C 3 HOH 46 646 12  HOH HOH A . 
C 3 HOH 47 647 9   HOH HOH A . 
C 3 HOH 48 648 60  HOH HOH A . 
C 3 HOH 49 649 35  HOH HOH A . 
C 3 HOH 50 650 68  HOH HOH A . 
C 3 HOH 51 651 65  HOH HOH A . 
C 3 HOH 52 652 24  HOH HOH A . 
C 3 HOH 53 653 41  HOH HOH A . 
C 3 HOH 54 654 71  HOH HOH A . 
C 3 HOH 55 655 44  HOH HOH A . 
C 3 HOH 56 656 61  HOH HOH A . 
C 3 HOH 57 657 40  HOH HOH A . 
C 3 HOH 58 658 72  HOH HOH A . 
C 3 HOH 59 659 49  HOH HOH A . 
C 3 HOH 60 660 21  HOH HOH A . 
C 3 HOH 61 661 39  HOH HOH A . 
C 3 HOH 62 662 33  HOH HOH A . 
C 3 HOH 63 663 17  HOH HOH A . 
C 3 HOH 64 664 34  HOH HOH A . 
C 3 HOH 65 665 62  HOH HOH A . 
C 3 HOH 66 666 36  HOH HOH A . 
C 3 HOH 67 667 50  HOH HOH A . 
C 3 HOH 68 668 70  HOH HOH A . 
C 3 HOH 69 669 37  HOH HOH A . 
C 3 HOH 70 670 47  HOH HOH A . 
C 3 HOH 71 671 69  HOH HOH A . 
C 3 HOH 72 672 52  HOH HOH A . 
C 3 HOH 73 673 30  HOH HOH A . 
# 
_pdbx_struct_assembly.id                   1 
_pdbx_struct_assembly.details              author_and_software_defined_assembly 
_pdbx_struct_assembly.method_details       PISA 
_pdbx_struct_assembly.oligomeric_details   dimeric 
_pdbx_struct_assembly.oligomeric_count     2 
# 
_pdbx_struct_assembly_gen.assembly_id       1 
_pdbx_struct_assembly_gen.oper_expression   1,2 
_pdbx_struct_assembly_gen.asym_id_list      A,B,C 
# 
loop_
_pdbx_struct_assembly_prop.biol_id 
_pdbx_struct_assembly_prop.type 
_pdbx_struct_assembly_prop.value 
_pdbx_struct_assembly_prop.details 
1 'ABSA (A^2)' 4160 ? 
1 MORE         -21  ? 
1 'SSA (A^2)'  9450 ? 
# 
loop_
_pdbx_struct_oper_list.id 
_pdbx_struct_oper_list.type 
_pdbx_struct_oper_list.name 
_pdbx_struct_oper_list.symmetry_operation 
_pdbx_struct_oper_list.matrix[1][1] 
_pdbx_struct_oper_list.matrix[1][2] 
_pdbx_struct_oper_list.matrix[1][3] 
_pdbx_struct_oper_list.vector[1] 
_pdbx_struct_oper_list.matrix[2][1] 
_pdbx_struct_oper_list.matrix[2][2] 
_pdbx_struct_oper_list.matrix[2][3] 
_pdbx_struct_oper_list.vector[2] 
_pdbx_struct_oper_list.matrix[3][1] 
_pdbx_struct_oper_list.matrix[3][2] 
_pdbx_struct_oper_list.matrix[3][3] 
_pdbx_struct_oper_list.vector[3] 
1 'identity operation'         1_555 x,y,z      1.0000000000  0.0000000000 0.0000000000  0.0000000000  0.0000000000 1.0000000000  0.0000000000  0.0000000000  0.0000000000  0.0000000000  1.0000000000 0.0000000000 
2 'crystal symmetry operation' 7_555 y,x,-z+1/3 -0.7608948288 0.2285641960 -0.6072869732 20.4173878488 0.2285641960 -0.7815120793 -0.5805146667 -3.2867895753 -0.6072869732 -0.5805146667 0.5424069080 6.8018264566 
# 
loop_
_pdbx_struct_special_symmetry.id 
_pdbx_struct_special_symmetry.PDB_model_num 
_pdbx_struct_special_symmetry.auth_asym_id 
_pdbx_struct_special_symmetry.auth_comp_id 
_pdbx_struct_special_symmetry.auth_seq_id 
_pdbx_struct_special_symmetry.PDB_ins_code 
_pdbx_struct_special_symmetry.label_asym_id 
_pdbx_struct_special_symmetry.label_comp_id 
_pdbx_struct_special_symmetry.label_seq_id 
1 1 A 8FM 500 ? B 8FM . 
2 1 A HOH 606 ? C HOH . 
3 1 A HOH 650 ? C HOH . 
# 
loop_
_pdbx_audit_revision_history.ordinal 
_pdbx_audit_revision_history.data_content_type 
_pdbx_audit_revision_history.major_revision 
_pdbx_audit_revision_history.minor_revision 
_pdbx_audit_revision_history.revision_date 
1 'Structure model' 1 0 2017-09-13 
2 'Structure model' 1 1 2017-10-04 
3 'Structure model' 1 2 2017-10-11 
4 'Structure model' 1 3 2023-10-04 
# 
_pdbx_audit_revision_details.ordinal             1 
_pdbx_audit_revision_details.revision_ordinal    1 
_pdbx_audit_revision_details.data_content_type   'Structure model' 
_pdbx_audit_revision_details.provider            repository 
_pdbx_audit_revision_details.type                'Initial release' 
_pdbx_audit_revision_details.description         ? 
_pdbx_audit_revision_details.details             ? 
# 
loop_
_pdbx_audit_revision_group.ordinal 
_pdbx_audit_revision_group.revision_ordinal 
_pdbx_audit_revision_group.data_content_type 
_pdbx_audit_revision_group.group 
1 2 'Structure model' 'Database references'    
2 3 'Structure model' 'Database references'    
3 4 'Structure model' 'Data collection'        
4 4 'Structure model' 'Database references'    
5 4 'Structure model' 'Derived calculations'   
6 4 'Structure model' 'Refinement description' 
# 
loop_
_pdbx_audit_revision_category.ordinal 
_pdbx_audit_revision_category.revision_ordinal 
_pdbx_audit_revision_category.data_content_type 
_pdbx_audit_revision_category.category 
1 2 'Structure model' citation                      
2 3 'Structure model' citation                      
3 3 'Structure model' citation_author               
4 4 'Structure model' chem_comp_atom                
5 4 'Structure model' chem_comp_bond                
6 4 'Structure model' database_2                    
7 4 'Structure model' pdbx_initial_refinement_model 
8 4 'Structure model' pdbx_struct_special_symmetry  
# 
loop_
_pdbx_audit_revision_item.ordinal 
_pdbx_audit_revision_item.revision_ordinal 
_pdbx_audit_revision_item.data_content_type 
_pdbx_audit_revision_item.item 
1  2 'Structure model' '_citation.country'                   
2  2 'Structure model' '_citation.journal_abbrev'            
3  2 'Structure model' '_citation.journal_id_CSD'            
4  2 'Structure model' '_citation.journal_id_ISSN'           
5  2 'Structure model' '_citation.journal_volume'            
6  2 'Structure model' '_citation.pdbx_database_id_DOI'      
7  2 'Structure model' '_citation.title'                     
8  2 'Structure model' '_citation.year'                      
9  3 'Structure model' '_citation.page_first'                
10 3 'Structure model' '_citation.page_last'                 
11 3 'Structure model' '_citation.pdbx_database_id_PubMed'   
12 3 'Structure model' '_citation.title'                     
13 3 'Structure model' '_citation_author.name'               
14 4 'Structure model' '_database_2.pdbx_DOI'                
15 4 'Structure model' '_database_2.pdbx_database_accession' 
# 
loop_
_software.citation_id 
_software.classification 
_software.compiler_name 
_software.compiler_version 
_software.contact_author 
_software.contact_author_email 
_software.date 
_software.description 
_software.dependencies 
_software.hardware 
_software.language 
_software.location 
_software.mods 
_software.name 
_software.os 
_software.os_version 
_software.type 
_software.version 
_software.pdbx_ordinal 
? refinement       ? ? ? ? ? ? ? ? ? ? ? PHENIX   ? ? ? 1.11.1-2575 1 
? 'data reduction' ? ? ? ? ? ? ? ? ? ? ? HKL-2000 ? ? ? .           2 
? 'data scaling'   ? ? ? ? ? ? ? ? ? ? ? HKL-2000 ? ? ? .           3 
? phasing          ? ? ? ? ? ? ? ? ? ? ? MOLREP   ? ? ? .           4 
# 
_pdbx_validate_close_contact.id               1 
_pdbx_validate_close_contact.PDB_model_num    1 
_pdbx_validate_close_contact.auth_atom_id_1   O 
_pdbx_validate_close_contact.auth_asym_id_1   A 
_pdbx_validate_close_contact.auth_comp_id_1   PRO 
_pdbx_validate_close_contact.auth_seq_id_1    44 
_pdbx_validate_close_contact.PDB_ins_code_1   ? 
_pdbx_validate_close_contact.label_alt_id_1   ? 
_pdbx_validate_close_contact.auth_atom_id_2   O 
_pdbx_validate_close_contact.auth_asym_id_2   A 
_pdbx_validate_close_contact.auth_comp_id_2   HOH 
_pdbx_validate_close_contact.auth_seq_id_2    601 
_pdbx_validate_close_contact.PDB_ins_code_2   ? 
_pdbx_validate_close_contact.label_alt_id_2   ? 
_pdbx_validate_close_contact.dist             2.18 
# 
_pdbx_validate_symm_contact.id                1 
_pdbx_validate_symm_contact.PDB_model_num     1 
_pdbx_validate_symm_contact.auth_atom_id_1    O 
_pdbx_validate_symm_contact.auth_asym_id_1    A 
_pdbx_validate_symm_contact.auth_comp_id_1    HOH 
_pdbx_validate_symm_contact.auth_seq_id_1     659 
_pdbx_validate_symm_contact.PDB_ins_code_1    ? 
_pdbx_validate_symm_contact.label_alt_id_1    ? 
_pdbx_validate_symm_contact.site_symmetry_1   1_555 
_pdbx_validate_symm_contact.auth_atom_id_2    O 
_pdbx_validate_symm_contact.auth_asym_id_2    A 
_pdbx_validate_symm_contact.auth_comp_id_2    HOH 
_pdbx_validate_symm_contact.auth_seq_id_2     669 
_pdbx_validate_symm_contact.PDB_ins_code_2    ? 
_pdbx_validate_symm_contact.label_alt_id_2    ? 
_pdbx_validate_symm_contact.site_symmetry_2   11_555 
_pdbx_validate_symm_contact.dist              1.97 
# 
loop_
_chem_comp_atom.comp_id 
_chem_comp_atom.atom_id 
_chem_comp_atom.type_symbol 
_chem_comp_atom.pdbx_aromatic_flag 
_chem_comp_atom.pdbx_stereo_config 
_chem_comp_atom.pdbx_ordinal 
8FM C4   C Y N 1   
8FM C5   C Y N 2   
8FM C6   C Y N 3   
8FM C7   C Y N 4   
8FM C13  C N N 5   
8FM C15  C N N 6   
8FM C17  C N R 7   
8FM C21  C N N 8   
8FM C24  C N S 9   
8FM C19  C N S 10  
8FM C12  C N N 11  
8FM C14  C N N 12  
8FM C16  C N N 13  
8FM C3   C Y N 14  
8FM C2   C Y N 15  
8FM O39  O N N 16  
8FM C40  C N N 17  
8FM S8   S N N 18  
8FM O9   O N N 19  
8FM O10  O N N 20  
8FM N11  N N N 21  
8FM O18  O N N 22  
8FM N20  N N N 23  
8FM O22  O N N 24  
8FM O23  O N N 25  
8FM C32  C N N 26  
8FM C33  C Y N 27  
8FM C34  C Y N 28  
8FM C35  C Y N 29  
8FM C36  C Y N 30  
8FM C37  C Y N 31  
8FM C38  C Y N 32  
8FM C25  C N R 33  
8FM C26  C N N 34  
8FM C27  C N R 35  
8FM C28  C N R 36  
8FM O29  O N N 37  
8FM C30  C N N 38  
8FM C31  C N S 39  
8FM C41  C N N 40  
8FM O42  O N N 41  
8FM H1   H N N 42  
8FM H2   H N N 43  
8FM H3   H N N 44  
8FM H4   H N N 45  
8FM H5   H N N 46  
8FM H6   H N N 47  
8FM H7   H N N 48  
8FM H8   H N N 49  
8FM H9   H N N 50  
8FM H10  H N N 51  
8FM H11  H N N 52  
8FM H12  H N N 53  
8FM H13  H N N 54  
8FM H14  H N N 55  
8FM H15  H N N 56  
8FM H16  H N N 57  
8FM H17  H N N 58  
8FM H18  H N N 59  
8FM H19  H N N 60  
8FM H20  H N N 61  
8FM H21  H N N 62  
8FM H22  H N N 63  
8FM H23  H N N 64  
8FM H24  H N N 65  
8FM H25  H N N 66  
8FM H26  H N N 67  
8FM H27  H N N 68  
8FM H28  H N N 69  
8FM H29  H N N 70  
8FM H30  H N N 71  
8FM H31  H N N 72  
8FM H32  H N N 73  
8FM H33  H N N 74  
8FM H34  H N N 75  
8FM H35  H N N 76  
8FM H36  H N N 77  
8FM H37  H N N 78  
8FM H38  H N N 79  
8FM H39  H N N 80  
8FM H40  H N N 81  
ALA N    N N N 82  
ALA CA   C N S 83  
ALA C    C N N 84  
ALA O    O N N 85  
ALA CB   C N N 86  
ALA OXT  O N N 87  
ALA H    H N N 88  
ALA H2   H N N 89  
ALA HA   H N N 90  
ALA HB1  H N N 91  
ALA HB2  H N N 92  
ALA HB3  H N N 93  
ALA HXT  H N N 94  
ARG N    N N N 95  
ARG CA   C N S 96  
ARG C    C N N 97  
ARG O    O N N 98  
ARG CB   C N N 99  
ARG CG   C N N 100 
ARG CD   C N N 101 
ARG NE   N N N 102 
ARG CZ   C N N 103 
ARG NH1  N N N 104 
ARG NH2  N N N 105 
ARG OXT  O N N 106 
ARG H    H N N 107 
ARG H2   H N N 108 
ARG HA   H N N 109 
ARG HB2  H N N 110 
ARG HB3  H N N 111 
ARG HG2  H N N 112 
ARG HG3  H N N 113 
ARG HD2  H N N 114 
ARG HD3  H N N 115 
ARG HE   H N N 116 
ARG HH11 H N N 117 
ARG HH12 H N N 118 
ARG HH21 H N N 119 
ARG HH22 H N N 120 
ARG HXT  H N N 121 
ASN N    N N N 122 
ASN CA   C N S 123 
ASN C    C N N 124 
ASN O    O N N 125 
ASN CB   C N N 126 
ASN CG   C N N 127 
ASN OD1  O N N 128 
ASN ND2  N N N 129 
ASN OXT  O N N 130 
ASN H    H N N 131 
ASN H2   H N N 132 
ASN HA   H N N 133 
ASN HB2  H N N 134 
ASN HB3  H N N 135 
ASN HD21 H N N 136 
ASN HD22 H N N 137 
ASN HXT  H N N 138 
ASP N    N N N 139 
ASP CA   C N S 140 
ASP C    C N N 141 
ASP O    O N N 142 
ASP CB   C N N 143 
ASP CG   C N N 144 
ASP OD1  O N N 145 
ASP OD2  O N N 146 
ASP OXT  O N N 147 
ASP H    H N N 148 
ASP H2   H N N 149 
ASP HA   H N N 150 
ASP HB2  H N N 151 
ASP HB3  H N N 152 
ASP HD2  H N N 153 
ASP HXT  H N N 154 
CYS N    N N N 155 
CYS CA   C N R 156 
CYS C    C N N 157 
CYS O    O N N 158 
CYS CB   C N N 159 
CYS SG   S N N 160 
CYS OXT  O N N 161 
CYS H    H N N 162 
CYS H2   H N N 163 
CYS HA   H N N 164 
CYS HB2  H N N 165 
CYS HB3  H N N 166 
CYS HG   H N N 167 
CYS HXT  H N N 168 
GLN N    N N N 169 
GLN CA   C N S 170 
GLN C    C N N 171 
GLN O    O N N 172 
GLN CB   C N N 173 
GLN CG   C N N 174 
GLN CD   C N N 175 
GLN OE1  O N N 176 
GLN NE2  N N N 177 
GLN OXT  O N N 178 
GLN H    H N N 179 
GLN H2   H N N 180 
GLN HA   H N N 181 
GLN HB2  H N N 182 
GLN HB3  H N N 183 
GLN HG2  H N N 184 
GLN HG3  H N N 185 
GLN HE21 H N N 186 
GLN HE22 H N N 187 
GLN HXT  H N N 188 
GLU N    N N N 189 
GLU CA   C N S 190 
GLU C    C N N 191 
GLU O    O N N 192 
GLU CB   C N N 193 
GLU CG   C N N 194 
GLU CD   C N N 195 
GLU OE1  O N N 196 
GLU OE2  O N N 197 
GLU OXT  O N N 198 
GLU H    H N N 199 
GLU H2   H N N 200 
GLU HA   H N N 201 
GLU HB2  H N N 202 
GLU HB3  H N N 203 
GLU HG2  H N N 204 
GLU HG3  H N N 205 
GLU HE2  H N N 206 
GLU HXT  H N N 207 
GLY N    N N N 208 
GLY CA   C N N 209 
GLY C    C N N 210 
GLY O    O N N 211 
GLY OXT  O N N 212 
GLY H    H N N 213 
GLY H2   H N N 214 
GLY HA2  H N N 215 
GLY HA3  H N N 216 
GLY HXT  H N N 217 
HIS N    N N N 218 
HIS CA   C N S 219 
HIS C    C N N 220 
HIS O    O N N 221 
HIS CB   C N N 222 
HIS CG   C Y N 223 
HIS ND1  N Y N 224 
HIS CD2  C Y N 225 
HIS CE1  C Y N 226 
HIS NE2  N Y N 227 
HIS OXT  O N N 228 
HIS H    H N N 229 
HIS H2   H N N 230 
HIS HA   H N N 231 
HIS HB2  H N N 232 
HIS HB3  H N N 233 
HIS HD1  H N N 234 
HIS HD2  H N N 235 
HIS HE1  H N N 236 
HIS HE2  H N N 237 
HIS HXT  H N N 238 
HOH O    O N N 239 
HOH H1   H N N 240 
HOH H2   H N N 241 
ILE N    N N N 242 
ILE CA   C N S 243 
ILE C    C N N 244 
ILE O    O N N 245 
ILE CB   C N S 246 
ILE CG1  C N N 247 
ILE CG2  C N N 248 
ILE CD1  C N N 249 
ILE OXT  O N N 250 
ILE H    H N N 251 
ILE H2   H N N 252 
ILE HA   H N N 253 
ILE HB   H N N 254 
ILE HG12 H N N 255 
ILE HG13 H N N 256 
ILE HG21 H N N 257 
ILE HG22 H N N 258 
ILE HG23 H N N 259 
ILE HD11 H N N 260 
ILE HD12 H N N 261 
ILE HD13 H N N 262 
ILE HXT  H N N 263 
LEU N    N N N 264 
LEU CA   C N S 265 
LEU C    C N N 266 
LEU O    O N N 267 
LEU CB   C N N 268 
LEU CG   C N N 269 
LEU CD1  C N N 270 
LEU CD2  C N N 271 
LEU OXT  O N N 272 
LEU H    H N N 273 
LEU H2   H N N 274 
LEU HA   H N N 275 
LEU HB2  H N N 276 
LEU HB3  H N N 277 
LEU HG   H N N 278 
LEU HD11 H N N 279 
LEU HD12 H N N 280 
LEU HD13 H N N 281 
LEU HD21 H N N 282 
LEU HD22 H N N 283 
LEU HD23 H N N 284 
LEU HXT  H N N 285 
LYS N    N N N 286 
LYS CA   C N S 287 
LYS C    C N N 288 
LYS O    O N N 289 
LYS CB   C N N 290 
LYS CG   C N N 291 
LYS CD   C N N 292 
LYS CE   C N N 293 
LYS NZ   N N N 294 
LYS OXT  O N N 295 
LYS H    H N N 296 
LYS H2   H N N 297 
LYS HA   H N N 298 
LYS HB2  H N N 299 
LYS HB3  H N N 300 
LYS HG2  H N N 301 
LYS HG3  H N N 302 
LYS HD2  H N N 303 
LYS HD3  H N N 304 
LYS HE2  H N N 305 
LYS HE3  H N N 306 
LYS HZ1  H N N 307 
LYS HZ2  H N N 308 
LYS HZ3  H N N 309 
LYS HXT  H N N 310 
MET N    N N N 311 
MET CA   C N S 312 
MET C    C N N 313 
MET O    O N N 314 
MET CB   C N N 315 
MET CG   C N N 316 
MET SD   S N N 317 
MET CE   C N N 318 
MET OXT  O N N 319 
MET H    H N N 320 
MET H2   H N N 321 
MET HA   H N N 322 
MET HB2  H N N 323 
MET HB3  H N N 324 
MET HG2  H N N 325 
MET HG3  H N N 326 
MET HE1  H N N 327 
MET HE2  H N N 328 
MET HE3  H N N 329 
MET HXT  H N N 330 
PHE N    N N N 331 
PHE CA   C N S 332 
PHE C    C N N 333 
PHE O    O N N 334 
PHE CB   C N N 335 
PHE CG   C Y N 336 
PHE CD1  C Y N 337 
PHE CD2  C Y N 338 
PHE CE1  C Y N 339 
PHE CE2  C Y N 340 
PHE CZ   C Y N 341 
PHE OXT  O N N 342 
PHE H    H N N 343 
PHE H2   H N N 344 
PHE HA   H N N 345 
PHE HB2  H N N 346 
PHE HB3  H N N 347 
PHE HD1  H N N 348 
PHE HD2  H N N 349 
PHE HE1  H N N 350 
PHE HE2  H N N 351 
PHE HZ   H N N 352 
PHE HXT  H N N 353 
PRO N    N N N 354 
PRO CA   C N S 355 
PRO C    C N N 356 
PRO O    O N N 357 
PRO CB   C N N 358 
PRO CG   C N N 359 
PRO CD   C N N 360 
PRO OXT  O N N 361 
PRO H    H N N 362 
PRO HA   H N N 363 
PRO HB2  H N N 364 
PRO HB3  H N N 365 
PRO HG2  H N N 366 
PRO HG3  H N N 367 
PRO HD2  H N N 368 
PRO HD3  H N N 369 
PRO HXT  H N N 370 
SER N    N N N 371 
SER CA   C N S 372 
SER C    C N N 373 
SER O    O N N 374 
SER CB   C N N 375 
SER OG   O N N 376 
SER OXT  O N N 377 
SER H    H N N 378 
SER H2   H N N 379 
SER HA   H N N 380 
SER HB2  H N N 381 
SER HB3  H N N 382 
SER HG   H N N 383 
SER HXT  H N N 384 
THR N    N N N 385 
THR CA   C N S 386 
THR C    C N N 387 
THR O    O N N 388 
THR CB   C N R 389 
THR OG1  O N N 390 
THR CG2  C N N 391 
THR OXT  O N N 392 
THR H    H N N 393 
THR H2   H N N 394 
THR HA   H N N 395 
THR HB   H N N 396 
THR HG1  H N N 397 
THR HG21 H N N 398 
THR HG22 H N N 399 
THR HG23 H N N 400 
THR HXT  H N N 401 
TRP N    N N N 402 
TRP CA   C N S 403 
TRP C    C N N 404 
TRP O    O N N 405 
TRP CB   C N N 406 
TRP CG   C Y N 407 
TRP CD1  C Y N 408 
TRP CD2  C Y N 409 
TRP NE1  N Y N 410 
TRP CE2  C Y N 411 
TRP CE3  C Y N 412 
TRP CZ2  C Y N 413 
TRP CZ3  C Y N 414 
TRP CH2  C Y N 415 
TRP OXT  O N N 416 
TRP H    H N N 417 
TRP H2   H N N 418 
TRP HA   H N N 419 
TRP HB2  H N N 420 
TRP HB3  H N N 421 
TRP HD1  H N N 422 
TRP HE1  H N N 423 
TRP HE3  H N N 424 
TRP HZ2  H N N 425 
TRP HZ3  H N N 426 
TRP HH2  H N N 427 
TRP HXT  H N N 428 
TYR N    N N N 429 
TYR CA   C N S 430 
TYR C    C N N 431 
TYR O    O N N 432 
TYR CB   C N N 433 
TYR CG   C Y N 434 
TYR CD1  C Y N 435 
TYR CD2  C Y N 436 
TYR CE1  C Y N 437 
TYR CE2  C Y N 438 
TYR CZ   C Y N 439 
TYR OH   O N N 440 
TYR OXT  O N N 441 
TYR H    H N N 442 
TYR H2   H N N 443 
TYR HA   H N N 444 
TYR HB2  H N N 445 
TYR HB3  H N N 446 
TYR HD1  H N N 447 
TYR HD2  H N N 448 
TYR HE1  H N N 449 
TYR HE2  H N N 450 
TYR HH   H N N 451 
TYR HXT  H N N 452 
VAL N    N N N 453 
VAL CA   C N S 454 
VAL C    C N N 455 
VAL O    O N N 456 
VAL CB   C N N 457 
VAL CG1  C N N 458 
VAL CG2  C N N 459 
VAL OXT  O N N 460 
VAL H    H N N 461 
VAL H2   H N N 462 
VAL HA   H N N 463 
VAL HB   H N N 464 
VAL HG11 H N N 465 
VAL HG12 H N N 466 
VAL HG13 H N N 467 
VAL HG21 H N N 468 
VAL HG22 H N N 469 
VAL HG23 H N N 470 
VAL HXT  H N N 471 
# 
loop_
_chem_comp_bond.comp_id 
_chem_comp_bond.atom_id_1 
_chem_comp_bond.atom_id_2 
_chem_comp_bond.value_order 
_chem_comp_bond.pdbx_aromatic_flag 
_chem_comp_bond.pdbx_stereo_config 
_chem_comp_bond.pdbx_ordinal 
8FM C35 C36  doub Y N 1   
8FM C35 C34  sing Y N 2   
8FM C36 C37  sing Y N 3   
8FM C34 C33  doub Y N 4   
8FM C37 C38  doub Y N 5   
8FM C33 C38  sing Y N 6   
8FM C7  C2   doub Y N 7   
8FM C7  C6   sing Y N 8   
8FM O39 C2   sing N N 9   
8FM O39 C40  sing N N 10  
8FM C38 C32  sing N N 11  
8FM O9  S8   doub N N 12  
8FM C2  C3   sing Y N 13  
8FM C6  C5   doub Y N 14  
8FM C3  C4   doub Y N 15  
8FM C5  C4   sing Y N 16  
8FM C5  S8   sing N N 17  
8FM C32 C19  sing N N 18  
8FM S8  O10  doub N N 19  
8FM S8  N11  sing N N 20  
8FM C19 N20  sing N N 21  
8FM C19 C17  sing N N 22  
8FM C31 C30  sing N N 23  
8FM C31 C27  sing N N 24  
8FM C31 C24  sing N N 25  
8FM C30 O29  sing N N 26  
8FM O22 C21  doub N N 27  
8FM N11 C16  sing N N 28  
8FM N11 C12  sing N N 29  
8FM C16 C17  sing N N 30  
8FM N20 C21  sing N N 31  
8FM C27 C28  sing N N 32  
8FM C27 C26  sing N N 33  
8FM C21 O23  sing N N 34  
8FM C24 O23  sing N N 35  
8FM C24 C25  sing N N 36  
8FM C17 O18  sing N N 37  
8FM O29 C28  sing N N 38  
8FM C12 C13  sing N N 39  
8FM C28 O42  sing N N 40  
8FM C26 C25  sing N N 41  
8FM C25 C41  sing N N 42  
8FM C13 C14  sing N N 43  
8FM C13 C15  sing N N 44  
8FM O42 C41  sing N N 45  
8FM C4  H1   sing N N 46  
8FM C6  H2   sing N N 47  
8FM C7  H3   sing N N 48  
8FM C13 H4   sing N N 49  
8FM C15 H5   sing N N 50  
8FM C15 H6   sing N N 51  
8FM C15 H7   sing N N 52  
8FM C17 H8   sing N N 53  
8FM C24 H9   sing N N 54  
8FM C19 H10  sing N N 55  
8FM C12 H11  sing N N 56  
8FM C12 H12  sing N N 57  
8FM C14 H13  sing N N 58  
8FM C14 H14  sing N N 59  
8FM C14 H15  sing N N 60  
8FM C16 H16  sing N N 61  
8FM C16 H17  sing N N 62  
8FM C3  H18  sing N N 63  
8FM C40 H19  sing N N 64  
8FM C40 H20  sing N N 65  
8FM C40 H21  sing N N 66  
8FM O18 H22  sing N N 67  
8FM N20 H23  sing N N 68  
8FM C32 H24  sing N N 69  
8FM C32 H25  sing N N 70  
8FM C33 H26  sing N N 71  
8FM C34 H27  sing N N 72  
8FM C35 H28  sing N N 73  
8FM C36 H29  sing N N 74  
8FM C37 H30  sing N N 75  
8FM C25 H31  sing N N 76  
8FM C26 H32  sing N N 77  
8FM C26 H33  sing N N 78  
8FM C27 H34  sing N N 79  
8FM C28 H35  sing N N 80  
8FM C30 H36  sing N N 81  
8FM C30 H37  sing N N 82  
8FM C31 H38  sing N N 83  
8FM C41 H39  sing N N 84  
8FM C41 H40  sing N N 85  
ALA N   CA   sing N N 86  
ALA N   H    sing N N 87  
ALA N   H2   sing N N 88  
ALA CA  C    sing N N 89  
ALA CA  CB   sing N N 90  
ALA CA  HA   sing N N 91  
ALA C   O    doub N N 92  
ALA C   OXT  sing N N 93  
ALA CB  HB1  sing N N 94  
ALA CB  HB2  sing N N 95  
ALA CB  HB3  sing N N 96  
ALA OXT HXT  sing N N 97  
ARG N   CA   sing N N 98  
ARG N   H    sing N N 99  
ARG N   H2   sing N N 100 
ARG CA  C    sing N N 101 
ARG CA  CB   sing N N 102 
ARG CA  HA   sing N N 103 
ARG C   O    doub N N 104 
ARG C   OXT  sing N N 105 
ARG CB  CG   sing N N 106 
ARG CB  HB2  sing N N 107 
ARG CB  HB3  sing N N 108 
ARG CG  CD   sing N N 109 
ARG CG  HG2  sing N N 110 
ARG CG  HG3  sing N N 111 
ARG CD  NE   sing N N 112 
ARG CD  HD2  sing N N 113 
ARG CD  HD3  sing N N 114 
ARG NE  CZ   sing N N 115 
ARG NE  HE   sing N N 116 
ARG CZ  NH1  sing N N 117 
ARG CZ  NH2  doub N N 118 
ARG NH1 HH11 sing N N 119 
ARG NH1 HH12 sing N N 120 
ARG NH2 HH21 sing N N 121 
ARG NH2 HH22 sing N N 122 
ARG OXT HXT  sing N N 123 
ASN N   CA   sing N N 124 
ASN N   H    sing N N 125 
ASN N   H2   sing N N 126 
ASN CA  C    sing N N 127 
ASN CA  CB   sing N N 128 
ASN CA  HA   sing N N 129 
ASN C   O    doub N N 130 
ASN C   OXT  sing N N 131 
ASN CB  CG   sing N N 132 
ASN CB  HB2  sing N N 133 
ASN CB  HB3  sing N N 134 
ASN CG  OD1  doub N N 135 
ASN CG  ND2  sing N N 136 
ASN ND2 HD21 sing N N 137 
ASN ND2 HD22 sing N N 138 
ASN OXT HXT  sing N N 139 
ASP N   CA   sing N N 140 
ASP N   H    sing N N 141 
ASP N   H2   sing N N 142 
ASP CA  C    sing N N 143 
ASP CA  CB   sing N N 144 
ASP CA  HA   sing N N 145 
ASP C   O    doub N N 146 
ASP C   OXT  sing N N 147 
ASP CB  CG   sing N N 148 
ASP CB  HB2  sing N N 149 
ASP CB  HB3  sing N N 150 
ASP CG  OD1  doub N N 151 
ASP CG  OD2  sing N N 152 
ASP OD2 HD2  sing N N 153 
ASP OXT HXT  sing N N 154 
CYS N   CA   sing N N 155 
CYS N   H    sing N N 156 
CYS N   H2   sing N N 157 
CYS CA  C    sing N N 158 
CYS CA  CB   sing N N 159 
CYS CA  HA   sing N N 160 
CYS C   O    doub N N 161 
CYS C   OXT  sing N N 162 
CYS CB  SG   sing N N 163 
CYS CB  HB2  sing N N 164 
CYS CB  HB3  sing N N 165 
CYS SG  HG   sing N N 166 
CYS OXT HXT  sing N N 167 
GLN N   CA   sing N N 168 
GLN N   H    sing N N 169 
GLN N   H2   sing N N 170 
GLN CA  C    sing N N 171 
GLN CA  CB   sing N N 172 
GLN CA  HA   sing N N 173 
GLN C   O    doub N N 174 
GLN C   OXT  sing N N 175 
GLN CB  CG   sing N N 176 
GLN CB  HB2  sing N N 177 
GLN CB  HB3  sing N N 178 
GLN CG  CD   sing N N 179 
GLN CG  HG2  sing N N 180 
GLN CG  HG3  sing N N 181 
GLN CD  OE1  doub N N 182 
GLN CD  NE2  sing N N 183 
GLN NE2 HE21 sing N N 184 
GLN NE2 HE22 sing N N 185 
GLN OXT HXT  sing N N 186 
GLU N   CA   sing N N 187 
GLU N   H    sing N N 188 
GLU N   H2   sing N N 189 
GLU CA  C    sing N N 190 
GLU CA  CB   sing N N 191 
GLU CA  HA   sing N N 192 
GLU C   O    doub N N 193 
GLU C   OXT  sing N N 194 
GLU CB  CG   sing N N 195 
GLU CB  HB2  sing N N 196 
GLU CB  HB3  sing N N 197 
GLU CG  CD   sing N N 198 
GLU CG  HG2  sing N N 199 
GLU CG  HG3  sing N N 200 
GLU CD  OE1  doub N N 201 
GLU CD  OE2  sing N N 202 
GLU OE2 HE2  sing N N 203 
GLU OXT HXT  sing N N 204 
GLY N   CA   sing N N 205 
GLY N   H    sing N N 206 
GLY N   H2   sing N N 207 
GLY CA  C    sing N N 208 
GLY CA  HA2  sing N N 209 
GLY CA  HA3  sing N N 210 
GLY C   O    doub N N 211 
GLY C   OXT  sing N N 212 
GLY OXT HXT  sing N N 213 
HIS N   CA   sing N N 214 
HIS N   H    sing N N 215 
HIS N   H2   sing N N 216 
HIS CA  C    sing N N 217 
HIS CA  CB   sing N N 218 
HIS CA  HA   sing N N 219 
HIS C   O    doub N N 220 
HIS C   OXT  sing N N 221 
HIS CB  CG   sing N N 222 
HIS CB  HB2  sing N N 223 
HIS CB  HB3  sing N N 224 
HIS CG  ND1  sing Y N 225 
HIS CG  CD2  doub Y N 226 
HIS ND1 CE1  doub Y N 227 
HIS ND1 HD1  sing N N 228 
HIS CD2 NE2  sing Y N 229 
HIS CD2 HD2  sing N N 230 
HIS CE1 NE2  sing Y N 231 
HIS CE1 HE1  sing N N 232 
HIS NE2 HE2  sing N N 233 
HIS OXT HXT  sing N N 234 
HOH O   H1   sing N N 235 
HOH O   H2   sing N N 236 
ILE N   CA   sing N N 237 
ILE N   H    sing N N 238 
ILE N   H2   sing N N 239 
ILE CA  C    sing N N 240 
ILE CA  CB   sing N N 241 
ILE CA  HA   sing N N 242 
ILE C   O    doub N N 243 
ILE C   OXT  sing N N 244 
ILE CB  CG1  sing N N 245 
ILE CB  CG2  sing N N 246 
ILE CB  HB   sing N N 247 
ILE CG1 CD1  sing N N 248 
ILE CG1 HG12 sing N N 249 
ILE CG1 HG13 sing N N 250 
ILE CG2 HG21 sing N N 251 
ILE CG2 HG22 sing N N 252 
ILE CG2 HG23 sing N N 253 
ILE CD1 HD11 sing N N 254 
ILE CD1 HD12 sing N N 255 
ILE CD1 HD13 sing N N 256 
ILE OXT HXT  sing N N 257 
LEU N   CA   sing N N 258 
LEU N   H    sing N N 259 
LEU N   H2   sing N N 260 
LEU CA  C    sing N N 261 
LEU CA  CB   sing N N 262 
LEU CA  HA   sing N N 263 
LEU C   O    doub N N 264 
LEU C   OXT  sing N N 265 
LEU CB  CG   sing N N 266 
LEU CB  HB2  sing N N 267 
LEU CB  HB3  sing N N 268 
LEU CG  CD1  sing N N 269 
LEU CG  CD2  sing N N 270 
LEU CG  HG   sing N N 271 
LEU CD1 HD11 sing N N 272 
LEU CD1 HD12 sing N N 273 
LEU CD1 HD13 sing N N 274 
LEU CD2 HD21 sing N N 275 
LEU CD2 HD22 sing N N 276 
LEU CD2 HD23 sing N N 277 
LEU OXT HXT  sing N N 278 
LYS N   CA   sing N N 279 
LYS N   H    sing N N 280 
LYS N   H2   sing N N 281 
LYS CA  C    sing N N 282 
LYS CA  CB   sing N N 283 
LYS CA  HA   sing N N 284 
LYS C   O    doub N N 285 
LYS C   OXT  sing N N 286 
LYS CB  CG   sing N N 287 
LYS CB  HB2  sing N N 288 
LYS CB  HB3  sing N N 289 
LYS CG  CD   sing N N 290 
LYS CG  HG2  sing N N 291 
LYS CG  HG3  sing N N 292 
LYS CD  CE   sing N N 293 
LYS CD  HD2  sing N N 294 
LYS CD  HD3  sing N N 295 
LYS CE  NZ   sing N N 296 
LYS CE  HE2  sing N N 297 
LYS CE  HE3  sing N N 298 
LYS NZ  HZ1  sing N N 299 
LYS NZ  HZ2  sing N N 300 
LYS NZ  HZ3  sing N N 301 
LYS OXT HXT  sing N N 302 
MET N   CA   sing N N 303 
MET N   H    sing N N 304 
MET N   H2   sing N N 305 
MET CA  C    sing N N 306 
MET CA  CB   sing N N 307 
MET CA  HA   sing N N 308 
MET C   O    doub N N 309 
MET C   OXT  sing N N 310 
MET CB  CG   sing N N 311 
MET CB  HB2  sing N N 312 
MET CB  HB3  sing N N 313 
MET CG  SD   sing N N 314 
MET CG  HG2  sing N N 315 
MET CG  HG3  sing N N 316 
MET SD  CE   sing N N 317 
MET CE  HE1  sing N N 318 
MET CE  HE2  sing N N 319 
MET CE  HE3  sing N N 320 
MET OXT HXT  sing N N 321 
PHE N   CA   sing N N 322 
PHE N   H    sing N N 323 
PHE N   H2   sing N N 324 
PHE CA  C    sing N N 325 
PHE CA  CB   sing N N 326 
PHE CA  HA   sing N N 327 
PHE C   O    doub N N 328 
PHE C   OXT  sing N N 329 
PHE CB  CG   sing N N 330 
PHE CB  HB2  sing N N 331 
PHE CB  HB3  sing N N 332 
PHE CG  CD1  doub Y N 333 
PHE CG  CD2  sing Y N 334 
PHE CD1 CE1  sing Y N 335 
PHE CD1 HD1  sing N N 336 
PHE CD2 CE2  doub Y N 337 
PHE CD2 HD2  sing N N 338 
PHE CE1 CZ   doub Y N 339 
PHE CE1 HE1  sing N N 340 
PHE CE2 CZ   sing Y N 341 
PHE CE2 HE2  sing N N 342 
PHE CZ  HZ   sing N N 343 
PHE OXT HXT  sing N N 344 
PRO N   CA   sing N N 345 
PRO N   CD   sing N N 346 
PRO N   H    sing N N 347 
PRO CA  C    sing N N 348 
PRO CA  CB   sing N N 349 
PRO CA  HA   sing N N 350 
PRO C   O    doub N N 351 
PRO C   OXT  sing N N 352 
PRO CB  CG   sing N N 353 
PRO CB  HB2  sing N N 354 
PRO CB  HB3  sing N N 355 
PRO CG  CD   sing N N 356 
PRO CG  HG2  sing N N 357 
PRO CG  HG3  sing N N 358 
PRO CD  HD2  sing N N 359 
PRO CD  HD3  sing N N 360 
PRO OXT HXT  sing N N 361 
SER N   CA   sing N N 362 
SER N   H    sing N N 363 
SER N   H2   sing N N 364 
SER CA  C    sing N N 365 
SER CA  CB   sing N N 366 
SER CA  HA   sing N N 367 
SER C   O    doub N N 368 
SER C   OXT  sing N N 369 
SER CB  OG   sing N N 370 
SER CB  HB2  sing N N 371 
SER CB  HB3  sing N N 372 
SER OG  HG   sing N N 373 
SER OXT HXT  sing N N 374 
THR N   CA   sing N N 375 
THR N   H    sing N N 376 
THR N   H2   sing N N 377 
THR CA  C    sing N N 378 
THR CA  CB   sing N N 379 
THR CA  HA   sing N N 380 
THR C   O    doub N N 381 
THR C   OXT  sing N N 382 
THR CB  OG1  sing N N 383 
THR CB  CG2  sing N N 384 
THR CB  HB   sing N N 385 
THR OG1 HG1  sing N N 386 
THR CG2 HG21 sing N N 387 
THR CG2 HG22 sing N N 388 
THR CG2 HG23 sing N N 389 
THR OXT HXT  sing N N 390 
TRP N   CA   sing N N 391 
TRP N   H    sing N N 392 
TRP N   H2   sing N N 393 
TRP CA  C    sing N N 394 
TRP CA  CB   sing N N 395 
TRP CA  HA   sing N N 396 
TRP C   O    doub N N 397 
TRP C   OXT  sing N N 398 
TRP CB  CG   sing N N 399 
TRP CB  HB2  sing N N 400 
TRP CB  HB3  sing N N 401 
TRP CG  CD1  doub Y N 402 
TRP CG  CD2  sing Y N 403 
TRP CD1 NE1  sing Y N 404 
TRP CD1 HD1  sing N N 405 
TRP CD2 CE2  doub Y N 406 
TRP CD2 CE3  sing Y N 407 
TRP NE1 CE2  sing Y N 408 
TRP NE1 HE1  sing N N 409 
TRP CE2 CZ2  sing Y N 410 
TRP CE3 CZ3  doub Y N 411 
TRP CE3 HE3  sing N N 412 
TRP CZ2 CH2  doub Y N 413 
TRP CZ2 HZ2  sing N N 414 
TRP CZ3 CH2  sing Y N 415 
TRP CZ3 HZ3  sing N N 416 
TRP CH2 HH2  sing N N 417 
TRP OXT HXT  sing N N 418 
TYR N   CA   sing N N 419 
TYR N   H    sing N N 420 
TYR N   H2   sing N N 421 
TYR CA  C    sing N N 422 
TYR CA  CB   sing N N 423 
TYR CA  HA   sing N N 424 
TYR C   O    doub N N 425 
TYR C   OXT  sing N N 426 
TYR CB  CG   sing N N 427 
TYR CB  HB2  sing N N 428 
TYR CB  HB3  sing N N 429 
TYR CG  CD1  doub Y N 430 
TYR CG  CD2  sing Y N 431 
TYR CD1 CE1  sing Y N 432 
TYR CD1 HD1  sing N N 433 
TYR CD2 CE2  doub Y N 434 
TYR CD2 HD2  sing N N 435 
TYR CE1 CZ   doub Y N 436 
TYR CE1 HE1  sing N N 437 
TYR CE2 CZ   sing Y N 438 
TYR CE2 HE2  sing N N 439 
TYR CZ  OH   sing N N 440 
TYR OH  HH   sing N N 441 
TYR OXT HXT  sing N N 442 
VAL N   CA   sing N N 443 
VAL N   H    sing N N 444 
VAL N   H2   sing N N 445 
VAL CA  C    sing N N 446 
VAL CA  CB   sing N N 447 
VAL CA  HA   sing N N 448 
VAL C   O    doub N N 449 
VAL C   OXT  sing N N 450 
VAL CB  CG1  sing N N 451 
VAL CB  CG2  sing N N 452 
VAL CB  HB   sing N N 453 
VAL CG1 HG11 sing N N 454 
VAL CG1 HG12 sing N N 455 
VAL CG1 HG13 sing N N 456 
VAL CG2 HG21 sing N N 457 
VAL CG2 HG22 sing N N 458 
VAL CG2 HG23 sing N N 459 
VAL OXT HXT  sing N N 460 
# 
loop_
_pdbx_entity_nonpoly.entity_id 
_pdbx_entity_nonpoly.name 
_pdbx_entity_nonpoly.comp_id 
2 
;(3S,3aR,5R,7aS,8S)-hexahydro-4H-3,5-methanofuro[2,3-b]pyran-8-yl [(2S,3R)-3-hydroxy-4-{[(4-methoxyphenyl)sulfonyl](2-methylpropyl)amino}-1-phenylbutan-2-yl]carbamate
;
8FM 
3 water HOH 
# 
_pdbx_initial_refinement_model.id               1 
_pdbx_initial_refinement_model.entity_id_list   ? 
_pdbx_initial_refinement_model.type             'experimental model' 
_pdbx_initial_refinement_model.source_name      PDB 
_pdbx_initial_refinement_model.accession_code   4HLA 
_pdbx_initial_refinement_model.details          ? 
# 
_pdbx_struct_assembly_auth_evidence.id                     1 
_pdbx_struct_assembly_auth_evidence.assembly_id            1 
_pdbx_struct_assembly_auth_evidence.experimental_support   none 
_pdbx_struct_assembly_auth_evidence.details                ? 
# 
